data_5XIG
#
_entry.id   5XIG
#
_cell.length_a   76.762
_cell.length_b   90.379
_cell.length_c   93.209
_cell.angle_alpha   89.900
_cell.angle_beta   99.580
_cell.angle_gamma   104.220
#
_symmetry.space_group_name_H-M   'P 1'
#
loop_
_entity.id
_entity.type
_entity.pdbx_description
1 polymer 'Prolyl-tRNA synthetase (ProRS)'
2 non-polymer 'PHOSPHOAMINOPHOSPHONIC ACID-ADENYLATE ESTER'
3 non-polymer 'MAGNESIUM ION'
4 non-polymer 3-[3-[(2R)-3-oxidanylidenepiperidin-2-yl]propyl]quinazolin-4-one
5 water water
#
_entity_poly.entity_id   1
_entity_poly.type   'polypeptide(L)'
_entity_poly.pdbx_seq_one_letter_code
;GAMVTAKKDENFSEWYTQAIVRSEMIEYYDISGCYIMRPWAFHIWEKVQRFFDDEIKKMGVENSYFPMFVSRHKLEKEKD
HVEGFSPEVAWVTHYGDSPLPEKIAIRPTSETIMYPAYAKWIRSHRDLPLKLNQWCSVVRWEFKQPTPFLRTREFLWQEG
HTAHATEEEAWELVLDILELYRRWYEECLAVPVIKGEKSEGEKFAGGKKTTTVEAFIPENGRGIQAATSHLLGTNFAKMF
EIEFEDEEGHKRLVHQTSWGCTTRSLGVMIMTHGDDKGLVIPPRVASVQVVIIPILFKDENTGEILGKCRELKTMLEKAD
IRVRIDDRSNYTPGWKYNHWEVKGVPLRLELGPKDLAKGTARVVRRDTGEAYQISWADLAPKLLELMEGIQRSLFEKAKA
RLHEGIEKISTFDEVMPALNRKHLVLAPWCEDPESEEQIKKETQKLSEIQAIEAGDSEQVMTGAMKTLCIPFDQPPMPEG
TKCFYTGKPAKRWTLWGRSY
;
_entity_poly.pdbx_strand_id   A,B,C,D
#
loop_
_chem_comp.id
_chem_comp.type
_chem_comp.name
_chem_comp.formula
87F non-polymer 3-[3-[(2R)-3-oxidanylidenepiperidin-2-yl]propyl]quinazolin-4-one 'C16 H19 N3 O2'
ANP non-polymer 'PHOSPHOAMINOPHOSPHONIC ACID-ADENYLATE ESTER' 'C10 H17 N6 O12 P3'
MG non-polymer 'MAGNESIUM ION' 'Mg 2'
#
# COMPACT_ATOMS: atom_id res chain seq x y z
N ALA A 2 2.99 45.07 3.17
CA ALA A 2 1.63 44.61 3.52
C ALA A 2 1.65 43.30 4.29
N MET A 3 1.20 43.35 5.55
CA MET A 3 1.23 42.20 6.48
C MET A 3 -0.15 41.61 6.81
N VAL A 4 -0.16 40.38 7.33
CA VAL A 4 -1.37 39.84 7.93
C VAL A 4 -1.45 40.37 9.37
N THR A 5 -2.62 40.94 9.69
CA THR A 5 -2.89 41.72 10.90
C THR A 5 -3.93 41.06 11.82
N ALA A 6 -4.94 40.41 11.24
CA ALA A 6 -5.92 39.70 12.04
C ALA A 6 -5.27 38.40 12.54
N LYS A 7 -5.54 38.04 13.78
CA LYS A 7 -4.90 36.89 14.37
C LYS A 7 -5.71 35.70 13.98
N LYS A 8 -5.03 34.62 13.68
CA LYS A 8 -5.72 33.46 13.18
C LYS A 8 -6.74 32.90 14.15
N ASP A 9 -6.32 32.67 15.39
CA ASP A 9 -7.23 32.14 16.43
C ASP A 9 -8.36 33.09 16.86
N GLU A 10 -8.13 34.42 16.88
CA GLU A 10 -9.15 35.45 17.31
C GLU A 10 -10.15 35.93 16.25
N ASN A 11 -9.68 36.17 15.06
CA ASN A 11 -10.54 36.71 14.04
C ASN A 11 -10.36 35.92 12.76
N PHE A 12 -10.84 34.67 12.81
CA PHE A 12 -10.57 33.70 11.75
C PHE A 12 -10.99 34.15 10.35
N SER A 13 -12.26 34.51 10.17
CA SER A 13 -12.79 35.01 8.88
C SER A 13 -11.99 36.11 8.21
N GLU A 14 -11.58 37.10 9.00
CA GLU A 14 -10.83 38.21 8.45
C GLU A 14 -9.40 37.73 8.17
N TRP A 15 -8.89 36.84 9.01
CA TRP A 15 -7.57 36.25 8.78
C TRP A 15 -7.58 35.57 7.43
N TYR A 16 -8.63 34.81 7.14
CA TYR A 16 -8.68 34.05 5.89
C TYR A 16 -8.64 34.98 4.70
N THR A 17 -9.54 35.95 4.72
CA THR A 17 -9.65 36.94 3.66
C THR A 17 -8.29 37.63 3.49
N GLN A 18 -7.60 37.91 4.60
CA GLN A 18 -6.34 38.66 4.47
C GLN A 18 -5.29 37.81 3.84
N ALA A 19 -5.19 36.57 4.32
CA ALA A 19 -4.14 35.69 3.83
C ALA A 19 -4.30 35.37 2.35
N ILE A 20 -5.50 35.19 1.86
CA ILE A 20 -5.64 34.80 0.44
C ILE A 20 -5.50 35.98 -0.49
N VAL A 21 -5.77 37.17 0.03
CA VAL A 21 -5.68 38.38 -0.77
C VAL A 21 -4.27 38.88 -0.74
N ARG A 22 -3.66 38.91 0.44
CA ARG A 22 -2.37 39.65 0.57
C ARG A 22 -1.27 38.79 0.04
N SER A 23 -1.52 37.48 0.04
CA SER A 23 -0.61 36.53 -0.55
C SER A 23 -0.74 36.52 -2.05
N GLU A 24 -1.72 37.22 -2.59
CA GLU A 24 -1.97 37.24 -4.05
C GLU A 24 -2.49 35.92 -4.61
N MET A 25 -3.28 35.18 -3.85
CA MET A 25 -3.86 33.96 -4.36
C MET A 25 -5.17 34.24 -5.11
N ILE A 26 -5.97 35.15 -4.58
CA ILE A 26 -7.38 35.36 -4.94
C ILE A 26 -7.61 36.83 -5.21
N GLU A 27 -8.28 37.19 -6.32
CA GLU A 27 -8.72 38.57 -6.54
C GLU A 27 -10.25 38.63 -6.51
N TYR A 28 -10.78 39.71 -5.99
CA TYR A 28 -12.24 39.68 -5.79
CA TYR A 28 -12.21 39.98 -5.76
C TYR A 28 -12.93 39.97 -7.10
N TYR A 29 -14.23 39.72 -7.09
CA TYR A 29 -14.94 39.80 -8.34
C TYR A 29 -16.39 40.17 -8.12
N ASP A 30 -16.97 40.82 -9.13
CA ASP A 30 -18.27 41.47 -8.98
C ASP A 30 -19.46 40.48 -8.99
N ILE A 31 -19.31 39.25 -9.46
CA ILE A 31 -20.37 38.24 -9.33
C ILE A 31 -20.19 37.40 -8.08
N SER A 32 -21.22 37.29 -7.27
CA SER A 32 -21.08 36.75 -5.94
C SER A 32 -20.80 35.27 -6.00
N GLY A 33 -19.97 34.80 -5.07
CA GLY A 33 -19.50 33.46 -5.07
C GLY A 33 -18.53 33.06 -6.17
N CYS A 34 -18.06 34.02 -6.95
CA CYS A 34 -17.01 33.72 -7.92
C CYS A 34 -15.78 34.55 -7.60
N TYR A 35 -14.63 33.90 -7.75
CA TYR A 35 -13.35 34.52 -7.39
C TYR A 35 -12.34 34.25 -8.46
N ILE A 36 -11.45 35.22 -8.68
CA ILE A 36 -10.32 35.01 -9.55
C ILE A 36 -9.25 34.22 -8.85
N MET A 37 -8.70 33.20 -9.53
CA MET A 37 -7.52 32.49 -9.02
C MET A 37 -6.25 32.90 -9.75
N ARG A 38 -5.36 33.53 -9.03
CA ARG A 38 -4.10 33.99 -9.56
C ARG A 38 -3.12 32.82 -9.48
N PRO A 39 -2.00 32.90 -10.22
CA PRO A 39 -0.96 31.88 -10.30
C PRO A 39 -0.63 31.25 -8.99
N TRP A 40 -0.45 32.08 -7.97
CA TRP A 40 0.00 31.62 -6.70
C TRP A 40 -0.95 30.55 -6.11
N ALA A 41 -2.23 30.68 -6.33
CA ALA A 41 -3.15 29.59 -5.97
C ALA A 41 -3.25 28.60 -7.12
N PHE A 42 -3.30 29.09 -8.36
CA PHE A 42 -3.58 28.16 -9.46
C PHE A 42 -2.55 27.09 -9.51
N HIS A 43 -1.30 27.46 -9.22
CA HIS A 43 -0.18 26.52 -9.38
C HIS A 43 -0.37 25.30 -8.49
N ILE A 44 -0.91 25.56 -7.34
CA ILE A 44 -1.18 24.51 -6.42
C ILE A 44 -2.24 23.59 -7.00
N TRP A 45 -3.28 24.15 -7.61
CA TRP A 45 -4.30 23.31 -8.27
C TRP A 45 -3.69 22.51 -9.38
N GLU A 46 -2.76 23.07 -10.12
CA GLU A 46 -2.09 22.25 -11.11
C GLU A 46 -1.30 21.12 -10.51
N LYS A 47 -0.72 21.31 -9.32
CA LYS A 47 0.08 20.24 -8.74
C LYS A 47 -0.78 19.04 -8.34
N VAL A 48 -1.84 19.26 -7.57
CA VAL A 48 -2.73 18.18 -7.16
C VAL A 48 -3.45 17.52 -8.37
N GLN A 49 -3.80 18.33 -9.36
CA GLN A 49 -4.38 17.81 -10.58
C GLN A 49 -3.43 16.87 -11.31
N ARG A 50 -2.14 17.22 -11.47
CA ARG A 50 -1.18 16.31 -12.14
C ARG A 50 -1.03 15.07 -11.28
N PHE A 51 -0.90 15.24 -9.98
CA PHE A 51 -0.77 14.11 -9.13
C PHE A 51 -1.94 13.14 -9.30
N PHE A 52 -3.16 13.64 -9.19
CA PHE A 52 -4.32 12.76 -9.18
C PHE A 52 -4.48 12.10 -10.55
N ASP A 53 -4.20 12.91 -11.55
CA ASP A 53 -4.36 12.52 -12.90
C ASP A 53 -3.38 11.38 -13.21
N ASP A 54 -2.10 11.50 -12.82
CA ASP A 54 -1.11 10.43 -13.08
C ASP A 54 -1.58 9.12 -12.42
N GLU A 55 -2.13 9.24 -11.23
CA GLU A 55 -2.55 8.08 -10.49
C GLU A 55 -3.77 7.31 -11.07
N ILE A 56 -4.76 8.03 -11.60
CA ILE A 56 -5.97 7.35 -12.10
C ILE A 56 -5.66 6.76 -13.44
N LYS A 57 -4.77 7.40 -14.17
CA LYS A 57 -4.31 6.81 -15.44
C LYS A 57 -3.67 5.48 -15.22
N LYS A 58 -2.86 5.37 -14.18
CA LYS A 58 -2.26 4.11 -13.86
C LYS A 58 -3.34 3.02 -13.59
N MET A 59 -4.48 3.40 -13.05
CA MET A 59 -5.59 2.50 -12.83
C MET A 59 -6.47 2.21 -14.07
N GLY A 60 -6.11 2.69 -15.25
CA GLY A 60 -6.92 2.51 -16.46
C GLY A 60 -8.05 3.52 -16.65
N VAL A 61 -8.13 4.53 -15.81
CA VAL A 61 -9.10 5.63 -16.08
C VAL A 61 -8.65 6.57 -17.15
N GLU A 62 -9.59 6.96 -17.98
CA GLU A 62 -9.24 7.79 -19.10
C GLU A 62 -10.04 9.05 -19.08
N ASN A 63 -9.40 10.11 -19.55
CA ASN A 63 -9.99 11.40 -19.58
C ASN A 63 -10.81 11.69 -20.82
N SER A 64 -11.76 12.59 -20.66
CA SER A 64 -12.80 12.91 -21.65
C SER A 64 -13.27 14.31 -21.38
N TYR A 65 -14.00 14.91 -22.32
CA TYR A 65 -14.72 16.14 -22.06
C TYR A 65 -16.13 16.08 -22.65
N PHE A 66 -17.11 16.06 -21.77
CA PHE A 66 -18.50 16.17 -22.15
C PHE A 66 -18.97 17.63 -22.02
N PRO A 67 -20.03 17.99 -22.76
CA PRO A 67 -20.48 19.36 -22.81
C PRO A 67 -20.90 19.96 -21.49
N MET A 68 -20.64 21.24 -21.32
CA MET A 68 -21.17 21.96 -20.18
C MET A 68 -22.68 22.22 -20.26
N PHE A 69 -23.32 21.94 -21.38
CA PHE A 69 -24.73 22.18 -21.48
C PHE A 69 -25.50 20.91 -21.47
N VAL A 70 -26.62 20.96 -20.80
CA VAL A 70 -27.56 19.87 -20.83
C VAL A 70 -28.98 20.45 -20.93
N SER A 71 -29.76 19.78 -21.74
CA SER A 71 -31.12 20.18 -22.00
C SER A 71 -31.97 19.94 -20.76
N ARG A 72 -33.03 20.72 -20.62
CA ARG A 72 -33.94 20.66 -19.51
C ARG A 72 -34.57 19.30 -19.42
N HIS A 73 -34.95 18.76 -20.55
CA HIS A 73 -35.54 17.45 -20.62
C HIS A 73 -34.54 16.41 -20.04
N LYS A 74 -33.28 16.53 -20.44
CA LYS A 74 -32.30 15.57 -19.94
C LYS A 74 -31.88 15.79 -18.50
N LEU A 75 -31.82 17.01 -18.04
CA LEU A 75 -31.45 17.21 -16.63
C LEU A 75 -32.58 16.79 -15.70
N GLU A 76 -33.83 16.91 -16.14
CA GLU A 76 -34.91 16.72 -15.18
C GLU A 76 -35.53 15.35 -15.31
N LYS A 77 -34.74 14.36 -15.70
CA LYS A 77 -35.25 13.06 -16.10
C LYS A 77 -35.93 12.30 -14.99
N GLU A 78 -35.34 12.30 -13.79
CA GLU A 78 -35.72 11.35 -12.73
C GLU A 78 -36.87 11.84 -11.87
N GLY A 84 -33.77 18.61 -3.47
CA GLY A 84 -33.52 20.05 -3.28
C GLY A 84 -32.31 20.57 -4.06
N PHE A 85 -32.08 19.98 -5.25
CA PHE A 85 -30.99 20.39 -6.16
C PHE A 85 -31.41 21.47 -7.17
N SER A 86 -32.71 21.51 -7.45
CA SER A 86 -33.29 22.33 -8.48
C SER A 86 -33.03 23.84 -8.40
N PRO A 87 -33.11 24.45 -7.20
CA PRO A 87 -32.85 25.89 -7.10
C PRO A 87 -31.41 26.31 -7.40
N GLU A 88 -30.47 25.37 -7.42
CA GLU A 88 -29.06 25.75 -7.64
C GLU A 88 -28.69 25.75 -9.12
N VAL A 89 -29.54 25.24 -10.00
CA VAL A 89 -29.19 25.18 -11.41
C VAL A 89 -29.25 26.54 -12.16
N ALA A 90 -28.20 26.85 -12.94
CA ALA A 90 -28.12 28.03 -13.83
C ALA A 90 -28.66 27.71 -15.22
N TRP A 91 -29.59 28.54 -15.69
CA TRP A 91 -30.29 28.26 -16.93
C TRP A 91 -29.96 29.35 -17.92
N VAL A 92 -29.56 28.92 -19.13
CA VAL A 92 -29.35 29.84 -20.26
C VAL A 92 -30.68 29.83 -21.05
N THR A 93 -31.25 31.01 -21.30
CA THR A 93 -32.53 31.11 -22.06
C THR A 93 -32.43 31.87 -23.38
N HIS A 94 -31.29 32.48 -23.66
CA HIS A 94 -31.15 33.42 -24.78
CA HIS A 94 -31.16 33.16 -24.92
C HIS A 94 -29.71 33.38 -25.28
N TYR A 95 -29.49 33.57 -26.59
CA TYR A 95 -28.17 33.93 -27.15
C TYR A 95 -28.32 35.23 -27.93
N GLY A 96 -27.47 36.22 -27.64
CA GLY A 96 -27.66 37.57 -28.17
C GLY A 96 -29.05 38.02 -27.74
N ASP A 97 -29.88 38.45 -28.67
CA ASP A 97 -31.30 38.82 -28.40
C ASP A 97 -32.29 37.69 -28.70
N SER A 98 -31.79 36.52 -29.07
CA SER A 98 -32.66 35.46 -29.55
C SER A 98 -33.00 34.44 -28.44
N PRO A 99 -34.30 34.21 -28.23
CA PRO A 99 -34.75 33.21 -27.24
C PRO A 99 -34.50 31.78 -27.71
N LEU A 100 -33.95 30.94 -26.82
CA LEU A 100 -33.87 29.51 -27.10
C LEU A 100 -35.28 28.89 -27.14
N PRO A 101 -35.46 27.80 -27.91
CA PRO A 101 -36.68 26.99 -27.87
C PRO A 101 -37.00 26.42 -26.49
N GLU A 102 -35.95 25.97 -25.81
CA GLU A 102 -36.02 25.67 -24.38
C GLU A 102 -34.78 26.15 -23.69
N LYS A 103 -34.92 26.42 -22.41
CA LYS A 103 -33.81 26.81 -21.65
C LYS A 103 -32.82 25.64 -21.57
N ILE A 104 -31.57 25.97 -21.31
CA ILE A 104 -30.51 25.01 -21.24
C ILE A 104 -29.68 25.21 -19.97
N ALA A 105 -29.31 24.12 -19.31
CA ALA A 105 -28.66 24.21 -18.01
C ALA A 105 -27.17 24.13 -18.15
N ILE A 106 -26.48 24.82 -17.28
CA ILE A 106 -25.04 24.71 -17.15
C ILE A 106 -24.84 23.57 -16.17
N ARG A 107 -23.95 22.65 -16.49
CA ARG A 107 -23.70 21.47 -15.65
C ARG A 107 -23.34 21.71 -14.17
N PRO A 108 -24.12 21.10 -13.28
CA PRO A 108 -23.87 21.16 -11.87
C PRO A 108 -23.22 19.84 -11.45
N THR A 109 -23.21 18.88 -12.34
CA THR A 109 -22.61 17.57 -12.15
C THR A 109 -23.02 16.90 -13.46
N SER A 110 -22.39 15.80 -13.83
CA SER A 110 -22.54 15.30 -15.21
C SER A 110 -23.26 13.94 -15.44
N GLU A 111 -23.95 13.46 -14.43
CA GLU A 111 -24.67 12.20 -14.60
C GLU A 111 -25.63 12.21 -15.80
N THR A 112 -26.41 13.31 -15.96
CA THR A 112 -27.48 13.34 -16.95
C THR A 112 -27.00 13.63 -18.40
N ILE A 113 -25.74 14.02 -18.51
CA ILE A 113 -24.99 14.16 -19.78
C ILE A 113 -24.18 12.93 -20.12
N MET A 114 -23.59 12.29 -19.12
CA MET A 114 -22.75 11.13 -19.36
C MET A 114 -23.51 9.83 -19.42
N TYR A 115 -24.47 9.67 -18.57
CA TYR A 115 -25.09 8.37 -18.53
C TYR A 115 -25.89 7.98 -19.80
N PRO A 116 -26.50 8.95 -20.52
CA PRO A 116 -27.14 8.43 -21.73
C PRO A 116 -26.10 7.91 -22.69
N ALA A 117 -24.90 8.49 -22.69
CA ALA A 117 -23.83 8.01 -23.61
C ALA A 117 -23.32 6.65 -23.21
N TYR A 118 -23.18 6.42 -21.90
CA TYR A 118 -22.81 5.11 -21.33
C TYR A 118 -23.80 3.99 -21.80
N ALA A 119 -25.10 4.29 -21.80
CA ALA A 119 -26.13 3.36 -22.29
C ALA A 119 -25.91 3.01 -23.74
N LYS A 120 -25.44 3.96 -24.51
CA LYS A 120 -25.13 3.69 -25.91
C LYS A 120 -23.89 2.83 -26.05
N TRP A 121 -22.81 3.18 -25.35
CA TRP A 121 -21.52 2.53 -25.57
C TRP A 121 -21.44 1.14 -24.97
N ILE A 122 -22.28 0.85 -23.97
CA ILE A 122 -22.17 -0.41 -23.30
C ILE A 122 -23.23 -1.37 -23.85
N ARG A 123 -22.77 -2.47 -24.44
CA ARG A 123 -23.65 -3.48 -25.01
C ARG A 123 -23.35 -4.90 -24.55
N SER A 124 -22.14 -5.18 -24.06
CA SER A 124 -21.62 -6.54 -23.87
C SER A 124 -20.58 -6.47 -22.76
N HIS A 125 -20.39 -7.60 -22.08
CA HIS A 125 -19.38 -7.71 -21.03
C HIS A 125 -18.00 -7.26 -21.46
N ARG A 126 -17.75 -7.26 -22.76
CA ARG A 126 -16.41 -6.98 -23.24
C ARG A 126 -16.15 -5.48 -23.31
N ASP A 127 -17.21 -4.69 -23.19
CA ASP A 127 -17.10 -3.24 -23.08
C ASP A 127 -16.77 -2.79 -21.67
N LEU A 128 -16.73 -3.73 -20.72
CA LEU A 128 -16.59 -3.40 -19.31
C LEU A 128 -15.24 -3.80 -18.83
N PRO A 129 -14.65 -3.07 -17.87
CA PRO A 129 -15.15 -1.88 -17.21
C PRO A 129 -15.04 -0.63 -18.07
N LEU A 130 -15.93 0.31 -17.89
CA LEU A 130 -15.74 1.61 -18.53
C LEU A 130 -15.42 2.64 -17.42
N LYS A 131 -14.32 3.35 -17.62
CA LYS A 131 -13.74 4.14 -16.56
C LYS A 131 -13.34 5.46 -17.12
N LEU A 132 -14.14 6.49 -16.93
CA LEU A 132 -13.82 7.81 -17.43
C LEU A 132 -13.69 8.82 -16.34
N ASN A 133 -12.99 9.91 -16.66
CA ASN A 133 -12.85 11.05 -15.79
C ASN A 133 -12.97 12.35 -16.58
N GLN A 134 -13.38 13.43 -15.93
CA GLN A 134 -13.15 14.73 -16.60
C GLN A 134 -12.83 15.83 -15.63
N TRP A 135 -11.88 16.67 -16.05
CA TRP A 135 -11.59 17.95 -15.35
C TRP A 135 -12.47 19.02 -15.98
N CYS A 136 -13.14 19.84 -15.18
CA CYS A 136 -14.01 20.84 -15.72
C CYS A 136 -14.49 21.72 -14.61
N SER A 137 -15.18 22.78 -15.01
CA SER A 137 -15.83 23.59 -14.04
C SER A 137 -17.28 23.19 -13.91
N VAL A 138 -17.81 23.47 -12.72
CA VAL A 138 -19.17 23.19 -12.37
C VAL A 138 -19.76 24.45 -11.78
N VAL A 139 -21.03 24.70 -12.09
CA VAL A 139 -21.78 25.86 -11.53
C VAL A 139 -22.99 25.40 -10.72
N ARG A 140 -23.06 25.93 -9.51
CA ARG A 140 -24.18 25.72 -8.61
C ARG A 140 -24.39 27.09 -7.94
N TRP A 141 -25.65 27.51 -7.93
CA TRP A 141 -26.07 28.77 -7.33
C TRP A 141 -26.30 28.50 -5.84
N GLU A 142 -25.19 28.31 -5.13
CA GLU A 142 -25.20 28.03 -3.72
C GLU A 142 -26.02 29.04 -2.96
N PHE A 143 -26.94 28.56 -2.14
CA PHE A 143 -27.64 29.43 -1.20
C PHE A 143 -26.80 29.92 -0.03
N LYS A 144 -25.93 29.07 0.49
CA LYS A 144 -25.12 29.47 1.64
C LYS A 144 -24.11 30.53 1.25
N GLN A 145 -23.65 31.25 2.26
CA GLN A 145 -22.66 32.26 2.08
C GLN A 145 -21.44 31.65 1.38
N PRO A 146 -20.99 32.32 0.31
CA PRO A 146 -19.81 31.85 -0.42
C PRO A 146 -18.52 32.00 0.38
N THR A 147 -17.61 31.05 0.22
CA THR A 147 -16.25 31.20 0.75
C THR A 147 -15.22 30.86 -0.34
N PRO A 148 -14.23 31.75 -0.55
CA PRO A 148 -13.18 31.40 -1.50
C PRO A 148 -12.69 30.00 -1.21
N PHE A 149 -12.60 29.22 -2.30
CA PHE A 149 -12.20 27.82 -2.32
C PHE A 149 -13.25 26.86 -1.78
N LEU A 150 -13.67 27.08 -0.54
CA LEU A 150 -14.46 26.10 0.16
C LEU A 150 -15.87 25.93 -0.39
N ARG A 151 -16.47 27.03 -0.79
CA ARG A 151 -17.83 26.98 -1.34
C ARG A 151 -18.06 28.16 -2.28
N THR A 152 -17.92 27.86 -3.57
CA THR A 152 -18.02 28.84 -4.59
C THR A 152 -19.09 28.45 -5.64
N ARG A 153 -19.65 29.47 -6.29
CA ARG A 153 -20.68 29.24 -7.25
C ARG A 153 -20.14 28.74 -8.60
N GLU A 154 -18.94 29.16 -8.97
CA GLU A 154 -18.18 28.34 -9.88
C GLU A 154 -16.98 27.75 -9.16
N PHE A 155 -16.79 26.44 -9.33
CA PHE A 155 -15.62 25.75 -8.78
C PHE A 155 -15.09 24.78 -9.81
N LEU A 156 -13.78 24.47 -9.71
CA LEU A 156 -13.13 23.48 -10.58
C LEU A 156 -13.06 22.12 -9.90
N TRP A 157 -13.28 21.06 -10.67
CA TRP A 157 -13.14 19.71 -10.11
C TRP A 157 -12.71 18.71 -11.14
N GLN A 158 -12.48 17.49 -10.69
CA GLN A 158 -12.59 16.34 -11.60
C GLN A 158 -13.88 15.63 -11.20
N GLU A 159 -14.54 14.97 -12.14
CA GLU A 159 -15.54 13.97 -11.76
C GLU A 159 -15.27 12.68 -12.51
N GLY A 160 -15.25 11.58 -11.76
CA GLY A 160 -14.96 10.26 -12.30
C GLY A 160 -16.24 9.44 -12.27
N HIS A 161 -16.50 8.67 -13.34
CA HIS A 161 -17.70 7.87 -13.48
C HIS A 161 -17.33 6.57 -14.13
N THR A 162 -17.54 5.47 -13.42
CA THR A 162 -17.17 4.14 -13.94
C THR A 162 -18.32 3.14 -13.83
N ALA A 163 -18.25 2.16 -14.71
CA ALA A 163 -19.27 1.11 -14.84
C ALA A 163 -18.58 -0.21 -14.89
N HIS A 164 -19.09 -1.16 -14.13
CA HIS A 164 -18.45 -2.47 -14.03
C HIS A 164 -19.48 -3.59 -14.08
N ALA A 165 -19.00 -4.81 -14.32
CA ALA A 165 -19.83 -6.03 -14.45
C ALA A 165 -20.22 -6.57 -13.09
N THR A 166 -19.46 -6.19 -12.08
CA THR A 166 -19.71 -6.67 -10.74
C THR A 166 -19.56 -5.53 -9.77
N GLU A 167 -20.40 -5.61 -8.73
CA GLU A 167 -20.27 -4.82 -7.54
C GLU A 167 -18.88 -4.90 -6.88
N GLU A 168 -18.31 -6.09 -6.83
CA GLU A 168 -17.05 -6.29 -6.15
C GLU A 168 -16.01 -5.38 -6.81
N GLU A 169 -15.97 -5.34 -8.12
CA GLU A 169 -14.95 -4.63 -8.81
C GLU A 169 -15.21 -3.09 -8.72
N ALA A 170 -16.48 -2.71 -8.59
CA ALA A 170 -16.84 -1.35 -8.41
C ALA A 170 -16.39 -0.89 -7.03
N TRP A 171 -16.60 -1.72 -6.04
CA TRP A 171 -16.28 -1.38 -4.66
C TRP A 171 -14.78 -1.24 -4.51
N GLU A 172 -14.06 -2.16 -5.10
CA GLU A 172 -12.62 -2.06 -5.12
C GLU A 172 -12.20 -0.68 -5.64
N LEU A 173 -12.87 -0.19 -6.68
CA LEU A 173 -12.43 1.03 -7.31
C LEU A 173 -12.80 2.22 -6.44
N VAL A 174 -13.98 2.16 -5.86
CA VAL A 174 -14.42 3.17 -4.95
C VAL A 174 -13.34 3.38 -3.91
N LEU A 175 -12.86 2.27 -3.31
CA LEU A 175 -11.77 2.35 -2.29
C LEU A 175 -10.36 2.75 -2.80
N ASP A 176 -9.98 2.32 -4.01
CA ASP A 176 -8.72 2.74 -4.54
C ASP A 176 -8.81 4.31 -4.73
N ILE A 177 -9.91 4.79 -5.29
CA ILE A 177 -10.12 6.23 -5.48
C ILE A 177 -10.06 7.01 -4.14
N LEU A 178 -10.73 6.46 -3.16
CA LEU A 178 -10.78 7.07 -1.85
C LEU A 178 -9.38 7.17 -1.27
N GLU A 179 -8.58 6.14 -1.53
CA GLU A 179 -7.19 6.17 -1.10
C GLU A 179 -6.42 7.29 -1.85
N LEU A 180 -6.72 7.50 -3.11
CA LEU A 180 -6.07 8.59 -3.84
C LEU A 180 -6.49 9.94 -3.29
N TYR A 181 -7.69 10.04 -2.71
CA TYR A 181 -8.11 11.30 -2.07
C TYR A 181 -7.35 11.55 -0.79
N ARG A 182 -7.14 10.50 0.00
CA ARG A 182 -6.27 10.61 1.16
C ARG A 182 -4.90 11.15 0.74
N ARG A 183 -4.31 10.54 -0.28
CA ARG A 183 -3.00 10.97 -0.75
C ARG A 183 -3.03 12.46 -1.06
N TRP A 184 -3.91 12.82 -1.98
CA TRP A 184 -4.11 14.22 -2.41
C TRP A 184 -4.03 15.17 -1.24
N TYR A 185 -4.79 14.87 -0.19
CA TYR A 185 -4.71 15.68 1.02
C TYR A 185 -3.43 15.47 1.88
N GLU A 186 -3.12 14.21 2.21
CA GLU A 186 -2.05 13.92 3.14
C GLU A 186 -0.66 14.06 2.56
N GLU A 187 -0.44 13.48 1.38
CA GLU A 187 0.88 13.52 0.75
C GLU A 187 1.20 14.83 0.02
N CYS A 188 0.23 15.41 -0.69
CA CYS A 188 0.43 16.68 -1.40
C CYS A 188 0.24 17.90 -0.51
N LEU A 189 -0.91 18.03 0.16
CA LEU A 189 -1.26 19.23 0.93
C LEU A 189 -0.94 19.13 2.40
N ALA A 190 -0.52 17.96 2.85
CA ALA A 190 -0.17 17.74 4.24
C ALA A 190 -1.35 17.94 5.20
N VAL A 191 -2.55 17.70 4.69
CA VAL A 191 -3.75 17.83 5.51
C VAL A 191 -4.27 16.47 5.91
N PRO A 192 -4.37 16.21 7.22
CA PRO A 192 -4.81 14.90 7.67
C PRO A 192 -6.27 14.74 7.39
N VAL A 193 -6.71 13.54 7.06
CA VAL A 193 -8.14 13.33 6.85
C VAL A 193 -8.53 11.97 7.36
N ILE A 194 -9.84 11.75 7.51
CA ILE A 194 -10.41 10.53 8.04
C ILE A 194 -11.35 9.93 7.01
N LYS A 195 -11.09 8.70 6.63
CA LYS A 195 -11.89 7.96 5.69
C LYS A 195 -13.11 7.46 6.45
N GLY A 196 -14.24 7.47 5.78
CA GLY A 196 -15.46 7.08 6.45
C GLY A 196 -16.61 6.87 5.50
N GLU A 197 -17.72 6.42 6.08
CA GLU A 197 -18.93 6.06 5.36
C GLU A 197 -19.95 7.07 5.78
N LYS A 198 -20.60 7.69 4.83
CA LYS A 198 -21.65 8.60 5.19
C LYS A 198 -22.84 7.82 5.73
N SER A 199 -23.58 8.43 6.63
CA SER A 199 -24.89 7.90 7.06
C SER A 199 -25.88 7.88 5.92
N GLU A 200 -26.94 7.09 6.07
CA GLU A 200 -28.12 7.15 5.18
C GLU A 200 -28.59 8.58 4.86
N GLY A 201 -28.60 9.47 5.85
CA GLY A 201 -29.09 10.82 5.63
C GLY A 201 -28.13 11.73 4.85
N GLU A 202 -26.82 11.46 4.93
CA GLU A 202 -25.86 12.35 4.31
C GLU A 202 -25.34 11.80 2.99
N LYS A 203 -25.56 10.53 2.69
CA LYS A 203 -25.02 9.99 1.45
C LYS A 203 -25.70 10.60 0.21
N PHE A 204 -25.06 10.46 -0.94
CA PHE A 204 -25.72 10.68 -2.24
C PHE A 204 -26.96 9.80 -2.35
N ALA A 205 -28.11 10.42 -2.52
CA ALA A 205 -29.35 9.67 -2.67
C ALA A 205 -29.41 8.79 -3.90
N GLY A 206 -28.65 9.16 -4.94
CA GLY A 206 -28.55 8.33 -6.14
C GLY A 206 -27.71 7.05 -5.99
N GLY A 207 -27.09 6.83 -4.85
CA GLY A 207 -26.20 5.72 -4.68
C GLY A 207 -26.58 4.82 -3.57
N LYS A 208 -25.82 3.76 -3.43
CA LYS A 208 -26.07 2.73 -2.42
C LYS A 208 -25.18 2.99 -1.20
N LYS A 209 -23.93 3.37 -1.41
CA LYS A 209 -23.07 3.72 -0.31
C LYS A 209 -22.10 4.82 -0.68
N THR A 210 -21.89 5.78 0.21
CA THR A 210 -20.99 6.90 -0.08
C THR A 210 -19.81 6.92 0.88
N THR A 211 -18.58 6.82 0.38
CA THR A 211 -17.41 6.90 1.26
C THR A 211 -16.89 8.31 1.13
N THR A 212 -16.15 8.77 2.11
CA THR A 212 -15.76 10.16 2.18
C THR A 212 -14.47 10.26 2.91
N VAL A 213 -13.86 11.39 2.77
CA VAL A 213 -12.66 11.71 3.42
C VAL A 213 -13.03 13.02 4.11
N GLU A 214 -12.90 13.07 5.43
CA GLU A 214 -13.37 14.23 6.19
C GLU A 214 -12.21 14.97 6.80
N ALA A 215 -12.32 16.29 6.83
CA ALA A 215 -11.34 17.15 7.47
C ALA A 215 -11.94 18.05 8.55
N PHE A 216 -11.07 18.64 9.37
CA PHE A 216 -11.51 19.43 10.53
C PHE A 216 -10.79 20.77 10.54
N ILE A 217 -11.52 21.86 10.58
CA ILE A 217 -10.89 23.17 10.82
C ILE A 217 -10.97 23.60 12.31
N PRO A 218 -9.81 23.53 13.03
CA PRO A 218 -9.81 23.85 14.46
C PRO A 218 -10.31 25.26 14.81
N GLU A 219 -10.05 26.26 13.97
CA GLU A 219 -10.27 27.66 14.41
C GLU A 219 -11.71 27.98 14.46
N ASN A 220 -12.57 27.19 13.82
CA ASN A 220 -13.98 27.42 13.97
C ASN A 220 -14.71 26.15 14.35
N GLY A 221 -13.98 25.10 14.74
CA GLY A 221 -14.58 23.84 15.15
C GLY A 221 -15.45 23.08 14.14
N ARG A 222 -15.35 23.39 12.86
CA ARG A 222 -16.25 22.73 11.92
C ARG A 222 -15.65 21.74 10.93
N GLY A 223 -16.24 20.55 10.87
CA GLY A 223 -15.80 19.55 9.93
C GLY A 223 -16.23 19.99 8.54
N ILE A 224 -15.54 19.43 7.55
CA ILE A 224 -15.68 19.82 6.16
C ILE A 224 -15.36 18.62 5.30
N GLN A 225 -16.30 18.24 4.44
CA GLN A 225 -16.08 17.10 3.58
C GLN A 225 -15.04 17.43 2.49
N ALA A 226 -13.98 16.64 2.45
CA ALA A 226 -12.81 16.88 1.59
C ALA A 226 -12.91 16.35 0.16
N ALA A 227 -13.52 15.16 -0.01
CA ALA A 227 -13.78 14.55 -1.29
C ALA A 227 -14.75 13.41 -1.05
N THR A 228 -15.21 12.78 -2.12
CA THR A 228 -16.28 11.81 -2.01
C THR A 228 -16.10 10.71 -3.03
N SER A 229 -16.49 9.49 -2.67
CA SER A 229 -16.44 8.38 -3.61
C SER A 229 -17.61 7.43 -3.32
N HIS A 230 -18.42 7.17 -4.35
CA HIS A 230 -19.71 6.52 -4.13
C HIS A 230 -19.69 5.17 -4.75
N LEU A 231 -20.26 4.20 -4.06
CA LEU A 231 -20.65 2.99 -4.73
C LEU A 231 -22.07 3.21 -5.21
N LEU A 232 -22.32 3.25 -6.50
CA LEU A 232 -23.66 3.67 -6.94
C LEU A 232 -24.72 2.55 -7.05
N GLY A 233 -24.26 1.29 -7.00
CA GLY A 233 -25.15 0.18 -7.19
C GLY A 233 -25.65 0.12 -8.62
N THR A 234 -26.90 -0.28 -8.80
CA THR A 234 -27.45 -0.44 -10.13
C THR A 234 -28.59 0.50 -10.38
N ASN A 235 -28.87 1.40 -9.47
CA ASN A 235 -30.04 2.25 -9.75
C ASN A 235 -29.88 3.17 -10.97
N PHE A 236 -28.68 3.69 -11.22
CA PHE A 236 -28.50 4.55 -12.38
C PHE A 236 -28.58 3.76 -13.69
N ALA A 237 -28.05 2.54 -13.67
CA ALA A 237 -28.11 1.67 -14.80
C ALA A 237 -29.59 1.35 -15.14
N LYS A 238 -30.38 1.15 -14.10
CA LYS A 238 -31.80 0.93 -14.26
C LYS A 238 -32.42 2.18 -14.87
N MET A 239 -32.18 3.33 -14.26
CA MET A 239 -32.73 4.58 -14.78
C MET A 239 -32.37 4.86 -16.25
N PHE A 240 -31.09 4.77 -16.57
CA PHE A 240 -30.62 5.20 -17.86
C PHE A 240 -30.55 4.08 -18.85
N GLU A 241 -30.82 2.85 -18.35
CA GLU A 241 -30.86 1.67 -19.19
C GLU A 241 -29.46 1.26 -19.63
N ILE A 242 -28.52 1.21 -18.69
CA ILE A 242 -27.17 0.84 -18.98
C ILE A 242 -27.04 -0.64 -18.65
N GLU A 243 -27.19 -1.43 -19.71
CA GLU A 243 -27.18 -2.87 -19.60
C GLU A 243 -26.23 -3.48 -20.61
N PHE A 244 -25.81 -4.69 -20.30
CA PHE A 244 -24.93 -5.39 -21.17
C PHE A 244 -25.36 -6.85 -21.17
N GLU A 245 -25.15 -7.48 -22.31
CA GLU A 245 -25.26 -8.92 -22.44
C GLU A 245 -24.05 -9.62 -21.82
N ASP A 246 -24.29 -10.53 -20.89
CA ASP A 246 -23.16 -11.24 -20.27
C ASP A 246 -22.68 -12.38 -21.16
N GLU A 247 -21.76 -13.18 -20.65
CA GLU A 247 -21.11 -14.19 -21.47
C GLU A 247 -22.08 -15.29 -21.98
N GLU A 248 -23.26 -15.41 -21.35
CA GLU A 248 -24.31 -16.37 -21.69
CA GLU A 248 -24.32 -16.37 -21.69
C GLU A 248 -25.48 -15.68 -22.36
N GLY A 249 -25.28 -14.42 -22.75
CA GLY A 249 -26.31 -13.64 -23.43
C GLY A 249 -27.39 -13.06 -22.54
N HIS A 250 -27.30 -13.21 -21.23
CA HIS A 250 -28.29 -12.54 -20.35
C HIS A 250 -28.01 -11.02 -20.19
N LYS A 251 -29.06 -10.22 -20.23
CA LYS A 251 -29.00 -8.79 -19.93
C LYS A 251 -28.83 -8.54 -18.45
N ARG A 252 -27.67 -7.99 -18.06
CA ARG A 252 -27.43 -7.54 -16.69
C ARG A 252 -27.34 -6.01 -16.64
N LEU A 253 -27.60 -5.46 -15.46
CA LEU A 253 -27.32 -4.05 -15.14
C LEU A 253 -25.85 -3.85 -14.75
N VAL A 254 -25.22 -2.78 -15.19
CA VAL A 254 -23.85 -2.50 -14.71
C VAL A 254 -23.84 -1.99 -13.23
N HIS A 255 -22.70 -2.13 -12.59
CA HIS A 255 -22.43 -1.56 -11.27
C HIS A 255 -21.57 -0.31 -11.42
N GLN A 256 -22.02 0.78 -10.83
CA GLN A 256 -21.40 2.08 -11.06
C GLN A 256 -20.72 2.73 -9.89
N THR A 257 -19.77 3.58 -10.23
CA THR A 257 -19.14 4.50 -9.24
C THR A 257 -19.09 5.92 -9.80
N SER A 258 -19.10 6.88 -8.88
CA SER A 258 -18.69 8.25 -9.23
C SER A 258 -17.94 8.84 -8.05
N TRP A 259 -17.15 9.86 -8.34
CA TRP A 259 -16.22 10.43 -7.36
C TRP A 259 -15.80 11.87 -7.77
N GLY A 260 -15.56 12.72 -6.81
CA GLY A 260 -15.20 14.09 -7.12
C GLY A 260 -14.45 14.76 -6.01
N CYS A 261 -13.63 15.71 -6.44
CA CYS A 261 -12.84 16.55 -5.54
C CYS A 261 -12.57 17.89 -6.18
N THR A 262 -12.61 18.93 -5.39
CA THR A 262 -12.64 20.31 -5.95
C THR A 262 -11.52 21.23 -5.42
N THR A 263 -11.58 22.43 -5.91
CA THR A 263 -10.76 23.57 -5.53
C THR A 263 -10.90 23.84 -4.01
N ARG A 264 -11.98 23.35 -3.41
CA ARG A 264 -12.09 23.34 -1.97
C ARG A 264 -10.80 22.88 -1.27
N SER A 265 -10.10 21.93 -1.86
CA SER A 265 -8.97 21.35 -1.18
C SER A 265 -7.83 22.39 -0.94
N LEU A 266 -7.70 23.37 -1.83
CA LEU A 266 -6.72 24.44 -1.62
C LEU A 266 -7.02 25.25 -0.36
N GLY A 267 -8.30 25.55 -0.17
CA GLY A 267 -8.78 26.26 1.03
C GLY A 267 -8.48 25.53 2.34
N VAL A 268 -8.79 24.22 2.35
CA VAL A 268 -8.54 23.39 3.52
C VAL A 268 -7.05 23.43 3.89
N MET A 269 -6.18 23.40 2.89
CA MET A 269 -4.75 23.53 3.05
C MET A 269 -4.31 24.89 3.59
N ILE A 270 -4.91 25.96 3.12
CA ILE A 270 -4.55 27.29 3.56
C ILE A 270 -4.87 27.41 5.06
N MET A 271 -6.06 26.97 5.42
CA MET A 271 -6.54 27.07 6.75
C MET A 271 -5.80 26.17 7.71
N THR A 272 -5.32 25.01 7.25
CA THR A 272 -4.70 24.06 8.16
C THR A 272 -3.29 24.59 8.57
N HIS A 273 -2.49 25.03 7.62
CA HIS A 273 -1.12 25.35 7.93
C HIS A 273 -0.83 26.81 8.16
N GLY A 274 -1.81 27.68 7.99
CA GLY A 274 -1.51 29.12 8.07
C GLY A 274 -1.27 29.55 9.53
N ASP A 275 -0.64 30.71 9.69
CA ASP A 275 -0.36 31.30 11.01
C ASP A 275 -0.53 32.81 10.91
N ASP A 276 -0.20 33.50 12.01
CA ASP A 276 -0.48 34.95 12.15
C ASP A 276 0.25 35.76 11.13
N LYS A 277 1.42 35.31 10.67
CA LYS A 277 2.06 35.98 9.55
C LYS A 277 1.42 35.74 8.19
N GLY A 278 0.60 34.70 8.05
CA GLY A 278 -0.06 34.43 6.79
C GLY A 278 0.00 32.99 6.35
N LEU A 279 0.27 32.75 5.07
CA LEU A 279 0.26 31.40 4.54
C LEU A 279 1.54 30.69 4.90
N VAL A 280 1.43 29.38 5.04
CA VAL A 280 2.51 28.42 4.96
C VAL A 280 2.09 27.35 3.92
N ILE A 281 2.85 27.26 2.82
CA ILE A 281 2.59 26.26 1.79
C ILE A 281 3.57 25.07 1.89
N PRO A 282 3.02 23.83 1.95
CA PRO A 282 3.83 22.65 1.95
C PRO A 282 4.71 22.67 0.73
N PRO A 283 5.99 22.26 0.88
CA PRO A 283 6.96 22.19 -0.19
C PRO A 283 6.53 21.42 -1.42
N ARG A 284 5.77 20.33 -1.26
CA ARG A 284 5.33 19.58 -2.45
C ARG A 284 4.49 20.30 -3.46
N VAL A 285 3.76 21.37 -3.05
CA VAL A 285 2.88 22.09 -3.97
C VAL A 285 3.17 23.61 -4.14
N ALA A 286 4.18 24.12 -3.46
CA ALA A 286 4.51 25.58 -3.54
C ALA A 286 5.20 25.93 -4.87
N SER A 287 4.71 27.00 -5.53
CA SER A 287 5.28 27.54 -6.79
C SER A 287 6.75 27.75 -6.62
N VAL A 288 7.08 28.43 -5.53
CA VAL A 288 8.47 28.67 -5.12
C VAL A 288 8.71 27.94 -3.80
N GLN A 289 9.73 27.10 -3.76
CA GLN A 289 10.08 26.36 -2.57
C GLN A 289 11.13 27.14 -1.78
N VAL A 290 12.02 27.78 -2.53
CA VAL A 290 13.09 28.58 -1.97
C VAL A 290 13.13 29.93 -2.65
N VAL A 291 12.93 30.96 -1.85
CA VAL A 291 13.11 32.31 -2.37
C VAL A 291 14.47 32.79 -1.91
N ILE A 292 15.28 33.15 -2.91
CA ILE A 292 16.58 33.74 -2.65
C ILE A 292 16.44 35.24 -2.53
N ILE A 293 16.87 35.77 -1.39
CA ILE A 293 16.83 37.18 -1.13
C ILE A 293 18.22 37.77 -0.91
N PRO A 294 18.64 38.61 -1.84
CA PRO A 294 19.94 39.23 -1.77
C PRO A 294 19.84 40.41 -0.80
N ILE A 295 20.81 40.50 0.12
CA ILE A 295 20.80 41.58 1.10
C ILE A 295 21.38 42.79 0.44
N LEU A 296 20.53 43.47 -0.32
CA LEU A 296 20.86 44.70 -1.02
C LEU A 296 19.86 45.73 -0.61
N PHE A 297 20.35 46.95 -0.48
CA PHE A 297 19.51 48.13 -0.48
C PHE A 297 19.88 48.74 -1.83
N LYS A 298 19.20 49.78 -2.31
CA LYS A 298 19.70 50.41 -3.53
C LYS A 298 20.84 51.39 -3.21
N ASP A 299 21.69 51.01 -2.25
CA ASP A 299 22.98 51.68 -2.03
C ASP A 299 23.96 51.43 -3.21
N GLU A 300 23.76 50.31 -3.91
CA GLU A 300 24.65 49.85 -4.96
C GLU A 300 24.02 48.61 -5.59
N ASN A 301 24.49 48.28 -6.78
CA ASN A 301 24.47 46.92 -7.28
C ASN A 301 25.79 46.69 -7.97
N THR A 302 26.74 46.10 -7.24
CA THR A 302 28.10 45.87 -7.73
C THR A 302 28.19 44.62 -8.61
N GLY A 303 27.14 43.79 -8.62
CA GLY A 303 27.11 42.52 -9.36
C GLY A 303 27.52 41.29 -8.57
N GLU A 304 28.24 41.49 -7.46
CA GLU A 304 28.83 40.38 -6.69
C GLU A 304 27.79 39.45 -6.06
N ILE A 305 26.72 40.04 -5.55
CA ILE A 305 25.76 39.31 -4.75
C ILE A 305 24.69 38.59 -5.61
N LEU A 306 24.21 39.31 -6.62
CA LEU A 306 23.34 38.71 -7.63
C LEU A 306 24.09 37.69 -8.49
N GLY A 307 25.34 37.95 -8.81
CA GLY A 307 26.07 36.96 -9.56
C GLY A 307 25.96 35.65 -8.82
N LYS A 308 26.24 35.69 -7.51
CA LYS A 308 26.16 34.49 -6.69
C LYS A 308 24.74 33.93 -6.50
N CYS A 309 23.73 34.79 -6.47
CA CYS A 309 22.35 34.32 -6.36
C CYS A 309 21.97 33.53 -7.62
N ARG A 310 22.35 34.06 -8.77
CA ARG A 310 22.17 33.36 -10.03
C ARG A 310 22.89 32.02 -9.93
N GLU A 311 24.14 32.01 -9.53
CA GLU A 311 24.86 30.75 -9.45
C GLU A 311 24.08 29.73 -8.59
N LEU A 312 23.62 30.16 -7.43
CA LEU A 312 22.88 29.30 -6.51
C LEU A 312 21.54 28.81 -7.07
N LYS A 313 20.76 29.70 -7.67
CA LYS A 313 19.50 29.30 -8.32
C LYS A 313 19.69 28.08 -9.21
N THR A 314 20.66 28.22 -10.10
CA THR A 314 21.05 27.19 -11.02
C THR A 314 21.46 25.93 -10.31
N MET A 315 22.26 26.05 -9.27
CA MET A 315 22.70 24.84 -8.61
C MET A 315 21.52 24.08 -7.95
N LEU A 316 20.58 24.83 -7.39
CA LEU A 316 19.39 24.23 -6.77
C LEU A 316 18.41 23.78 -7.85
N GLU A 317 18.33 24.52 -8.96
CA GLU A 317 17.42 24.19 -10.02
C GLU A 317 17.77 22.87 -10.66
N LYS A 318 19.02 22.44 -10.47
CA LYS A 318 19.44 21.16 -10.96
C LYS A 318 18.92 20.05 -10.09
N ALA A 319 18.61 20.35 -8.84
CA ALA A 319 18.09 19.35 -7.93
C ALA A 319 16.58 19.37 -7.89
N ASP A 320 15.97 19.99 -8.92
CA ASP A 320 14.50 20.14 -9.08
C ASP A 320 13.83 20.99 -8.02
N ILE A 321 14.61 21.90 -7.42
CA ILE A 321 14.08 22.83 -6.47
C ILE A 321 13.51 24.03 -7.19
N ARG A 322 12.29 24.42 -6.85
CA ARG A 322 11.68 25.59 -7.46
C ARG A 322 12.12 26.86 -6.71
N VAL A 323 12.79 27.74 -7.46
CA VAL A 323 13.51 28.87 -6.91
C VAL A 323 13.11 30.19 -7.55
N ARG A 324 13.05 31.25 -6.76
CA ARG A 324 13.02 32.61 -7.28
C ARG A 324 14.02 33.55 -6.54
N ILE A 325 14.68 34.42 -7.29
CA ILE A 325 15.52 35.47 -6.71
C ILE A 325 14.67 36.71 -6.65
N ASP A 326 14.48 37.30 -5.48
CA ASP A 326 13.75 38.55 -5.45
C ASP A 326 14.82 39.62 -5.54
N ASP A 327 15.11 40.07 -6.75
CA ASP A 327 16.15 41.05 -6.96
C ASP A 327 15.58 42.48 -7.07
N ARG A 328 14.32 42.68 -6.74
CA ARG A 328 13.71 44.01 -6.80
C ARG A 328 14.46 45.10 -5.99
N SER A 329 14.84 46.18 -6.67
CA SER A 329 15.77 47.16 -6.12
C SER A 329 15.17 48.15 -5.13
N ASN A 330 13.85 48.27 -5.11
CA ASN A 330 13.15 49.28 -4.30
CA ASN A 330 13.20 49.28 -4.27
C ASN A 330 12.55 48.78 -2.98
N TYR A 331 13.12 47.76 -2.39
CA TYR A 331 12.52 47.21 -1.18
C TYR A 331 13.63 46.71 -0.30
N THR A 332 13.43 46.86 1.00
CA THR A 332 14.38 46.37 1.97
C THR A 332 14.27 44.87 2.13
N PRO A 333 15.35 44.22 2.55
CA PRO A 333 15.30 42.80 2.85
C PRO A 333 14.17 42.42 3.75
N GLY A 334 13.93 43.25 4.77
CA GLY A 334 12.93 42.96 5.77
C GLY A 334 11.51 43.03 5.22
N TRP A 335 11.27 44.07 4.40
CA TRP A 335 10.09 44.10 3.55
C TRP A 335 9.90 42.74 2.79
N LYS A 336 10.97 42.31 2.14
CA LYS A 336 10.97 41.08 1.33
C LYS A 336 10.80 39.82 2.17
N TYR A 337 11.46 39.73 3.33
CA TYR A 337 11.18 38.63 4.23
C TYR A 337 9.69 38.54 4.45
N ASN A 338 9.08 39.63 4.88
CA ASN A 338 7.65 39.61 5.24
C ASN A 338 6.76 39.23 4.04
N HIS A 339 7.04 39.82 2.88
CA HIS A 339 6.28 39.57 1.65
C HIS A 339 6.21 38.05 1.36
N TRP A 340 7.38 37.40 1.38
CA TRP A 340 7.43 35.99 1.04
C TRP A 340 6.94 35.13 2.20
N GLU A 341 6.87 35.69 3.39
CA GLU A 341 6.29 34.93 4.53
C GLU A 341 4.79 34.87 4.40
N VAL A 342 4.19 36.02 4.08
CA VAL A 342 2.75 36.16 3.89
C VAL A 342 2.24 35.21 2.81
N LYS A 343 3.02 35.11 1.75
CA LYS A 343 2.81 34.16 0.67
C LYS A 343 3.11 32.68 1.02
N GLY A 344 3.82 32.43 2.10
CA GLY A 344 3.98 31.05 2.54
C GLY A 344 5.05 30.20 1.91
N VAL A 345 6.04 30.83 1.30
CA VAL A 345 7.19 30.15 0.74
C VAL A 345 7.91 29.45 1.84
N PRO A 346 8.00 28.12 1.76
CA PRO A 346 8.54 27.36 2.88
C PRO A 346 10.00 27.64 3.25
N LEU A 347 10.84 28.07 2.30
CA LEU A 347 12.22 28.37 2.62
C LEU A 347 12.68 29.71 2.07
N ARG A 348 13.47 30.43 2.85
CA ARG A 348 14.02 31.73 2.47
C ARG A 348 15.53 31.75 2.61
N LEU A 349 16.23 31.83 1.48
CA LEU A 349 17.69 31.86 1.45
C LEU A 349 18.16 33.31 1.49
N GLU A 350 19.02 33.64 2.45
CA GLU A 350 19.56 35.03 2.58
C GLU A 350 21.02 35.02 2.16
N LEU A 351 21.39 35.96 1.33
CA LEU A 351 22.77 36.05 0.93
C LEU A 351 23.17 37.50 0.97
N GLY A 352 24.01 37.83 1.93
CA GLY A 352 24.55 39.19 2.06
C GLY A 352 26.07 39.22 1.95
N PRO A 353 26.66 40.41 2.14
CA PRO A 353 28.10 40.50 1.98
C PRO A 353 28.84 39.63 2.93
N LYS A 354 28.34 39.53 4.15
CA LYS A 354 28.92 38.64 5.15
C LYS A 354 28.90 37.20 4.64
N ASP A 355 27.74 36.78 4.12
CA ASP A 355 27.57 35.42 3.60
C ASP A 355 28.49 35.17 2.41
N LEU A 356 28.54 36.14 1.51
CA LEU A 356 29.45 36.07 0.35
C LEU A 356 30.91 35.97 0.78
N ALA A 357 31.23 36.58 1.91
CA ALA A 357 32.59 36.57 2.46
C ALA A 357 33.01 35.20 3.02
N LYS A 358 32.05 34.32 3.28
CA LYS A 358 32.33 33.05 3.95
C LYS A 358 31.99 31.80 3.16
N GLY A 359 31.37 31.96 2.00
CA GLY A 359 30.90 30.80 1.24
C GLY A 359 29.80 30.04 1.97
N THR A 360 28.94 30.78 2.65
CA THR A 360 27.77 30.21 3.28
C THR A 360 26.51 31.03 2.87
N ALA A 361 25.34 30.56 3.29
CA ALA A 361 24.09 31.30 3.16
C ALA A 361 23.24 30.97 4.35
N ARG A 362 22.29 31.84 4.66
CA ARG A 362 21.45 31.64 5.84
C ARG A 362 20.03 31.22 5.44
N VAL A 363 19.57 30.10 5.96
CA VAL A 363 18.29 29.59 5.51
C VAL A 363 17.35 29.58 6.67
N VAL A 364 16.15 30.09 6.45
CA VAL A 364 15.12 30.19 7.44
C VAL A 364 13.90 29.48 6.91
N ARG A 365 13.29 28.66 7.77
CA ARG A 365 12.14 27.85 7.39
C ARG A 365 10.91 28.51 7.93
N ARG A 366 9.90 28.60 7.07
CA ARG A 366 8.70 29.42 7.28
C ARG A 366 7.83 28.87 8.40
N ASP A 367 7.80 27.56 8.55
CA ASP A 367 6.94 26.90 9.49
C ASP A 367 7.39 27.14 10.95
N THR A 368 8.68 27.07 11.25
CA THR A 368 9.09 27.23 12.67
C THR A 368 9.89 28.51 12.89
N GLY A 369 10.42 29.07 11.81
CA GLY A 369 11.37 30.14 11.92
C GLY A 369 12.81 29.76 12.26
N GLU A 370 13.13 28.48 12.34
CA GLU A 370 14.50 28.09 12.72
C GLU A 370 15.48 28.47 11.62
N ALA A 371 16.69 28.89 12.00
CA ALA A 371 17.71 29.36 11.04
C ALA A 371 18.85 28.37 10.88
N TYR A 372 19.43 28.30 9.69
CA TYR A 372 20.47 27.32 9.44
C TYR A 372 21.55 27.98 8.65
N GLN A 373 22.80 27.79 9.02
CA GLN A 373 23.94 28.28 8.27
C GLN A 373 24.40 27.12 7.43
N ILE A 374 24.47 27.32 6.14
CA ILE A 374 24.76 26.22 5.22
C ILE A 374 25.82 26.62 4.19
N SER A 375 26.82 25.76 4.03
CA SER A 375 27.87 25.94 3.03
C SER A 375 27.27 25.82 1.63
N TRP A 376 27.76 26.63 0.70
CA TRP A 376 27.25 26.58 -0.67
C TRP A 376 27.21 25.13 -1.16
N ALA A 377 28.28 24.38 -0.96
CA ALA A 377 28.33 23.02 -1.48
C ALA A 377 27.27 22.06 -0.92
N ASP A 378 26.85 22.28 0.33
CA ASP A 378 25.84 21.47 0.98
C ASP A 378 24.39 21.95 0.74
N LEU A 379 24.17 22.99 -0.04
CA LEU A 379 22.83 23.57 -0.14
C LEU A 379 21.75 22.64 -0.73
N ALA A 380 22.08 22.01 -1.85
CA ALA A 380 21.09 21.20 -2.54
C ALA A 380 20.61 20.08 -1.64
N PRO A 381 21.53 19.33 -1.04
CA PRO A 381 21.00 18.21 -0.29
C PRO A 381 20.38 18.65 1.00
N LYS A 382 20.88 19.73 1.57
CA LYS A 382 20.40 20.18 2.88
C LYS A 382 18.98 20.81 2.77
N LEU A 383 18.72 21.53 1.67
CA LEU A 383 17.41 22.08 1.37
C LEU A 383 16.35 21.00 1.09
N LEU A 384 16.71 19.99 0.30
CA LEU A 384 15.88 18.78 0.11
C LEU A 384 15.49 18.11 1.43
N GLU A 385 16.48 17.89 2.27
CA GLU A 385 16.22 17.39 3.62
C GLU A 385 15.23 18.31 4.38
N LEU A 386 15.53 19.61 4.44
CA LEU A 386 14.66 20.57 5.10
C LEU A 386 13.24 20.56 4.50
N MET A 387 13.13 20.41 3.20
CA MET A 387 11.81 20.31 2.61
C MET A 387 11.02 19.09 3.03
N GLU A 388 11.64 17.90 3.05
CA GLU A 388 10.98 16.71 3.60
C GLU A 388 10.53 16.96 5.03
N GLY A 389 11.41 17.58 5.84
CA GLY A 389 11.14 17.86 7.27
C GLY A 389 9.95 18.80 7.41
N ILE A 390 9.96 19.91 6.66
CA ILE A 390 8.88 20.85 6.67
C ILE A 390 7.57 20.10 6.37
N GLN A 391 7.55 19.40 5.25
CA GLN A 391 6.39 18.68 4.75
C GLN A 391 5.85 17.77 5.84
N ARG A 392 6.74 16.93 6.38
CA ARG A 392 6.35 15.94 7.39
CA ARG A 392 6.36 15.94 7.39
C ARG A 392 5.84 16.64 8.66
N SER A 393 6.51 17.68 9.06
CA SER A 393 6.21 18.37 10.30
C SER A 393 4.84 19.11 10.24
N LEU A 394 4.57 19.79 9.13
CA LEU A 394 3.22 20.36 8.86
C LEU A 394 2.06 19.34 9.01
N PHE A 395 2.30 18.16 8.44
CA PHE A 395 1.35 17.07 8.52
C PHE A 395 1.21 16.57 9.94
N GLU A 396 2.33 16.30 10.61
CA GLU A 396 2.27 15.78 11.98
C GLU A 396 1.58 16.76 12.93
N LYS A 397 1.93 18.03 12.85
CA LYS A 397 1.26 19.04 13.67
C LYS A 397 -0.21 19.12 13.39
N ALA A 398 -0.62 19.16 12.10
CA ALA A 398 -2.04 19.14 11.77
C ALA A 398 -2.71 17.85 12.25
N LYS A 399 -2.10 16.70 12.04
CA LYS A 399 -2.72 15.46 12.54
C LYS A 399 -3.05 15.47 14.08
N ALA A 400 -2.16 16.05 14.86
CA ALA A 400 -2.30 16.09 16.32
C ALA A 400 -3.41 17.10 16.69
N ARG A 401 -3.45 18.24 16.01
CA ARG A 401 -4.57 19.18 16.15
C ARG A 401 -5.92 18.55 15.72
N LEU A 402 -5.91 17.71 14.71
CA LEU A 402 -7.09 16.96 14.35
C LEU A 402 -7.54 16.06 15.49
N HIS A 403 -6.64 15.24 16.02
CA HIS A 403 -7.05 14.30 17.07
C HIS A 403 -7.30 14.95 18.43
N GLU A 404 -6.68 16.10 18.70
CA GLU A 404 -7.03 16.90 19.87
C GLU A 404 -8.37 17.64 19.70
N GLY A 405 -8.95 17.62 18.49
CA GLY A 405 -10.19 18.32 18.20
C GLY A 405 -11.36 17.37 18.25
N ILE A 406 -11.09 16.10 18.57
CA ILE A 406 -12.19 15.13 18.67
C ILE A 406 -12.33 14.62 20.08
N GLU A 407 -13.55 14.73 20.61
CA GLU A 407 -13.91 14.16 21.91
C GLU A 407 -14.76 12.89 21.74
N LYS A 408 -14.24 11.77 22.24
CA LYS A 408 -14.98 10.52 22.38
C LYS A 408 -15.94 10.72 23.52
N ILE A 409 -17.22 10.44 23.30
CA ILE A 409 -18.22 10.58 24.36
C ILE A 409 -19.22 9.43 24.36
N SER A 410 -20.05 9.37 25.41
CA SER A 410 -21.02 8.29 25.65
C SER A 410 -22.47 8.72 25.70
N THR A 411 -22.70 10.00 26.00
CA THR A 411 -24.05 10.50 26.28
C THR A 411 -24.30 11.83 25.66
N PHE A 412 -25.55 12.06 25.33
CA PHE A 412 -25.93 13.27 24.66
C PHE A 412 -25.63 14.56 25.46
N ASP A 413 -25.60 14.44 26.79
CA ASP A 413 -25.22 15.53 27.70
C ASP A 413 -23.84 16.06 27.47
N GLU A 414 -22.95 15.19 27.03
CA GLU A 414 -21.60 15.60 26.67
C GLU A 414 -21.51 16.41 25.33
N VAL A 415 -22.61 16.50 24.58
CA VAL A 415 -22.55 17.11 23.27
C VAL A 415 -22.22 18.60 23.29
N MET A 416 -23.11 19.40 23.85
CA MET A 416 -22.97 20.88 23.74
C MET A 416 -21.69 21.39 24.39
N PRO A 417 -21.27 20.79 25.51
CA PRO A 417 -19.97 21.26 26.00
C PRO A 417 -18.82 20.96 25.01
N ALA A 418 -18.95 19.84 24.31
CA ALA A 418 -17.90 19.45 23.37
C ALA A 418 -17.95 20.40 22.12
N LEU A 419 -19.16 20.75 21.67
CA LEU A 419 -19.30 21.74 20.57
C LEU A 419 -18.81 23.13 20.92
N ASN A 420 -19.00 23.54 22.17
CA ASN A 420 -18.67 24.89 22.55
C ASN A 420 -17.19 25.06 22.66
N ARG A 421 -16.49 23.95 22.87
CA ARG A 421 -15.02 23.97 22.78
C ARG A 421 -14.52 23.84 21.33
N LYS A 422 -15.44 23.95 20.36
CA LYS A 422 -15.09 23.87 18.94
C LYS A 422 -14.46 22.48 18.62
N HIS A 423 -15.02 21.43 19.22
CA HIS A 423 -14.54 20.10 18.98
C HIS A 423 -15.61 19.34 18.23
N LEU A 424 -15.15 18.29 17.54
CA LEU A 424 -16.06 17.30 16.97
C LEU A 424 -16.35 16.28 18.06
N VAL A 425 -17.38 15.45 17.88
CA VAL A 425 -17.57 14.33 18.78
C VAL A 425 -17.67 12.98 18.10
N LEU A 426 -17.09 12.00 18.75
CA LEU A 426 -17.10 10.62 18.29
C LEU A 426 -17.92 9.84 19.28
N ALA A 427 -19.02 9.25 18.81
CA ALA A 427 -20.03 8.63 19.73
C ALA A 427 -20.61 7.31 19.25
N PRO A 428 -20.86 6.41 20.17
CA PRO A 428 -21.59 5.20 19.76
C PRO A 428 -22.99 5.59 19.26
N TRP A 429 -23.38 5.10 18.11
CA TRP A 429 -24.64 5.54 17.48
C TRP A 429 -25.35 4.39 16.88
N CYS A 430 -26.67 4.34 17.02
CA CYS A 430 -27.44 3.16 16.55
C CYS A 430 -27.59 3.16 15.06
N GLU A 431 -27.38 4.31 14.43
CA GLU A 431 -27.52 4.45 12.98
C GLU A 431 -28.96 4.35 12.45
N ASP A 432 -29.93 4.59 13.29
CA ASP A 432 -31.28 4.63 12.78
C ASP A 432 -31.48 6.03 12.19
N PRO A 433 -32.22 6.16 11.11
CA PRO A 433 -32.27 7.46 10.41
C PRO A 433 -33.08 8.58 11.11
N GLU A 434 -34.15 8.25 11.85
CA GLU A 434 -34.93 9.33 12.51
C GLU A 434 -34.03 10.09 13.49
N SER A 435 -33.19 9.38 14.23
CA SER A 435 -32.33 9.99 15.22
C SER A 435 -31.36 11.03 14.67
N GLU A 436 -30.82 10.79 13.48
CA GLU A 436 -29.94 11.80 12.91
C GLU A 436 -30.72 13.11 12.79
N GLU A 437 -31.88 13.07 12.14
CA GLU A 437 -32.72 14.26 12.05
C GLU A 437 -33.02 14.85 13.42
N GLN A 438 -33.39 14.00 14.38
CA GLN A 438 -33.72 14.50 15.73
C GLN A 438 -32.53 15.19 16.37
N ILE A 439 -31.36 14.59 16.23
CA ILE A 439 -30.13 15.15 16.79
C ILE A 439 -29.84 16.48 16.12
N LYS A 440 -30.01 16.56 14.80
CA LYS A 440 -29.81 17.86 14.13
C LYS A 440 -30.69 18.95 14.75
N LYS A 441 -31.98 18.69 14.85
CA LYS A 441 -32.95 19.64 15.42
C LYS A 441 -32.59 19.97 16.83
N GLU A 442 -32.47 18.97 17.67
CA GLU A 442 -32.13 19.29 19.05
C GLU A 442 -30.86 20.19 19.18
N THR A 443 -29.82 19.91 18.40
CA THR A 443 -28.56 20.68 18.53
C THR A 443 -28.71 22.08 17.93
N GLN A 444 -29.60 22.21 16.96
CA GLN A 444 -29.97 23.53 16.44
C GLN A 444 -30.64 24.38 17.54
N LYS A 445 -31.77 23.91 18.09
CA LYS A 445 -32.47 24.59 19.21
C LYS A 445 -31.52 24.91 20.39
N LEU A 446 -30.71 23.97 20.81
CA LEU A 446 -29.85 24.26 21.93
C LEU A 446 -28.78 25.27 21.64
N SER A 447 -28.42 25.36 20.37
CA SER A 447 -27.38 26.29 19.93
C SER A 447 -27.92 27.72 19.86
N GLU A 448 -29.15 27.86 19.39
CA GLU A 448 -29.88 29.14 19.38
C GLU A 448 -30.01 29.69 20.79
N ILE A 449 -30.54 28.87 21.69
CA ILE A 449 -30.75 29.25 23.09
C ILE A 449 -29.47 29.71 23.79
N GLN A 450 -28.35 29.02 23.59
CA GLN A 450 -27.14 29.51 24.22
C GLN A 450 -26.35 30.42 23.29
N ALA A 451 -26.94 30.80 22.16
CA ALA A 451 -26.32 31.77 21.27
C ALA A 451 -26.33 33.14 21.95
N ILE A 452 -25.12 33.69 22.11
CA ILE A 452 -24.89 35.03 22.65
C ILE A 452 -25.32 36.16 21.68
N GLU A 453 -25.03 36.02 20.39
CA GLU A 453 -25.37 37.02 19.37
C GLU A 453 -26.83 36.91 18.89
N THR A 462 -26.38 26.69 11.02
CA THR A 462 -24.96 26.48 11.18
C THR A 462 -24.67 25.95 12.53
N GLY A 463 -25.62 26.03 13.43
CA GLY A 463 -25.35 25.53 14.79
C GLY A 463 -25.62 24.03 14.87
N ALA A 464 -26.44 23.51 13.96
CA ALA A 464 -26.78 22.06 13.99
C ALA A 464 -25.55 21.14 13.94
N MET A 465 -25.61 20.05 14.69
CA MET A 465 -24.57 19.05 14.64
C MET A 465 -25.05 17.94 13.71
N LYS A 466 -24.22 17.55 12.75
CA LYS A 466 -24.59 16.50 11.86
C LYS A 466 -23.53 15.43 11.87
N THR A 467 -23.87 14.26 11.31
CA THR A 467 -22.88 13.21 11.07
C THR A 467 -21.95 13.68 9.99
N LEU A 468 -20.66 13.40 10.16
CA LEU A 468 -19.64 13.69 9.15
C LEU A 468 -19.30 12.38 8.44
N CYS A 469 -18.85 11.39 9.21
CA CYS A 469 -18.74 10.06 8.68
C CYS A 469 -18.74 9.01 9.79
N ILE A 470 -19.00 7.76 9.41
CA ILE A 470 -18.72 6.64 10.30
C ILE A 470 -17.29 6.14 9.96
N PRO A 471 -16.28 6.51 10.74
CA PRO A 471 -14.93 6.16 10.35
C PRO A 471 -14.68 4.64 10.13
N PHE A 472 -13.92 4.34 9.08
CA PHE A 472 -13.30 3.07 8.82
C PHE A 472 -12.44 2.67 9.96
N ASP A 473 -11.72 3.64 10.53
CA ASP A 473 -10.95 3.42 11.77
C ASP A 473 -11.80 3.50 13.05
N GLN A 474 -12.27 2.36 13.54
CA GLN A 474 -13.26 2.31 14.65
C GLN A 474 -12.59 2.13 15.99
N PRO A 475 -12.71 3.08 16.90
CA PRO A 475 -12.18 2.76 18.22
C PRO A 475 -12.93 1.57 18.80
N PRO A 476 -12.40 0.94 19.84
CA PRO A 476 -13.08 -0.23 20.36
C PRO A 476 -14.48 0.06 20.87
N MET A 477 -15.34 -0.95 20.82
CA MET A 477 -16.73 -0.87 21.18
C MET A 477 -16.97 -2.03 22.20
N PRO A 478 -16.79 -1.71 23.50
CA PRO A 478 -17.09 -2.70 24.56
C PRO A 478 -18.51 -3.22 24.39
N GLU A 479 -18.68 -4.52 24.59
CA GLU A 479 -19.95 -5.13 24.35
C GLU A 479 -20.99 -4.42 25.17
N GLY A 480 -22.20 -4.33 24.64
CA GLY A 480 -23.31 -3.68 25.35
C GLY A 480 -23.30 -2.15 25.34
N THR A 481 -22.49 -1.54 24.49
CA THR A 481 -22.41 -0.10 24.50
C THR A 481 -23.72 0.40 23.88
N LYS A 482 -24.28 1.45 24.46
CA LYS A 482 -25.56 1.99 24.08
C LYS A 482 -25.36 3.18 23.19
N CYS A 483 -26.36 3.46 22.35
CA CYS A 483 -26.41 4.67 21.56
C CYS A 483 -26.43 5.91 22.43
N PHE A 484 -25.58 6.88 22.12
CA PHE A 484 -25.50 8.13 22.92
C PHE A 484 -26.80 8.92 22.93
N TYR A 485 -27.69 8.67 21.96
CA TYR A 485 -28.90 9.46 21.86
C TYR A 485 -30.15 8.64 22.12
N THR A 486 -30.35 7.57 21.39
CA THR A 486 -31.46 6.67 21.61
C THR A 486 -31.42 5.78 22.82
N GLY A 487 -30.25 5.33 23.17
CA GLY A 487 -30.10 4.39 24.25
C GLY A 487 -30.21 2.95 23.80
N LYS A 488 -30.39 2.72 22.52
CA LYS A 488 -30.47 1.41 21.92
C LYS A 488 -29.10 0.81 21.71
N PRO A 489 -29.00 -0.44 21.35
CA PRO A 489 -27.60 -0.87 21.24
C PRO A 489 -26.88 -0.10 20.12
N ALA A 490 -25.62 0.26 20.37
CA ALA A 490 -24.87 1.10 19.44
C ALA A 490 -24.11 0.20 18.52
N LYS A 491 -24.23 0.48 17.22
CA LYS A 491 -23.56 -0.27 16.20
C LYS A 491 -22.08 0.08 16.24
N ARG A 492 -21.79 1.30 15.80
CA ARG A 492 -20.47 1.76 15.59
C ARG A 492 -20.34 3.11 16.20
N TRP A 493 -19.10 3.60 16.17
CA TRP A 493 -18.78 4.98 16.45
C TRP A 493 -19.01 5.81 15.23
N THR A 494 -19.64 6.94 15.43
CA THR A 494 -19.87 7.91 14.36
C THR A 494 -19.27 9.27 14.75
N LEU A 495 -18.58 9.90 13.79
CA LEU A 495 -18.00 11.23 13.95
C LEU A 495 -19.05 12.29 13.64
N TRP A 496 -19.30 13.20 14.57
CA TRP A 496 -20.26 14.26 14.37
C TRP A 496 -19.62 15.60 14.58
N GLY A 497 -20.26 16.63 14.07
CA GLY A 497 -19.86 18.00 14.36
C GLY A 497 -20.69 18.98 13.59
N ARG A 498 -20.44 20.23 13.92
CA ARG A 498 -20.85 21.31 13.04
C ARG A 498 -20.02 21.18 11.76
N SER A 499 -20.59 21.58 10.61
CA SER A 499 -19.90 21.44 9.38
C SER A 499 -20.11 22.59 8.41
N TYR A 500 -19.29 22.63 7.37
CA TYR A 500 -19.50 23.52 6.25
C TYR A 500 -20.59 22.89 5.39
N MET B 3 12.88 4.40 35.07
CA MET B 3 12.15 4.26 36.38
C MET B 3 10.64 4.17 36.14
N VAL B 4 9.96 3.23 36.81
CA VAL B 4 8.48 3.26 36.85
C VAL B 4 8.02 4.29 37.91
N THR B 5 7.08 5.14 37.52
CA THR B 5 6.60 6.27 38.33
C THR B 5 5.06 6.22 38.61
N ALA B 6 4.23 5.64 37.73
CA ALA B 6 2.81 5.35 38.09
C ALA B 6 2.74 4.30 39.17
N LYS B 7 1.82 4.48 40.12
CA LYS B 7 1.65 3.55 41.27
C LYS B 7 0.69 2.41 40.87
N LYS B 8 1.07 1.17 41.16
CA LYS B 8 0.27 0.00 40.80
C LYS B 8 -1.17 0.10 41.33
N ASP B 9 -1.33 0.34 42.61
CA ASP B 9 -2.64 0.34 43.24
C ASP B 9 -3.57 1.51 42.82
N GLU B 10 -3.04 2.55 42.19
CA GLU B 10 -3.76 3.80 42.01
C GLU B 10 -3.93 4.30 40.55
N ASN B 11 -2.93 4.03 39.70
CA ASN B 11 -3.07 4.29 38.27
C ASN B 11 -2.67 3.07 37.43
N PHE B 12 -3.49 2.03 37.55
CA PHE B 12 -3.09 0.68 37.17
C PHE B 12 -2.80 0.55 35.69
N SER B 13 -3.63 1.12 34.85
CA SER B 13 -3.43 1.00 33.41
C SER B 13 -2.16 1.70 33.00
N GLU B 14 -1.90 2.85 33.60
CA GLU B 14 -0.69 3.55 33.28
C GLU B 14 0.57 2.85 33.87
N TRP B 15 0.44 2.30 35.07
CA TRP B 15 1.50 1.43 35.58
C TRP B 15 1.81 0.27 34.65
N TYR B 16 0.77 -0.40 34.15
CA TYR B 16 0.95 -1.62 33.35
C TYR B 16 1.75 -1.25 32.11
N THR B 17 1.39 -0.13 31.49
CA THR B 17 2.07 0.36 30.32
C THR B 17 3.51 0.76 30.57
N GLN B 18 3.77 1.44 31.67
CA GLN B 18 5.11 1.87 31.87
C GLN B 18 5.94 0.62 32.09
N ALA B 19 5.41 -0.30 32.91
CA ALA B 19 6.10 -1.58 33.21
C ALA B 19 6.48 -2.34 31.95
N ILE B 20 5.54 -2.47 31.03
CA ILE B 20 5.79 -3.36 29.92
C ILE B 20 6.73 -2.68 28.97
N VAL B 21 6.71 -1.35 28.92
CA VAL B 21 7.58 -0.64 27.99
C VAL B 21 8.95 -0.43 28.63
N ARG B 22 9.00 0.10 29.83
CA ARG B 22 10.30 0.42 30.44
C ARG B 22 11.13 -0.84 30.73
N SER B 23 10.44 -1.96 31.00
CA SER B 23 11.12 -3.30 31.15
C SER B 23 11.69 -3.86 29.85
N GLU B 24 11.43 -3.21 28.73
CA GLU B 24 11.88 -3.72 27.42
C GLU B 24 11.18 -5.05 27.00
N MET B 25 9.95 -5.21 27.47
CA MET B 25 9.16 -6.38 27.15
C MET B 25 8.38 -6.21 25.87
N ILE B 26 7.88 -4.98 25.62
CA ILE B 26 6.88 -4.64 24.59
C ILE B 26 7.30 -3.38 23.82
N GLU B 27 7.16 -3.37 22.50
CA GLU B 27 7.35 -2.17 21.72
C GLU B 27 6.03 -1.95 20.99
N TYR B 28 5.54 -0.72 20.93
CA TYR B 28 4.23 -0.48 20.35
C TYR B 28 4.44 -0.40 18.87
N TYR B 29 3.37 -0.31 18.11
CA TYR B 29 3.43 -0.63 16.72
C TYR B 29 2.36 0.19 16.10
N ASP B 30 2.43 0.39 14.80
CA ASP B 30 1.51 1.27 14.09
C ASP B 30 0.15 0.60 13.77
N ILE B 31 0.00 -0.72 13.95
CA ILE B 31 -1.32 -1.34 13.79
C ILE B 31 -1.88 -1.64 15.15
N SER B 32 -3.05 -1.09 15.41
CA SER B 32 -3.67 -1.19 16.68
C SER B 32 -3.98 -2.63 17.07
N GLY B 33 -3.81 -2.88 18.34
CA GLY B 33 -4.06 -4.18 18.92
C GLY B 33 -2.96 -5.17 18.63
N CYS B 34 -1.91 -4.73 17.90
CA CYS B 34 -0.73 -5.55 17.61
C CYS B 34 0.49 -4.95 18.25
N TYR B 35 1.33 -5.82 18.82
CA TYR B 35 2.47 -5.39 19.64
C TYR B 35 3.67 -6.24 19.36
N ILE B 36 4.84 -5.64 19.48
CA ILE B 36 6.11 -6.31 19.31
C ILE B 36 6.52 -6.90 20.63
N MET B 37 6.79 -8.22 20.66
CA MET B 37 7.31 -8.87 21.86
C MET B 37 8.79 -8.93 21.76
N ARG B 38 9.41 -8.22 22.71
CA ARG B 38 10.85 -8.22 22.76
C ARG B 38 11.34 -9.46 23.52
N PRO B 39 12.63 -9.78 23.42
CA PRO B 39 13.17 -11.01 24.09
C PRO B 39 12.79 -11.19 25.56
N TRP B 40 12.77 -10.07 26.32
CA TRP B 40 12.60 -10.14 27.75
C TRP B 40 11.26 -10.81 28.05
N ALA B 41 10.31 -10.54 27.15
CA ALA B 41 8.96 -11.12 27.17
C ALA B 41 8.94 -12.44 26.41
N PHE B 42 9.58 -12.48 25.25
CA PHE B 42 9.47 -13.67 24.42
C PHE B 42 10.10 -14.92 25.07
N HIS B 43 11.13 -14.71 25.88
CA HIS B 43 11.79 -15.81 26.54
C HIS B 43 10.80 -16.57 27.50
N ILE B 44 9.99 -15.82 28.23
CA ILE B 44 9.00 -16.38 29.13
C ILE B 44 8.02 -17.28 28.31
N TRP B 45 7.51 -16.75 27.18
CA TRP B 45 6.69 -17.59 26.28
C TRP B 45 7.44 -18.91 25.93
N GLU B 46 8.71 -18.80 25.60
CA GLU B 46 9.42 -19.96 25.18
C GLU B 46 9.49 -20.99 26.32
N LYS B 47 9.58 -20.50 27.54
CA LYS B 47 9.65 -21.35 28.71
C LYS B 47 8.38 -22.10 28.89
N VAL B 48 7.26 -21.38 28.80
CA VAL B 48 5.96 -21.99 29.08
C VAL B 48 5.58 -22.95 27.96
N GLN B 49 5.88 -22.54 26.74
CA GLN B 49 5.63 -23.41 25.59
C GLN B 49 6.39 -24.72 25.80
N ARG B 50 7.67 -24.64 26.12
CA ARG B 50 8.47 -25.86 26.28
C ARG B 50 7.89 -26.71 27.43
N PHE B 51 7.50 -26.06 28.51
CA PHE B 51 6.81 -26.76 29.57
C PHE B 51 5.54 -27.51 29.10
N PHE B 52 4.59 -26.80 28.47
CA PHE B 52 3.32 -27.39 28.01
C PHE B 52 3.57 -28.49 26.99
N ASP B 53 4.57 -28.25 26.18
CA ASP B 53 4.85 -29.11 25.08
C ASP B 53 5.44 -30.42 25.56
N ASP B 54 6.39 -30.36 26.50
CA ASP B 54 7.00 -31.56 27.02
C ASP B 54 5.87 -32.44 27.59
N GLU B 55 4.93 -31.80 28.30
CA GLU B 55 3.89 -32.48 29.02
C GLU B 55 2.83 -33.09 28.10
N ILE B 56 2.37 -32.35 27.10
CA ILE B 56 1.45 -32.96 26.17
C ILE B 56 2.04 -34.11 25.42
N LYS B 57 3.34 -34.02 25.08
CA LYS B 57 4.05 -35.19 24.53
C LYS B 57 4.01 -36.49 25.42
N LYS B 58 4.03 -36.35 26.74
CA LYS B 58 3.91 -37.54 27.60
C LYS B 58 2.54 -38.19 27.47
N MET B 59 1.52 -37.39 27.16
CA MET B 59 0.17 -37.90 26.90
C MET B 59 -0.04 -38.41 25.47
N GLY B 60 1.00 -38.55 24.66
CA GLY B 60 0.77 -38.96 23.28
C GLY B 60 0.31 -37.87 22.31
N VAL B 61 0.19 -36.61 22.72
CA VAL B 61 -0.21 -35.53 21.80
C VAL B 61 0.98 -35.21 20.93
N GLU B 62 0.73 -35.01 19.64
CA GLU B 62 1.76 -34.76 18.61
C GLU B 62 1.49 -33.44 17.92
N ASN B 63 2.56 -32.77 17.51
CA ASN B 63 2.45 -31.45 16.91
C ASN B 63 2.34 -31.52 15.44
N SER B 64 1.78 -30.46 14.90
CA SER B 64 1.53 -30.38 13.47
C SER B 64 1.43 -28.93 13.08
N TYR B 65 1.42 -28.67 11.78
CA TYR B 65 1.16 -27.32 11.31
C TYR B 65 0.20 -27.29 10.11
N PHE B 66 -1.01 -26.83 10.39
CA PHE B 66 -2.03 -26.59 9.40
C PHE B 66 -1.97 -25.15 8.85
N PRO B 67 -2.48 -24.94 7.62
CA PRO B 67 -2.24 -23.63 7.06
C PRO B 67 -2.94 -22.52 7.76
N MET B 68 -2.36 -21.33 7.64
CA MET B 68 -3.01 -20.14 8.14
C MET B 68 -4.14 -19.63 7.27
N PHE B 69 -4.31 -20.18 6.07
CA PHE B 69 -5.42 -19.78 5.22
C PHE B 69 -6.59 -20.76 5.23
N VAL B 70 -7.78 -20.17 5.08
CA VAL B 70 -8.98 -20.90 4.93
C VAL B 70 -9.90 -20.14 3.97
N SER B 71 -10.38 -20.90 2.98
CA SER B 71 -11.32 -20.42 1.94
C SER B 71 -12.62 -19.99 2.57
N ARG B 72 -13.25 -18.96 1.97
N ARG B 72 -13.24 -18.96 1.97
CA ARG B 72 -14.52 -18.39 2.42
CA ARG B 72 -14.48 -18.35 2.43
C ARG B 72 -15.53 -19.47 2.57
C ARG B 72 -15.56 -19.41 2.53
N HIS B 73 -15.61 -20.30 1.53
CA HIS B 73 -16.58 -21.39 1.50
C HIS B 73 -16.45 -22.19 2.77
N LYS B 74 -15.22 -22.61 3.09
CA LYS B 74 -15.00 -23.51 4.26
C LYS B 74 -15.23 -22.83 5.57
N LEU B 75 -14.74 -21.63 5.72
CA LEU B 75 -14.98 -20.95 6.96
C LEU B 75 -16.49 -20.88 7.28
N GLU B 76 -17.29 -20.54 6.30
CA GLU B 76 -18.67 -20.32 6.54
C GLU B 76 -19.60 -21.51 6.43
N LYS B 77 -19.10 -22.69 6.78
CA LYS B 77 -19.88 -23.92 6.73
C LYS B 77 -21.06 -23.88 7.67
N PHE B 85 -18.80 -13.68 15.80
CA PHE B 85 -17.62 -14.25 15.13
C PHE B 85 -17.19 -13.56 13.80
N SER B 86 -18.07 -13.60 12.79
CA SER B 86 -17.88 -12.95 11.48
C SER B 86 -17.10 -11.61 11.44
N PRO B 87 -17.46 -10.62 12.28
CA PRO B 87 -16.75 -9.34 12.15
C PRO B 87 -15.27 -9.36 12.60
N GLU B 88 -14.80 -10.43 13.20
CA GLU B 88 -13.43 -10.45 13.73
C GLU B 88 -12.43 -11.04 12.71
N VAL B 89 -12.94 -11.52 11.59
CA VAL B 89 -12.13 -12.20 10.59
C VAL B 89 -11.49 -11.29 9.56
N ALA B 90 -10.20 -11.43 9.39
CA ALA B 90 -9.44 -10.60 8.46
C ALA B 90 -9.37 -11.29 7.13
N TRP B 91 -9.64 -10.54 6.08
CA TRP B 91 -9.74 -11.14 4.74
C TRP B 91 -8.59 -10.73 3.84
N VAL B 92 -7.94 -11.73 3.25
CA VAL B 92 -7.01 -11.46 2.18
C VAL B 92 -7.80 -11.34 0.89
N THR B 93 -7.65 -10.21 0.21
CA THR B 93 -8.35 -9.93 -1.09
C THR B 93 -7.43 -9.76 -2.35
N HIS B 94 -6.16 -9.46 -2.14
CA HIS B 94 -5.28 -9.12 -3.23
C HIS B 94 -3.91 -9.77 -3.03
N TYR B 95 -3.29 -10.16 -4.13
CA TYR B 95 -1.86 -10.44 -4.17
C TYR B 95 -1.28 -9.44 -5.15
N GLY B 96 -0.37 -8.59 -4.65
CA GLY B 96 0.08 -7.36 -5.32
C GLY B 96 -1.13 -6.52 -5.64
N ASP B 97 -1.31 -6.23 -6.92
CA ASP B 97 -2.48 -5.46 -7.39
C ASP B 97 -3.57 -6.36 -7.87
N SER B 98 -3.27 -7.63 -8.11
CA SER B 98 -4.29 -8.54 -8.60
C SER B 98 -5.24 -9.00 -7.46
N PRO B 99 -6.57 -8.86 -7.65
CA PRO B 99 -7.53 -9.39 -6.69
C PRO B 99 -7.64 -10.86 -6.79
N LEU B 100 -7.73 -11.57 -5.67
CA LEU B 100 -7.97 -12.97 -5.74
C LEU B 100 -9.30 -13.19 -6.45
N PRO B 101 -9.45 -14.36 -7.09
CA PRO B 101 -10.75 -14.81 -7.63
C PRO B 101 -11.74 -14.90 -6.50
N GLU B 102 -11.28 -15.34 -5.34
CA GLU B 102 -12.09 -15.32 -4.11
C GLU B 102 -11.25 -15.04 -2.86
N LYS B 103 -11.77 -14.18 -2.02
CA LYS B 103 -11.07 -13.77 -0.86
C LYS B 103 -10.86 -14.98 0.06
N ILE B 104 -9.87 -14.88 0.92
CA ILE B 104 -9.38 -16.01 1.70
C ILE B 104 -9.18 -15.48 3.09
N ALA B 105 -9.61 -16.27 4.06
CA ALA B 105 -9.58 -15.86 5.46
C ALA B 105 -8.30 -16.30 6.19
N ILE B 106 -7.81 -15.42 7.01
CA ILE B 106 -6.70 -15.71 7.87
C ILE B 106 -7.31 -16.39 9.06
N ARG B 107 -6.74 -17.52 9.47
CA ARG B 107 -7.27 -18.30 10.58
C ARG B 107 -7.37 -17.65 11.97
N PRO B 108 -8.60 -17.63 12.49
CA PRO B 108 -8.91 -17.14 13.83
C PRO B 108 -8.92 -18.30 14.80
N THR B 109 -9.18 -19.49 14.31
CA THR B 109 -9.24 -20.75 15.00
C THR B 109 -9.11 -21.87 13.94
N SER B 110 -8.80 -23.08 14.31
CA SER B 110 -8.52 -23.99 13.18
C SER B 110 -9.50 -25.13 12.95
N GLU B 111 -10.64 -25.09 13.64
CA GLU B 111 -11.64 -26.13 13.46
C GLU B 111 -11.90 -26.39 11.96
N THR B 112 -12.10 -25.35 11.17
CA THR B 112 -12.54 -25.50 9.76
C THR B 112 -11.41 -25.89 8.84
N ILE B 113 -10.19 -25.77 9.34
CA ILE B 113 -9.03 -26.16 8.61
C ILE B 113 -8.67 -27.61 9.00
N MET B 114 -8.96 -28.01 10.23
CA MET B 114 -8.45 -29.30 10.69
C MET B 114 -9.50 -30.39 10.52
N TYR B 115 -10.76 -30.06 10.82
CA TYR B 115 -11.75 -31.11 10.99
C TYR B 115 -12.04 -31.82 9.65
N PRO B 116 -11.95 -31.13 8.52
CA PRO B 116 -12.11 -31.93 7.30
C PRO B 116 -11.02 -32.97 7.13
N ALA B 117 -9.82 -32.66 7.62
CA ALA B 117 -8.72 -33.64 7.54
C ALA B 117 -8.98 -34.74 8.52
N TYR B 118 -9.57 -34.42 9.67
CA TYR B 118 -9.95 -35.45 10.61
C TYR B 118 -10.93 -36.43 9.97
N ALA B 119 -11.89 -35.91 9.23
CA ALA B 119 -12.90 -36.76 8.60
C ALA B 119 -12.19 -37.66 7.61
N LYS B 120 -11.13 -37.15 6.97
CA LYS B 120 -10.43 -38.00 6.02
C LYS B 120 -9.60 -39.02 6.73
N TRP B 121 -8.90 -38.68 7.81
CA TRP B 121 -7.93 -39.67 8.35
C TRP B 121 -8.57 -40.71 9.24
N ILE B 122 -9.77 -40.45 9.74
CA ILE B 122 -10.40 -41.36 10.71
C ILE B 122 -11.45 -42.23 10.03
N ARG B 123 -11.18 -43.53 9.87
CA ARG B 123 -12.16 -44.53 9.34
C ARG B 123 -12.66 -45.57 10.33
N SER B 124 -11.81 -45.92 11.29
CA SER B 124 -12.06 -46.96 12.23
C SER B 124 -11.45 -46.72 13.60
N HIS B 125 -11.94 -47.51 14.54
CA HIS B 125 -11.49 -47.48 15.91
C HIS B 125 -9.96 -47.64 16.09
N ARG B 126 -9.33 -48.27 15.11
CA ARG B 126 -7.86 -48.37 14.97
C ARG B 126 -7.20 -47.00 15.00
N ASP B 127 -7.87 -46.03 14.39
CA ASP B 127 -7.36 -44.69 14.15
C ASP B 127 -7.49 -43.81 15.40
N LEU B 128 -8.18 -44.30 16.45
CA LEU B 128 -8.42 -43.52 17.64
C LEU B 128 -7.60 -44.01 18.85
N PRO B 129 -7.31 -43.11 19.80
CA PRO B 129 -7.57 -41.67 19.73
C PRO B 129 -6.58 -40.96 18.77
N LEU B 130 -6.99 -39.80 18.28
CA LEU B 130 -6.17 -38.92 17.44
C LEU B 130 -5.92 -37.66 18.26
N LYS B 131 -4.65 -37.38 18.55
CA LYS B 131 -4.30 -36.29 19.42
C LYS B 131 -3.26 -35.39 18.79
N LEU B 132 -3.74 -34.24 18.36
CA LEU B 132 -2.93 -33.27 17.65
C LEU B 132 -3.02 -31.91 18.34
N ASN B 133 -1.92 -31.20 18.26
CA ASN B 133 -1.78 -29.84 18.76
C ASN B 133 -1.06 -29.06 17.67
N GLN B 134 -1.23 -27.74 17.65
CA GLN B 134 -0.26 -26.87 16.99
C GLN B 134 0.01 -25.61 17.77
N TRP B 135 1.26 -25.17 17.66
CA TRP B 135 1.71 -23.84 18.02
C TRP B 135 1.61 -22.92 16.82
N CYS B 136 0.91 -21.79 16.94
CA CYS B 136 0.81 -20.85 15.78
C CYS B 136 0.34 -19.50 16.19
N SER B 137 0.30 -18.57 15.22
CA SER B 137 -0.32 -17.26 15.47
C SER B 137 -1.75 -17.31 15.03
N VAL B 138 -2.58 -16.52 15.69
CA VAL B 138 -3.97 -16.46 15.37
C VAL B 138 -4.33 -15.03 15.22
N VAL B 139 -5.20 -14.72 14.27
CA VAL B 139 -5.68 -13.37 14.14
C VAL B 139 -7.18 -13.18 14.34
N ARG B 140 -7.52 -12.19 15.15
CA ARG B 140 -8.88 -11.68 15.24
C ARG B 140 -8.88 -10.17 15.31
N TRP B 141 -9.66 -9.53 14.46
CA TRP B 141 -9.74 -8.08 14.49
C TRP B 141 -10.61 -7.67 15.62
N GLU B 142 -10.10 -7.80 16.84
CA GLU B 142 -10.92 -7.56 17.98
C GLU B 142 -11.51 -6.16 17.89
N PHE B 143 -12.80 -6.06 18.19
CA PHE B 143 -13.45 -4.77 18.41
C PHE B 143 -13.50 -4.42 19.91
N LYS B 144 -13.29 -5.39 20.77
CA LYS B 144 -13.16 -5.09 22.20
C LYS B 144 -11.84 -4.35 22.46
N GLN B 145 -11.71 -3.72 23.59
CA GLN B 145 -10.46 -3.09 23.97
C GLN B 145 -9.25 -4.04 23.79
N PRO B 146 -8.27 -3.63 23.00
CA PRO B 146 -7.15 -4.50 23.05
C PRO B 146 -6.20 -4.04 24.13
N THR B 147 -5.41 -4.99 24.60
CA THR B 147 -4.44 -4.78 25.67
C THR B 147 -3.25 -5.65 25.39
N PRO B 148 -2.04 -5.10 25.48
CA PRO B 148 -0.88 -5.92 25.38
C PRO B 148 -0.96 -7.24 26.17
N PHE B 149 -0.60 -8.33 25.49
CA PHE B 149 -0.79 -9.72 25.96
C PHE B 149 -2.23 -10.11 26.11
N LEU B 150 -2.97 -9.35 26.87
CA LEU B 150 -4.21 -9.84 27.36
C LEU B 150 -5.24 -10.07 26.27
N ARG B 151 -5.34 -9.11 25.35
CA ARG B 151 -6.24 -9.17 24.20
C ARG B 151 -5.57 -8.44 23.05
N THR B 152 -4.99 -9.20 22.12
CA THR B 152 -4.28 -8.62 21.01
C THR B 152 -4.89 -9.21 19.78
N ARG B 153 -4.64 -8.55 18.63
CA ARG B 153 -5.34 -8.86 17.41
C ARG B 153 -4.60 -9.87 16.61
N GLU B 154 -3.29 -9.93 16.78
CA GLU B 154 -2.57 -11.17 16.54
C GLU B 154 -2.09 -11.68 17.90
N PHE B 155 -2.20 -12.97 18.14
CA PHE B 155 -1.67 -13.50 19.38
C PHE B 155 -1.13 -14.87 19.16
N LEU B 156 -0.24 -15.32 20.03
CA LEU B 156 0.31 -16.65 19.82
C LEU B 156 -0.45 -17.60 20.72
N TRP B 157 -0.69 -18.81 20.24
CA TRP B 157 -1.24 -19.81 21.13
C TRP B 157 -0.78 -21.18 20.77
N GLN B 158 -1.22 -22.18 21.54
CA GLN B 158 -1.39 -23.53 21.00
C GLN B 158 -2.88 -23.76 20.94
N GLU B 159 -3.33 -24.56 19.97
CA GLU B 159 -4.70 -25.13 19.98
C GLU B 159 -4.55 -26.61 19.87
N GLY B 160 -5.04 -27.31 20.90
CA GLY B 160 -5.12 -28.78 20.87
C GLY B 160 -6.48 -29.28 20.40
N HIS B 161 -6.48 -30.28 19.50
CA HIS B 161 -7.70 -30.92 18.98
C HIS B 161 -7.66 -32.47 18.97
N THR B 162 -8.51 -33.09 19.77
CA THR B 162 -8.48 -34.54 19.84
C THR B 162 -9.83 -35.21 19.52
N ALA B 163 -9.74 -36.49 19.15
CA ALA B 163 -10.92 -37.25 18.79
C ALA B 163 -10.84 -38.66 19.41
N HIS B 164 -11.93 -39.11 20.03
CA HIS B 164 -11.97 -40.33 20.79
C HIS B 164 -13.18 -41.22 20.46
N ALA B 165 -13.12 -42.48 20.86
CA ALA B 165 -14.22 -43.42 20.63
C ALA B 165 -15.37 -43.22 21.62
N THR B 166 -15.06 -42.76 22.82
CA THR B 166 -16.04 -42.53 23.86
C THR B 166 -15.83 -41.19 24.50
N GLU B 167 -16.96 -40.61 24.93
CA GLU B 167 -16.99 -39.48 25.81
C GLU B 167 -16.07 -39.57 27.04
N GLU B 168 -15.98 -40.76 27.61
CA GLU B 168 -15.33 -40.91 28.89
CA GLU B 168 -15.29 -40.99 28.90
C GLU B 168 -13.82 -40.69 28.77
N GLU B 169 -13.25 -41.16 27.68
CA GLU B 169 -11.83 -40.98 27.41
C GLU B 169 -11.55 -39.50 27.07
N ALA B 170 -12.41 -38.91 26.24
CA ALA B 170 -12.33 -37.52 25.91
C ALA B 170 -12.33 -36.69 27.19
N TRP B 171 -13.31 -36.98 28.04
CA TRP B 171 -13.53 -36.18 29.24
C TRP B 171 -12.31 -36.26 30.10
N GLU B 172 -11.77 -37.46 30.23
CA GLU B 172 -10.54 -37.63 30.95
C GLU B 172 -9.47 -36.65 30.48
N LEU B 173 -9.33 -36.53 29.17
CA LEU B 173 -8.29 -35.70 28.57
C LEU B 173 -8.57 -34.21 28.72
N VAL B 174 -9.83 -33.82 28.64
CA VAL B 174 -10.23 -32.46 28.88
C VAL B 174 -9.64 -32.08 30.22
N LEU B 175 -9.81 -32.96 31.20
CA LEU B 175 -9.32 -32.67 32.55
C LEU B 175 -7.79 -32.75 32.67
N ASP B 176 -7.16 -33.75 32.05
CA ASP B 176 -5.73 -33.86 32.17
C ASP B 176 -5.14 -32.52 31.70
N ILE B 177 -5.64 -32.01 30.57
CA ILE B 177 -5.13 -30.82 29.94
C ILE B 177 -5.36 -29.62 30.82
N LEU B 178 -6.55 -29.57 31.42
CA LEU B 178 -6.85 -28.49 32.32
C LEU B 178 -5.87 -28.45 33.48
N GLU B 179 -5.44 -29.62 33.93
CA GLU B 179 -4.53 -29.69 35.04
C GLU B 179 -3.19 -29.15 34.55
N LEU B 180 -2.83 -29.46 33.32
CA LEU B 180 -1.65 -28.87 32.74
C LEU B 180 -1.69 -27.31 32.69
N TYR B 181 -2.83 -26.76 32.43
CA TYR B 181 -2.90 -25.34 32.35
C TYR B 181 -2.72 -24.72 33.73
N ARG B 182 -3.29 -25.34 34.76
CA ARG B 182 -3.07 -24.85 36.14
C ARG B 182 -1.59 -24.87 36.49
N ARG B 183 -0.91 -25.94 36.09
CA ARG B 183 0.48 -26.09 36.32
C ARG B 183 1.29 -25.00 35.56
N TRP B 184 0.90 -24.75 34.31
CA TRP B 184 1.48 -23.70 33.50
C TRP B 184 1.45 -22.38 34.32
N TYR B 185 0.27 -22.06 34.79
CA TYR B 185 0.10 -20.88 35.53
C TYR B 185 0.76 -20.95 36.95
N GLU B 186 0.38 -21.96 37.71
CA GLU B 186 0.80 -22.04 39.12
C GLU B 186 2.23 -22.44 39.31
N GLU B 187 2.73 -23.38 38.50
CA GLU B 187 4.09 -23.82 38.69
C GLU B 187 5.10 -22.97 37.97
N CYS B 188 4.84 -22.62 36.72
CA CYS B 188 5.80 -21.79 35.95
C CYS B 188 5.74 -20.28 36.31
N LEU B 189 4.56 -19.68 36.22
CA LEU B 189 4.38 -18.26 36.43
C LEU B 189 3.92 -17.89 37.85
N ALA B 190 3.69 -18.89 38.69
CA ALA B 190 3.35 -18.64 40.07
C ALA B 190 2.10 -17.82 40.21
N VAL B 191 1.15 -18.07 39.31
CA VAL B 191 -0.15 -17.39 39.35
C VAL B 191 -1.22 -18.41 39.72
N PRO B 192 -2.08 -18.04 40.71
CA PRO B 192 -3.05 -18.98 41.21
C PRO B 192 -4.28 -18.91 40.36
N VAL B 193 -4.84 -20.09 40.07
CA VAL B 193 -6.04 -20.17 39.26
C VAL B 193 -7.08 -21.12 39.83
N ILE B 194 -8.34 -20.86 39.48
CA ILE B 194 -9.44 -21.65 39.93
C ILE B 194 -10.04 -22.42 38.76
N LYS B 195 -10.07 -23.74 38.91
CA LYS B 195 -10.74 -24.62 37.99
C LYS B 195 -12.22 -24.49 38.13
N GLY B 196 -12.92 -24.62 37.00
CA GLY B 196 -14.35 -24.45 37.03
C GLY B 196 -14.92 -24.79 35.70
N GLU B 197 -16.23 -24.63 35.61
CA GLU B 197 -16.98 -24.99 34.43
C GLU B 197 -17.73 -23.75 34.00
N LYS B 198 -17.56 -23.39 32.74
CA LYS B 198 -18.22 -22.24 32.18
C LYS B 198 -19.69 -22.56 32.02
N SER B 199 -20.52 -21.52 32.09
CA SER B 199 -21.96 -21.65 31.92
C SER B 199 -22.30 -21.86 30.45
N GLU B 200 -23.53 -22.28 30.17
CA GLU B 200 -23.94 -22.52 28.78
C GLU B 200 -23.82 -21.22 27.97
N GLY B 201 -24.23 -20.10 28.55
CA GLY B 201 -24.08 -18.81 27.90
C GLY B 201 -22.61 -18.50 27.69
N GLU B 202 -21.76 -18.84 28.67
CA GLU B 202 -20.32 -18.51 28.52
C GLU B 202 -19.49 -19.62 27.86
N LYS B 203 -20.01 -20.85 27.78
CA LYS B 203 -19.20 -21.89 27.21
C LYS B 203 -19.06 -21.67 25.71
N PHE B 204 -18.18 -22.45 25.09
CA PHE B 204 -18.03 -22.49 23.64
C PHE B 204 -19.32 -23.17 23.02
N ALA B 205 -20.01 -22.46 22.15
CA ALA B 205 -21.29 -22.92 21.66
C ALA B 205 -21.19 -24.17 20.79
N GLY B 206 -20.07 -24.36 20.13
CA GLY B 206 -19.91 -25.54 19.30
C GLY B 206 -19.57 -26.81 20.04
N GLY B 207 -19.54 -26.75 21.38
CA GLY B 207 -19.28 -27.90 22.21
C GLY B 207 -20.35 -28.09 23.26
N LYS B 208 -20.09 -29.05 24.12
CA LYS B 208 -21.07 -29.52 25.10
C LYS B 208 -20.75 -28.97 26.51
N LYS B 209 -19.48 -28.96 26.88
CA LYS B 209 -19.06 -28.44 28.17
C LYS B 209 -17.63 -27.84 28.03
N THR B 210 -17.48 -26.63 28.56
CA THR B 210 -16.22 -25.91 28.57
C THR B 210 -15.80 -25.77 29.99
N THR B 211 -14.55 -26.12 30.27
CA THR B 211 -13.99 -26.06 31.58
C THR B 211 -12.90 -25.04 31.46
N THR B 212 -12.65 -24.34 32.53
CA THR B 212 -11.77 -23.23 32.49
C THR B 212 -10.93 -23.03 33.69
N VAL B 213 -9.93 -22.18 33.55
CA VAL B 213 -9.05 -21.81 34.64
C VAL B 213 -9.20 -20.30 34.70
N GLU B 214 -9.57 -19.78 35.86
CA GLU B 214 -9.74 -18.35 36.01
C GLU B 214 -8.77 -17.74 36.97
N ALA B 215 -8.30 -16.56 36.61
CA ALA B 215 -7.42 -15.79 37.46
C ALA B 215 -8.10 -14.49 37.83
N PHE B 216 -7.51 -13.78 38.78
CA PHE B 216 -8.05 -12.52 39.30
C PHE B 216 -6.97 -11.44 39.31
N ILE B 217 -7.35 -10.23 38.92
CA ILE B 217 -6.43 -9.12 39.00
C ILE B 217 -6.97 -8.24 40.12
N PRO B 218 -6.25 -8.17 41.22
CA PRO B 218 -6.64 -7.33 42.36
C PRO B 218 -6.87 -5.84 42.05
N GLU B 219 -5.99 -5.21 41.28
CA GLU B 219 -5.97 -3.74 41.22
C GLU B 219 -7.11 -3.12 40.41
N ASN B 220 -7.92 -3.97 39.75
CA ASN B 220 -9.13 -3.51 39.11
C ASN B 220 -10.30 -4.44 39.29
N GLY B 221 -10.16 -5.44 40.14
CA GLY B 221 -11.24 -6.37 40.46
C GLY B 221 -11.81 -7.17 39.32
N ARG B 222 -11.08 -7.22 38.20
CA ARG B 222 -11.60 -7.94 37.05
CA ARG B 222 -11.54 -7.91 36.99
C ARG B 222 -11.10 -9.38 37.07
N GLY B 223 -11.99 -10.31 36.72
CA GLY B 223 -11.64 -11.72 36.59
C GLY B 223 -11.28 -11.85 35.12
N ILE B 224 -10.46 -12.87 34.81
CA ILE B 224 -10.03 -13.17 33.46
C ILE B 224 -9.77 -14.66 33.28
N GLN B 225 -10.22 -15.16 32.14
CA GLN B 225 -10.00 -16.54 31.79
C GLN B 225 -8.58 -16.79 31.33
N ALA B 226 -7.92 -17.73 31.98
CA ALA B 226 -6.51 -18.01 31.82
C ALA B 226 -6.21 -19.01 30.73
N ALA B 227 -7.21 -19.81 30.42
CA ALA B 227 -7.09 -20.86 29.44
C ALA B 227 -8.40 -21.60 29.42
N THR B 228 -8.55 -22.55 28.52
CA THR B 228 -9.85 -23.17 28.30
C THR B 228 -9.67 -24.60 27.78
N SER B 229 -10.63 -25.47 28.10
CA SER B 229 -10.59 -26.92 27.70
C SER B 229 -12.02 -27.44 27.53
N HIS B 230 -12.42 -27.70 26.26
CA HIS B 230 -13.77 -28.10 25.92
C HIS B 230 -13.99 -29.59 25.76
N LEU B 231 -15.11 -30.08 26.29
CA LEU B 231 -15.65 -31.39 25.90
C LEU B 231 -16.59 -31.07 24.80
N LEU B 232 -16.22 -31.47 23.58
CA LEU B 232 -17.03 -31.09 22.44
C LEU B 232 -18.25 -32.03 22.18
N GLY B 233 -18.31 -33.21 22.77
CA GLY B 233 -19.33 -34.15 22.36
C GLY B 233 -19.09 -34.45 20.90
N THR B 234 -20.17 -34.56 20.14
CA THR B 234 -20.14 -35.12 18.81
C THR B 234 -20.70 -34.20 17.77
N ASN B 235 -21.10 -32.98 18.10
CA ASN B 235 -21.71 -32.16 17.04
C ASN B 235 -20.71 -31.87 15.94
N PHE B 236 -19.47 -31.58 16.30
CA PHE B 236 -18.49 -31.32 15.24
C PHE B 236 -18.32 -32.55 14.36
N ALA B 237 -18.28 -33.72 14.95
CA ALA B 237 -18.16 -34.97 14.18
C ALA B 237 -19.34 -35.16 13.23
N LYS B 238 -20.51 -34.75 13.69
CA LYS B 238 -21.68 -34.83 12.87
C LYS B 238 -21.54 -33.88 11.67
N MET B 239 -21.11 -32.66 11.97
CA MET B 239 -21.04 -31.55 11.04
C MET B 239 -19.98 -31.84 9.97
N PHE B 240 -18.81 -32.32 10.43
CA PHE B 240 -17.67 -32.67 9.51
C PHE B 240 -17.66 -34.13 9.06
N GLU B 241 -18.56 -34.95 9.61
CA GLU B 241 -18.71 -36.33 9.21
C GLU B 241 -17.45 -37.08 9.54
N ILE B 242 -17.08 -36.98 10.81
CA ILE B 242 -15.90 -37.66 11.29
C ILE B 242 -16.40 -38.88 12.01
N GLU B 243 -16.38 -40.00 11.28
CA GLU B 243 -17.08 -41.20 11.74
C GLU B 243 -16.15 -42.35 11.74
N PHE B 244 -16.33 -43.24 12.68
CA PHE B 244 -15.54 -44.47 12.63
C PHE B 244 -16.39 -45.72 12.70
N GLU B 245 -15.90 -46.75 12.02
CA GLU B 245 -16.43 -48.06 12.23
C GLU B 245 -15.90 -48.62 13.55
N ASP B 246 -16.80 -49.02 14.43
CA ASP B 246 -16.35 -49.58 15.71
C ASP B 246 -16.02 -51.06 15.48
N GLU B 247 -15.65 -51.80 16.53
CA GLU B 247 -15.03 -53.10 16.29
C GLU B 247 -16.04 -54.22 16.06
N GLU B 248 -17.33 -53.88 16.11
CA GLU B 248 -18.41 -54.75 15.67
C GLU B 248 -18.88 -54.34 14.28
N GLY B 249 -18.35 -53.25 13.76
CA GLY B 249 -18.67 -52.81 12.41
C GLY B 249 -19.68 -51.70 12.27
N HIS B 250 -20.15 -51.16 13.38
CA HIS B 250 -21.12 -50.09 13.31
C HIS B 250 -20.44 -48.72 13.24
N LYS B 251 -21.15 -47.77 12.68
CA LYS B 251 -20.59 -46.49 12.30
C LYS B 251 -20.86 -45.51 13.46
N ARG B 252 -19.80 -44.93 14.02
CA ARG B 252 -19.93 -44.07 15.20
C ARG B 252 -19.39 -42.68 14.94
N LEU B 253 -19.97 -41.69 15.61
CA LEU B 253 -19.37 -40.37 15.70
C LEU B 253 -18.22 -40.35 16.73
N VAL B 254 -17.15 -39.64 16.40
CA VAL B 254 -16.05 -39.45 17.34
C VAL B 254 -16.51 -38.49 18.39
N HIS B 255 -15.87 -38.50 19.56
CA HIS B 255 -16.14 -37.56 20.64
C HIS B 255 -14.85 -36.71 20.75
N GLN B 256 -15.02 -35.40 20.59
CA GLN B 256 -13.89 -34.56 20.34
C GLN B 256 -13.58 -33.67 21.50
N THR B 257 -12.33 -33.23 21.54
CA THR B 257 -11.85 -32.34 22.59
C THR B 257 -10.98 -31.23 21.99
N SER B 258 -11.09 -30.03 22.53
CA SER B 258 -10.31 -28.90 22.05
C SER B 258 -9.78 -28.08 23.23
N TRP B 259 -8.64 -27.42 23.05
CA TRP B 259 -8.08 -26.62 24.13
C TRP B 259 -7.04 -25.57 23.71
N GLY B 260 -6.99 -24.47 24.47
CA GLY B 260 -6.18 -23.35 24.08
C GLY B 260 -5.67 -22.47 25.20
N CYS B 261 -4.45 -21.99 25.01
CA CYS B 261 -3.82 -21.06 25.93
C CYS B 261 -2.88 -20.13 25.13
N THR B 262 -2.86 -18.85 25.49
CA THR B 262 -2.14 -17.84 24.72
C THR B 262 -1.14 -17.01 25.53
N THR B 263 -0.54 -16.10 24.76
CA THR B 263 0.34 -15.06 25.28
C THR B 263 -0.35 -14.19 26.30
N ARG B 264 -1.66 -14.37 26.49
CA ARG B 264 -2.35 -13.69 27.56
C ARG B 264 -1.64 -14.04 28.87
N SER B 265 -1.20 -15.28 28.95
CA SER B 265 -0.62 -15.79 30.17
C SER B 265 0.52 -14.87 30.72
N LEU B 266 1.32 -14.28 29.83
CA LEU B 266 2.44 -13.47 30.26
C LEU B 266 1.91 -12.23 30.95
N GLY B 267 0.85 -11.66 30.38
CA GLY B 267 0.21 -10.47 30.97
C GLY B 267 -0.42 -10.73 32.33
N VAL B 268 -0.90 -11.94 32.56
CA VAL B 268 -1.51 -12.25 33.83
C VAL B 268 -0.39 -12.30 34.85
N MET B 269 0.75 -12.84 34.46
CA MET B 269 1.92 -12.96 35.33
C MET B 269 2.47 -11.59 35.71
N ILE B 270 2.65 -10.74 34.71
CA ILE B 270 3.17 -9.39 34.88
C ILE B 270 2.29 -8.68 35.91
N MET B 271 0.98 -8.77 35.72
CA MET B 271 0.07 -8.03 36.57
C MET B 271 0.01 -8.56 37.98
N THR B 272 0.25 -9.87 38.13
CA THR B 272 0.21 -10.54 39.39
C THR B 272 1.36 -10.16 40.30
N HIS B 273 2.58 -10.20 39.81
CA HIS B 273 3.76 -9.98 40.66
C HIS B 273 4.40 -8.61 40.58
N GLY B 274 4.00 -7.78 39.63
CA GLY B 274 4.56 -6.45 39.55
C GLY B 274 4.28 -5.60 40.79
N ASP B 275 5.16 -4.64 41.06
CA ASP B 275 4.99 -3.72 42.18
C ASP B 275 5.38 -2.32 41.63
N ASP B 276 5.46 -1.34 42.54
CA ASP B 276 5.67 0.05 42.19
C ASP B 276 7.04 0.27 41.58
N LYS B 277 7.98 -0.57 41.94
CA LYS B 277 9.27 -0.55 41.23
C LYS B 277 9.17 -1.09 39.79
N GLY B 278 8.08 -1.81 39.46
CA GLY B 278 7.94 -2.45 38.15
C GLY B 278 7.78 -3.98 38.17
N LEU B 279 8.45 -4.66 37.25
CA LEU B 279 8.18 -6.09 37.11
C LEU B 279 8.89 -6.88 38.16
N VAL B 280 8.29 -8.02 38.49
CA VAL B 280 8.95 -9.06 39.27
C VAL B 280 8.63 -10.36 38.51
N ILE B 281 9.67 -11.01 37.97
CA ILE B 281 9.51 -12.19 37.14
C ILE B 281 9.82 -13.47 37.94
N PRO B 282 8.90 -14.46 37.96
CA PRO B 282 9.24 -15.69 38.72
C PRO B 282 10.51 -16.28 38.14
N PRO B 283 11.42 -16.72 39.02
CA PRO B 283 12.70 -17.34 38.65
C PRO B 283 12.58 -18.46 37.63
N ARG B 284 11.50 -19.24 37.66
CA ARG B 284 11.42 -20.37 36.73
C ARG B 284 11.29 -20.00 35.27
N VAL B 285 10.85 -18.79 34.99
CA VAL B 285 10.69 -18.38 33.58
C VAL B 285 11.57 -17.16 33.18
N ALA B 286 12.34 -16.66 34.15
CA ALA B 286 13.07 -15.43 34.00
C ALA B 286 14.16 -15.63 32.98
N SER B 287 14.24 -14.73 32.01
CA SER B 287 15.30 -14.80 31.02
C SER B 287 16.69 -14.81 31.72
N VAL B 288 16.90 -13.83 32.59
CA VAL B 288 18.06 -13.79 33.45
C VAL B 288 17.56 -13.99 34.89
N GLN B 289 18.23 -14.88 35.63
CA GLN B 289 17.91 -15.15 37.03
C GLN B 289 18.73 -14.27 37.95
N VAL B 290 19.99 -14.02 37.57
CA VAL B 290 20.94 -13.31 38.41
C VAL B 290 21.67 -12.32 37.56
N VAL B 291 21.42 -11.04 37.82
CA VAL B 291 22.21 -10.03 37.19
C VAL B 291 23.43 -9.75 38.06
N ILE B 292 24.62 -9.94 37.51
CA ILE B 292 25.82 -9.55 38.20
C ILE B 292 26.20 -8.11 37.87
N ILE B 293 26.33 -7.29 38.91
CA ILE B 293 26.65 -5.84 38.72
C ILE B 293 27.97 -5.42 39.38
N PRO B 294 29.02 -5.24 38.56
CA PRO B 294 30.34 -4.75 39.05
C PRO B 294 30.24 -3.31 39.51
N ILE B 295 30.66 -3.04 40.72
CA ILE B 295 30.56 -1.70 41.26
C ILE B 295 31.68 -0.82 40.80
N LEU B 296 31.48 -0.22 39.65
CA LEU B 296 32.45 0.62 39.04
C LEU B 296 31.86 1.93 38.63
N PHE B 297 32.70 2.96 38.64
CA PHE B 297 32.26 4.30 38.25
C PHE B 297 33.12 4.86 37.13
N THR B 302 39.85 -0.85 36.03
CA THR B 302 41.08 -1.57 36.34
C THR B 302 40.94 -3.02 35.94
N GLY B 303 39.80 -3.39 35.35
CA GLY B 303 39.56 -4.76 34.87
C GLY B 303 39.40 -5.91 35.88
N GLU B 304 40.02 -5.83 37.03
CA GLU B 304 40.04 -6.96 37.95
C GLU B 304 38.71 -7.42 38.45
N ILE B 305 37.76 -6.51 38.48
CA ILE B 305 36.43 -6.77 38.98
C ILE B 305 35.56 -7.57 38.02
N LEU B 306 35.63 -7.22 36.73
CA LEU B 306 35.04 -8.03 35.66
C LEU B 306 35.61 -9.44 35.67
N GLY B 307 36.92 -9.55 35.84
CA GLY B 307 37.61 -10.83 35.88
C GLY B 307 36.98 -11.81 36.83
N LYS B 308 36.54 -11.32 37.99
CA LYS B 308 35.94 -12.19 39.02
C LYS B 308 34.46 -12.38 38.77
N CYS B 309 33.84 -11.32 38.28
CA CYS B 309 32.46 -11.41 37.81
C CYS B 309 32.34 -12.52 36.73
N ARG B 310 33.35 -12.64 35.85
CA ARG B 310 33.43 -13.69 34.81
C ARG B 310 33.62 -15.10 35.39
N GLU B 311 34.51 -15.19 36.36
CA GLU B 311 34.70 -16.45 37.03
C GLU B 311 33.36 -16.83 37.62
N LEU B 312 32.76 -15.88 38.33
CA LEU B 312 31.50 -16.14 39.06
C LEU B 312 30.35 -16.58 38.19
N LYS B 313 30.23 -15.96 37.03
CA LYS B 313 29.22 -16.33 36.05
C LYS B 313 29.41 -17.78 35.61
N THR B 314 30.67 -18.17 35.44
CA THR B 314 31.02 -19.50 35.01
C THR B 314 30.59 -20.50 36.08
N MET B 315 30.90 -20.16 37.31
CA MET B 315 30.68 -21.03 38.43
C MET B 315 29.17 -21.26 38.62
N LEU B 316 28.39 -20.21 38.46
CA LEU B 316 26.95 -20.31 38.66
C LEU B 316 26.26 -21.12 37.53
N GLU B 317 26.73 -20.91 36.30
CA GLU B 317 26.16 -21.55 35.11
C GLU B 317 26.32 -23.07 35.09
N LYS B 318 27.02 -23.64 36.07
CA LYS B 318 27.06 -25.08 36.18
C LYS B 318 25.94 -25.53 37.10
N ALA B 319 25.31 -24.58 37.79
CA ALA B 319 24.11 -24.85 38.55
C ALA B 319 22.85 -24.70 37.70
N ASP B 320 23.02 -24.39 36.42
CA ASP B 320 21.91 -24.19 35.47
C ASP B 320 21.23 -22.84 35.65
N ILE B 321 21.91 -21.94 36.36
CA ILE B 321 21.44 -20.62 36.69
C ILE B 321 21.72 -19.68 35.53
N ARG B 322 20.73 -18.87 35.14
CA ARG B 322 20.85 -18.01 33.96
C ARG B 322 21.39 -16.63 34.39
N VAL B 323 22.60 -16.31 33.94
CA VAL B 323 23.31 -15.15 34.45
C VAL B 323 23.67 -14.18 33.36
N ARG B 324 23.51 -12.88 33.64
CA ARG B 324 24.11 -11.80 32.83
CA ARG B 324 24.15 -11.86 32.82
C ARG B 324 24.94 -10.86 33.70
N ILE B 325 26.13 -10.51 33.21
CA ILE B 325 26.94 -9.48 33.78
C ILE B 325 26.66 -8.22 33.01
N ASP B 326 26.26 -7.17 33.69
CA ASP B 326 26.04 -5.91 33.02
C ASP B 326 27.32 -5.14 33.19
N ASP B 327 28.18 -5.20 32.16
CA ASP B 327 29.46 -4.49 32.14
C ASP B 327 29.42 -3.16 31.30
N ARG B 328 28.22 -2.79 30.83
CA ARG B 328 28.06 -1.61 29.99
C ARG B 328 28.66 -0.33 30.61
N SER B 329 29.33 0.49 29.79
CA SER B 329 30.35 1.41 30.30
C SER B 329 29.87 2.60 31.15
N ASN B 330 28.97 3.43 30.62
CA ASN B 330 28.80 4.79 31.18
C ASN B 330 27.62 4.99 32.10
N TYR B 331 27.06 3.90 32.60
CA TYR B 331 25.96 4.01 33.54
C TYR B 331 26.54 3.74 34.93
N THR B 332 25.91 4.32 35.96
CA THR B 332 26.29 4.05 37.35
C THR B 332 25.76 2.65 37.81
N PRO B 333 26.24 2.14 38.96
CA PRO B 333 25.61 0.92 39.48
C PRO B 333 24.20 1.21 39.98
N GLY B 334 24.00 2.33 40.62
CA GLY B 334 22.67 2.72 41.03
C GLY B 334 21.74 2.64 39.82
N TRP B 335 22.19 3.21 38.71
CA TRP B 335 21.42 3.16 37.49
C TRP B 335 21.07 1.72 37.08
N LYS B 336 22.03 0.82 37.18
CA LYS B 336 21.80 -0.52 36.70
C LYS B 336 20.89 -1.23 37.66
N TYR B 337 21.07 -0.99 38.96
CA TYR B 337 20.23 -1.62 39.94
C TYR B 337 18.80 -1.34 39.57
N ASN B 338 18.52 -0.10 39.19
CA ASN B 338 17.16 0.31 38.95
C ASN B 338 16.63 -0.32 37.69
N HIS B 339 17.48 -0.37 36.68
CA HIS B 339 17.10 -0.91 35.36
C HIS B 339 16.70 -2.39 35.49
N TRP B 340 17.55 -3.19 36.12
CA TRP B 340 17.21 -4.59 36.34
C TRP B 340 16.05 -4.80 37.32
N GLU B 341 15.82 -3.88 38.24
CA GLU B 341 14.68 -3.97 39.11
C GLU B 341 13.45 -3.81 38.26
N VAL B 342 13.51 -2.80 37.39
CA VAL B 342 12.37 -2.48 36.55
C VAL B 342 12.04 -3.69 35.66
N LYS B 343 13.06 -4.43 35.26
CA LYS B 343 12.88 -5.66 34.48
C LYS B 343 12.45 -6.90 35.31
N GLY B 344 12.56 -6.80 36.62
CA GLY B 344 12.04 -7.83 37.47
C GLY B 344 12.89 -9.05 37.62
N VAL B 345 14.19 -8.89 37.36
CA VAL B 345 15.14 -9.98 37.59
C VAL B 345 15.07 -10.34 39.07
N PRO B 346 14.73 -11.59 39.37
CA PRO B 346 14.53 -11.91 40.77
C PRO B 346 15.75 -11.67 41.72
N LEU B 347 16.97 -11.73 41.22
CA LEU B 347 18.15 -11.58 42.08
C LEU B 347 19.29 -10.74 41.50
N ARG B 348 19.80 -9.81 42.29
CA ARG B 348 20.87 -8.95 41.81
C ARG B 348 22.09 -9.23 42.63
N LEU B 349 23.23 -9.39 41.98
CA LEU B 349 24.52 -9.68 42.65
C LEU B 349 25.54 -8.54 42.47
N GLU B 350 25.89 -7.89 43.58
CA GLU B 350 26.78 -6.72 43.60
C GLU B 350 28.20 -7.13 43.94
N LEU B 351 29.16 -6.82 43.05
CA LEU B 351 30.58 -7.01 43.35
C LEU B 351 31.38 -5.73 43.15
N GLY B 352 31.92 -5.24 44.27
CA GLY B 352 32.81 -4.11 44.27
C GLY B 352 34.13 -4.56 44.87
N PRO B 353 35.08 -3.62 44.99
CA PRO B 353 36.45 -3.93 45.44
C PRO B 353 36.47 -4.46 46.83
N LYS B 354 35.66 -3.85 47.69
CA LYS B 354 35.49 -4.32 49.06
C LYS B 354 35.15 -5.82 49.11
N ASP B 355 34.20 -6.22 48.26
CA ASP B 355 33.75 -7.63 48.13
C ASP B 355 34.82 -8.54 47.58
N LEU B 356 35.60 -8.05 46.62
CA LEU B 356 36.81 -8.77 46.19
C LEU B 356 37.68 -9.15 47.36
N ALA B 357 37.82 -8.23 48.29
CA ALA B 357 38.72 -8.40 49.42
C ALA B 357 38.21 -9.35 50.52
N LYS B 358 36.89 -9.52 50.66
CA LYS B 358 36.34 -10.41 51.68
C LYS B 358 35.98 -11.82 51.16
N GLY B 359 35.94 -12.00 49.85
CA GLY B 359 35.44 -13.25 49.25
C GLY B 359 33.93 -13.44 49.46
N THR B 360 33.19 -12.35 49.28
CA THR B 360 31.73 -12.34 49.43
C THR B 360 31.08 -11.50 48.33
N ALA B 361 29.79 -11.71 48.13
CA ALA B 361 28.99 -10.83 47.27
C ALA B 361 27.75 -10.46 48.03
N ARG B 362 27.29 -9.25 47.77
CA ARG B 362 26.02 -8.83 48.28
C ARG B 362 25.02 -9.22 47.22
N VAL B 363 24.00 -9.98 47.65
CA VAL B 363 22.88 -10.38 46.80
C VAL B 363 21.55 -9.73 47.26
N VAL B 364 20.78 -9.18 46.33
CA VAL B 364 19.52 -8.54 46.72
C VAL B 364 18.35 -9.17 45.96
N ARG B 365 17.29 -9.50 46.69
CA ARG B 365 16.19 -10.21 46.08
C ARG B 365 15.10 -9.24 45.76
N ARG B 366 14.66 -9.30 44.52
CA ARG B 366 13.76 -8.33 43.95
C ARG B 366 12.42 -8.23 44.64
N ASP B 367 11.85 -9.36 45.06
CA ASP B 367 10.48 -9.39 45.56
C ASP B 367 10.33 -8.61 46.85
N THR B 368 11.25 -8.82 47.80
CA THR B 368 11.16 -8.17 49.12
C THR B 368 12.28 -7.15 49.30
N GLY B 369 13.27 -7.11 48.42
CA GLY B 369 14.41 -6.25 48.62
C GLY B 369 15.41 -6.67 49.69
N GLU B 370 15.26 -7.85 50.26
CA GLU B 370 16.22 -8.32 51.27
C GLU B 370 17.60 -8.63 50.70
N ALA B 371 18.60 -8.32 51.51
CA ALA B 371 20.04 -8.43 51.16
C ALA B 371 20.73 -9.52 51.96
N TYR B 372 21.66 -10.21 51.32
CA TYR B 372 22.37 -11.31 51.93
C TYR B 372 23.83 -11.12 51.59
N GLN B 373 24.68 -11.32 52.60
CA GLN B 373 26.11 -11.49 52.40
C GLN B 373 26.36 -12.98 52.18
N ILE B 374 26.99 -13.33 51.06
CA ILE B 374 27.25 -14.73 50.75
C ILE B 374 28.68 -14.95 50.26
N SER B 375 29.34 -15.98 50.81
CA SER B 375 30.70 -16.31 50.40
C SER B 375 30.65 -16.89 48.97
N TRP B 376 31.67 -16.57 48.16
CA TRP B 376 31.82 -17.12 46.83
C TRP B 376 31.55 -18.63 46.68
N ALA B 377 32.09 -19.43 47.59
CA ALA B 377 31.89 -20.89 47.57
C ALA B 377 30.42 -21.32 47.70
N ASP B 378 29.66 -20.60 48.52
CA ASP B 378 28.26 -20.94 48.75
C ASP B 378 27.29 -20.34 47.75
N LEU B 379 27.77 -19.63 46.73
CA LEU B 379 26.84 -18.82 45.94
C LEU B 379 25.84 -19.69 45.18
N ALA B 380 26.31 -20.70 44.45
CA ALA B 380 25.39 -21.62 43.74
C ALA B 380 24.29 -22.20 44.66
N PRO B 381 24.66 -22.93 45.72
CA PRO B 381 23.62 -23.52 46.58
C PRO B 381 22.61 -22.51 47.17
N LYS B 382 23.13 -21.35 47.55
CA LYS B 382 22.32 -20.42 48.29
C LYS B 382 21.39 -19.64 47.34
N LEU B 383 21.86 -19.29 46.15
CA LEU B 383 21.01 -18.63 45.16
C LEU B 383 19.90 -19.54 44.66
N LEU B 384 20.18 -20.84 44.54
CA LEU B 384 19.15 -21.85 44.18
C LEU B 384 18.04 -21.92 45.18
N GLU B 385 18.43 -21.92 46.43
CA GLU B 385 17.52 -21.96 47.53
C GLU B 385 16.71 -20.69 47.52
N LEU B 386 17.37 -19.54 47.35
CA LEU B 386 16.66 -18.27 47.27
C LEU B 386 15.64 -18.21 46.12
N MET B 387 16.03 -18.73 44.97
CA MET B 387 15.14 -18.70 43.80
C MET B 387 13.91 -19.51 44.08
N GLU B 388 14.10 -20.63 44.74
CA GLU B 388 13.03 -21.46 45.22
C GLU B 388 12.11 -20.71 46.16
N GLY B 389 12.70 -19.98 47.11
CA GLY B 389 11.91 -19.25 48.13
C GLY B 389 11.13 -18.13 47.48
N ILE B 390 11.78 -17.43 46.53
CA ILE B 390 11.11 -16.38 45.78
C ILE B 390 9.93 -16.96 45.01
N GLN B 391 10.12 -18.09 44.34
CA GLN B 391 9.06 -18.67 43.48
C GLN B 391 7.86 -19.03 44.33
N ARG B 392 8.07 -19.92 45.30
CA ARG B 392 7.05 -20.29 46.29
C ARG B 392 6.27 -19.06 46.83
N SER B 393 7.03 -18.09 47.29
CA SER B 393 6.51 -16.92 47.97
C SER B 393 5.66 -15.99 47.07
N LEU B 394 6.06 -15.85 45.82
CA LEU B 394 5.25 -15.08 44.83
C LEU B 394 3.89 -15.72 44.66
N PHE B 395 3.89 -17.03 44.57
CA PHE B 395 2.66 -17.78 44.50
C PHE B 395 1.78 -17.66 45.74
N GLU B 396 2.33 -17.93 46.93
CA GLU B 396 1.55 -17.87 48.21
C GLU B 396 0.84 -16.54 48.45
N LYS B 397 1.59 -15.45 48.39
CA LYS B 397 1.05 -14.12 48.44
C LYS B 397 0.00 -13.87 47.39
N ALA B 398 0.25 -14.38 46.19
CA ALA B 398 -0.70 -14.23 45.12
C ALA B 398 -2.00 -14.98 45.45
N LYS B 399 -1.88 -16.19 45.98
CA LYS B 399 -3.00 -17.05 46.40
C LYS B 399 -3.84 -16.40 47.51
N ALA B 400 -3.14 -15.84 48.50
CA ALA B 400 -3.79 -15.06 49.54
C ALA B 400 -4.60 -13.95 48.93
N ARG B 401 -3.99 -13.14 48.05
CA ARG B 401 -4.73 -11.98 47.49
C ARG B 401 -5.94 -12.43 46.67
N LEU B 402 -5.80 -13.53 45.95
CA LEU B 402 -6.92 -14.10 45.23
C LEU B 402 -8.03 -14.38 46.21
N HIS B 403 -7.75 -15.21 47.22
CA HIS B 403 -8.80 -15.55 48.21
C HIS B 403 -9.38 -14.38 49.01
N GLU B 404 -8.58 -13.34 49.26
CA GLU B 404 -9.08 -12.09 49.84
C GLU B 404 -9.95 -11.28 48.84
N GLY B 405 -9.89 -11.65 47.57
CA GLY B 405 -10.68 -10.97 46.55
C GLY B 405 -12.04 -11.62 46.31
N ILE B 406 -12.36 -12.64 47.08
CA ILE B 406 -13.64 -13.37 46.93
C ILE B 406 -14.50 -13.34 48.21
N GLU B 407 -15.64 -12.64 48.11
CA GLU B 407 -16.68 -12.61 49.15
C GLU B 407 -17.78 -13.64 48.85
N LYS B 408 -17.91 -14.64 49.71
CA LYS B 408 -19.08 -15.51 49.71
C LYS B 408 -20.35 -14.67 50.05
N ILE B 409 -21.47 -14.91 49.38
CA ILE B 409 -22.68 -14.08 49.56
C ILE B 409 -23.97 -14.86 49.34
N SER B 410 -25.12 -14.16 49.43
CA SER B 410 -26.45 -14.78 49.45
C SER B 410 -27.56 -14.08 48.67
N THR B 411 -27.43 -12.79 48.44
CA THR B 411 -28.51 -12.02 47.82
C THR B 411 -27.96 -10.91 46.96
N PHE B 412 -28.73 -10.55 45.93
CA PHE B 412 -28.25 -9.65 44.88
C PHE B 412 -27.91 -8.25 45.38
N ASP B 413 -28.38 -7.94 46.58
CA ASP B 413 -28.12 -6.65 47.21
C ASP B 413 -26.69 -6.52 47.68
N GLU B 414 -26.02 -7.63 48.02
CA GLU B 414 -24.60 -7.59 48.49
C GLU B 414 -23.61 -7.47 47.31
N VAL B 415 -24.09 -7.11 46.13
CA VAL B 415 -23.30 -7.28 44.92
C VAL B 415 -22.63 -5.99 44.46
N MET B 416 -23.39 -4.96 44.10
CA MET B 416 -22.79 -3.69 43.69
C MET B 416 -21.72 -3.19 44.67
N PRO B 417 -21.90 -3.43 45.98
CA PRO B 417 -20.85 -2.93 46.88
C PRO B 417 -19.57 -3.76 46.85
N ALA B 418 -19.70 -5.08 46.71
CA ALA B 418 -18.50 -5.91 46.54
C ALA B 418 -17.87 -5.55 45.20
N LEU B 419 -18.69 -5.45 44.17
CA LEU B 419 -18.21 -4.94 42.90
C LEU B 419 -17.37 -3.67 43.09
N ASN B 420 -17.69 -2.87 44.12
CA ASN B 420 -16.96 -1.61 44.36
C ASN B 420 -15.76 -1.73 45.26
N ARG B 421 -15.67 -2.81 46.04
CA ARG B 421 -14.44 -3.15 46.76
C ARG B 421 -13.46 -3.88 45.81
N LYS B 422 -13.71 -3.77 44.50
CA LYS B 422 -12.98 -4.49 43.45
C LYS B 422 -12.83 -5.95 43.85
N HIS B 423 -13.95 -6.57 44.15
CA HIS B 423 -13.94 -7.96 44.54
C HIS B 423 -14.80 -8.78 43.60
N LEU B 424 -14.62 -10.10 43.68
CA LEU B 424 -15.47 -11.04 42.99
C LEU B 424 -16.34 -11.61 44.05
N VAL B 425 -17.35 -12.37 43.60
CA VAL B 425 -18.37 -12.91 44.50
C VAL B 425 -18.74 -14.34 44.17
N LEU B 426 -18.79 -15.15 45.22
CA LEU B 426 -19.18 -16.54 45.09
C LEU B 426 -20.59 -16.69 45.62
N ALA B 427 -21.51 -17.07 44.74
CA ALA B 427 -22.94 -17.03 45.05
C ALA B 427 -23.70 -18.29 44.61
N PRO B 428 -24.76 -18.67 45.35
CA PRO B 428 -25.57 -19.82 44.97
C PRO B 428 -26.47 -19.48 43.80
N TRP B 429 -26.40 -20.27 42.73
CA TRP B 429 -27.08 -19.87 41.49
C TRP B 429 -27.89 -21.01 40.93
N CYS B 430 -29.08 -20.71 40.41
CA CYS B 430 -29.93 -21.78 39.79
C CYS B 430 -29.44 -22.26 38.42
N GLU B 431 -28.59 -21.43 37.78
CA GLU B 431 -27.93 -21.71 36.51
C GLU B 431 -28.89 -21.60 35.34
N ASP B 432 -29.83 -20.67 35.41
CA ASP B 432 -30.66 -20.46 34.25
C ASP B 432 -30.04 -19.35 33.34
N PRO B 433 -29.82 -19.67 32.05
CA PRO B 433 -29.19 -18.77 31.08
C PRO B 433 -29.70 -17.32 31.04
N GLU B 434 -31.01 -17.14 30.93
CA GLU B 434 -31.56 -15.77 30.81
C GLU B 434 -31.35 -15.00 32.12
N SER B 435 -31.28 -15.69 33.25
CA SER B 435 -30.90 -15.03 34.50
C SER B 435 -29.52 -14.36 34.36
N GLU B 436 -28.53 -15.08 33.83
CA GLU B 436 -27.19 -14.51 33.62
C GLU B 436 -27.28 -13.25 32.77
N GLU B 437 -28.01 -13.33 31.67
CA GLU B 437 -28.14 -12.18 30.74
C GLU B 437 -28.92 -11.03 31.37
N GLN B 438 -29.80 -11.35 32.34
CA GLN B 438 -30.47 -10.33 33.17
C GLN B 438 -29.52 -9.67 34.17
N ILE B 439 -28.69 -10.49 34.80
CA ILE B 439 -27.76 -9.98 35.80
C ILE B 439 -26.70 -9.12 35.14
N LYS B 440 -26.19 -9.56 34.00
CA LYS B 440 -25.25 -8.74 33.25
C LYS B 440 -25.89 -7.41 32.89
N LYS B 441 -27.15 -7.45 32.44
CA LYS B 441 -27.83 -6.21 32.10
C LYS B 441 -27.94 -5.27 33.30
N GLU B 442 -28.46 -5.78 34.40
CA GLU B 442 -28.77 -4.88 35.49
C GLU B 442 -27.51 -4.23 36.01
N THR B 443 -26.46 -5.03 36.24
CA THR B 443 -25.17 -4.51 36.77
C THR B 443 -24.51 -3.46 35.83
N GLN B 444 -24.61 -3.66 34.51
CA GLN B 444 -24.19 -2.65 33.55
C GLN B 444 -24.99 -1.38 33.82
N LYS B 445 -26.32 -1.50 33.86
CA LYS B 445 -27.18 -0.36 34.17
C LYS B 445 -26.76 0.35 35.47
N LEU B 446 -26.58 -0.43 36.53
CA LEU B 446 -26.21 0.14 37.84
C LEU B 446 -24.90 0.91 37.74
N SER B 447 -23.92 0.26 37.12
CA SER B 447 -22.59 0.76 36.98
C SER B 447 -22.56 2.02 36.17
N GLU B 448 -23.37 2.04 35.13
CA GLU B 448 -23.47 3.18 34.29
C GLU B 448 -24.00 4.35 35.04
N ILE B 449 -25.00 4.11 35.90
CA ILE B 449 -25.53 5.18 36.71
C ILE B 449 -24.45 5.69 37.63
N GLN B 450 -23.69 4.79 38.20
CA GLN B 450 -22.65 5.21 39.11
C GLN B 450 -21.62 6.10 38.46
N ALA B 451 -21.24 5.76 37.24
CA ALA B 451 -20.22 6.46 36.48
C ALA B 451 -20.43 7.93 36.16
N ILE B 452 -21.65 8.30 35.80
CA ILE B 452 -21.96 9.70 35.51
C ILE B 452 -21.76 10.59 36.73
N GLU B 453 -22.12 10.07 37.90
CA GLU B 453 -21.91 10.80 39.11
C GLU B 453 -20.42 10.94 39.41
N GLY B 463 -17.90 -2.79 32.92
CA GLY B 463 -19.15 -2.46 33.63
C GLY B 463 -19.85 -3.69 34.24
N ALA B 464 -20.33 -4.58 33.36
CA ALA B 464 -21.20 -5.69 33.81
C ALA B 464 -20.46 -6.78 34.59
N MET B 465 -21.25 -7.57 35.29
CA MET B 465 -20.73 -8.68 36.02
C MET B 465 -21.19 -9.91 35.30
N LYS B 466 -20.27 -10.83 35.03
CA LYS B 466 -20.67 -12.09 34.44
C LYS B 466 -20.19 -13.26 35.27
N THR B 467 -20.63 -14.47 34.92
CA THR B 467 -20.06 -15.63 35.54
C THR B 467 -18.66 -15.74 35.00
N LEU B 468 -17.75 -16.15 35.87
CA LEU B 468 -16.43 -16.46 35.49
C LEU B 468 -16.37 -17.98 35.37
N CYS B 469 -16.74 -18.67 36.44
CA CYS B 469 -16.88 -20.11 36.39
C CYS B 469 -17.69 -20.62 37.57
N ILE B 470 -18.19 -21.84 37.39
CA ILE B 470 -18.84 -22.66 38.41
C ILE B 470 -17.73 -23.55 38.85
N PRO B 471 -17.12 -23.26 40.00
CA PRO B 471 -15.93 -24.02 40.43
C PRO B 471 -16.09 -25.51 40.67
N PHE B 472 -15.00 -26.24 40.45
CA PHE B 472 -14.88 -27.64 40.83
C PHE B 472 -14.96 -27.83 42.32
N ASP B 473 -14.32 -26.94 43.06
CA ASP B 473 -14.30 -26.98 44.53
C ASP B 473 -15.63 -26.40 45.04
N GLN B 474 -16.57 -27.29 45.32
CA GLN B 474 -17.91 -26.88 45.76
C GLN B 474 -18.05 -26.92 47.28
N PRO B 475 -18.14 -25.73 47.92
CA PRO B 475 -18.62 -25.70 49.27
C PRO B 475 -20.06 -26.25 49.37
N PRO B 476 -20.44 -26.73 50.56
CA PRO B 476 -21.75 -27.35 50.78
C PRO B 476 -22.88 -26.42 50.44
N MET B 477 -23.82 -26.92 49.66
CA MET B 477 -25.07 -26.23 49.41
C MET B 477 -26.05 -26.76 50.43
N PRO B 478 -26.29 -26.00 51.53
CA PRO B 478 -27.42 -26.36 52.42
C PRO B 478 -28.73 -26.48 51.64
N GLU B 479 -29.44 -27.59 51.87
CA GLU B 479 -30.74 -27.85 51.23
C GLU B 479 -31.64 -26.67 51.48
N GLY B 480 -32.30 -26.21 50.41
CA GLY B 480 -33.28 -25.15 50.49
C GLY B 480 -32.70 -23.77 50.18
N THR B 481 -31.37 -23.67 50.05
CA THR B 481 -30.74 -22.38 49.73
C THR B 481 -31.29 -21.88 48.41
N LYS B 482 -31.58 -20.58 48.35
CA LYS B 482 -32.24 -19.99 47.18
C LYS B 482 -31.26 -19.20 46.30
N CYS B 483 -31.59 -19.12 45.02
CA CYS B 483 -30.78 -18.40 44.07
C CYS B 483 -30.70 -16.94 44.49
N PHE B 484 -29.48 -16.50 44.64
CA PHE B 484 -29.18 -15.15 45.06
C PHE B 484 -29.79 -14.05 44.21
N TYR B 485 -30.36 -14.40 43.06
CA TYR B 485 -31.01 -13.41 42.23
C TYR B 485 -32.41 -13.78 41.75
N THR B 486 -32.69 -15.08 41.53
CA THR B 486 -34.04 -15.45 41.07
C THR B 486 -34.96 -15.74 42.22
N GLY B 487 -34.44 -16.32 43.29
CA GLY B 487 -35.28 -16.79 44.39
C GLY B 487 -35.65 -18.24 44.20
N LYS B 488 -35.37 -18.79 43.01
CA LYS B 488 -35.48 -20.24 42.77
C LYS B 488 -34.47 -21.07 43.59
N PRO B 489 -34.57 -22.42 43.50
CA PRO B 489 -33.58 -23.14 44.27
C PRO B 489 -32.19 -23.08 43.63
N ALA B 490 -31.19 -22.74 44.45
CA ALA B 490 -29.80 -22.68 44.00
C ALA B 490 -29.26 -24.09 43.67
N LYS B 491 -28.62 -24.27 42.51
CA LYS B 491 -27.91 -25.52 42.22
C LYS B 491 -26.51 -25.50 42.84
N ARG B 492 -25.55 -24.86 42.20
CA ARG B 492 -24.20 -24.84 42.72
C ARG B 492 -23.74 -23.42 42.98
N TRP B 493 -22.65 -23.30 43.72
CA TRP B 493 -22.01 -22.02 43.95
C TRP B 493 -21.32 -21.57 42.67
N THR B 494 -21.47 -20.29 42.33
CA THR B 494 -20.87 -19.73 41.15
C THR B 494 -20.12 -18.44 41.44
N LEU B 495 -18.98 -18.28 40.76
CA LEU B 495 -18.09 -17.16 40.97
C LEU B 495 -18.39 -16.13 39.90
N TRP B 496 -18.76 -14.93 40.31
CA TRP B 496 -19.10 -13.87 39.38
C TRP B 496 -18.15 -12.70 39.52
N GLY B 497 -18.05 -11.89 38.47
CA GLY B 497 -17.33 -10.64 38.56
C GLY B 497 -17.29 -9.80 37.29
N ARG B 498 -16.72 -8.61 37.43
CA ARG B 498 -16.31 -7.88 36.28
C ARG B 498 -15.16 -8.68 35.64
N SER B 499 -15.01 -8.50 34.35
CA SER B 499 -14.28 -9.45 33.58
C SER B 499 -13.43 -8.79 32.50
N TYR B 500 -12.31 -9.43 32.17
CA TYR B 500 -11.67 -9.21 30.88
C TYR B 500 -12.40 -10.04 29.81
N MET C 3 3.98 -49.76 0.16
CA MET C 3 3.11 -48.60 -0.22
C MET C 3 3.71 -47.84 -1.43
N VAL C 4 5.03 -47.65 -1.46
CA VAL C 4 5.66 -46.92 -2.58
C VAL C 4 5.92 -47.80 -3.84
N THR C 5 5.30 -47.40 -4.96
CA THR C 5 5.34 -48.11 -6.22
C THR C 5 6.05 -47.33 -7.31
N ALA C 6 6.09 -45.99 -7.23
CA ALA C 6 6.92 -45.24 -8.20
C ALA C 6 8.41 -45.40 -7.85
N LYS C 7 9.23 -45.41 -8.89
CA LYS C 7 10.65 -45.60 -8.72
C LYS C 7 11.36 -44.25 -8.70
N LYS C 8 12.29 -44.12 -7.74
CA LYS C 8 13.00 -42.89 -7.58
C LYS C 8 13.75 -42.49 -8.87
N ASP C 9 14.35 -43.45 -9.56
CA ASP C 9 15.09 -43.11 -10.79
C ASP C 9 14.25 -43.07 -12.09
N GLU C 10 13.01 -43.55 -12.07
CA GLU C 10 12.11 -43.37 -13.22
C GLU C 10 11.26 -42.09 -13.31
N ASN C 11 10.35 -41.89 -12.37
CA ASN C 11 9.46 -40.72 -12.36
C ASN C 11 9.71 -40.18 -10.92
N PHE C 12 10.57 -39.18 -10.85
CA PHE C 12 11.01 -38.60 -9.61
C PHE C 12 9.94 -37.81 -8.87
N SER C 13 9.24 -36.93 -9.57
CA SER C 13 8.14 -36.21 -8.93
C SER C 13 7.01 -37.07 -8.43
N GLU C 14 6.65 -38.11 -9.14
CA GLU C 14 5.59 -38.98 -8.63
CA GLU C 14 5.63 -39.06 -8.69
C GLU C 14 6.15 -39.75 -7.42
N TRP C 15 7.43 -40.06 -7.44
CA TRP C 15 8.08 -40.74 -6.32
C TRP C 15 8.04 -39.88 -5.05
N TYR C 16 8.44 -38.62 -5.21
CA TYR C 16 8.48 -37.66 -4.13
C TYR C 16 7.12 -37.51 -3.50
N THR C 17 6.09 -37.34 -4.35
CA THR C 17 4.68 -37.30 -3.90
C THR C 17 4.23 -38.52 -3.11
N GLN C 18 4.46 -39.69 -3.67
CA GLN C 18 4.14 -40.92 -2.94
C GLN C 18 4.86 -41.00 -1.60
N ALA C 19 6.11 -40.58 -1.59
CA ALA C 19 6.95 -40.70 -0.41
C ALA C 19 6.42 -39.82 0.69
N ILE C 20 6.00 -38.62 0.37
CA ILE C 20 5.63 -37.72 1.43
C ILE C 20 4.17 -37.91 1.81
N VAL C 21 3.39 -38.51 0.91
CA VAL C 21 1.97 -38.75 1.20
C VAL C 21 1.78 -40.06 1.95
N ARG C 22 2.39 -41.11 1.46
CA ARG C 22 2.19 -42.43 2.06
C ARG C 22 2.87 -42.60 3.39
N SER C 23 3.92 -41.80 3.66
CA SER C 23 4.55 -41.73 5.01
C SER C 23 3.79 -40.84 6.02
N GLU C 24 2.65 -40.26 5.60
CA GLU C 24 1.86 -39.34 6.44
C GLU C 24 2.66 -38.08 6.87
N MET C 25 3.51 -37.56 5.99
CA MET C 25 4.22 -36.34 6.25
C MET C 25 3.34 -35.18 5.88
N ILE C 26 2.59 -35.38 4.81
CA ILE C 26 1.88 -34.31 4.12
C ILE C 26 0.43 -34.70 3.86
N GLU C 27 -0.45 -33.72 3.93
CA GLU C 27 -1.85 -33.80 3.51
C GLU C 27 -2.18 -32.57 2.62
N TYR C 28 -3.06 -32.82 1.66
CA TYR C 28 -3.42 -31.88 0.63
C TYR C 28 -4.41 -30.90 1.17
N TYR C 29 -4.51 -29.77 0.48
CA TYR C 29 -5.32 -28.69 0.94
C TYR C 29 -5.86 -27.89 -0.27
N ASP C 30 -6.96 -27.21 -0.06
CA ASP C 30 -7.65 -26.54 -1.19
C ASP C 30 -7.09 -25.14 -1.47
N ILE C 31 -6.06 -24.69 -0.76
CA ILE C 31 -5.45 -23.41 -1.12
C ILE C 31 -4.08 -23.67 -1.75
N SER C 32 -3.99 -23.29 -3.02
CA SER C 32 -2.84 -23.61 -3.84
C SER C 32 -1.53 -23.21 -3.17
N GLY C 33 -0.59 -24.15 -3.19
CA GLY C 33 0.76 -23.96 -2.61
C GLY C 33 0.84 -24.07 -1.10
N CYS C 34 -0.23 -24.55 -0.44
CA CYS C 34 -0.23 -24.72 0.98
C CYS C 34 -0.55 -26.18 1.25
N TYR C 35 0.14 -26.72 2.24
CA TYR C 35 0.03 -28.13 2.54
C TYR C 35 0.00 -28.27 4.04
N ILE C 36 -0.61 -29.35 4.51
CA ILE C 36 -0.69 -29.64 5.92
C ILE C 36 0.54 -30.45 6.25
N MET C 37 1.26 -30.00 7.29
CA MET C 37 2.39 -30.71 7.80
C MET C 37 1.80 -31.56 8.90
N ARG C 38 1.85 -32.87 8.67
CA ARG C 38 1.49 -33.82 9.71
C ARG C 38 2.67 -34.14 10.66
N PRO C 39 2.39 -34.76 11.83
CA PRO C 39 3.42 -35.02 12.84
C PRO C 39 4.67 -35.71 12.36
N TRP C 40 4.55 -36.67 11.46
CA TRP C 40 5.77 -37.31 10.98
C TRP C 40 6.73 -36.27 10.32
N ALA C 41 6.24 -35.29 9.60
CA ALA C 41 7.14 -34.24 9.10
C ALA C 41 7.44 -33.20 10.17
N PHE C 42 6.41 -32.75 10.88
CA PHE C 42 6.62 -31.70 11.87
C PHE C 42 7.63 -32.04 12.99
N HIS C 43 7.71 -33.28 13.42
CA HIS C 43 8.65 -33.63 14.47
C HIS C 43 10.10 -33.47 14.01
N ILE C 44 10.35 -33.70 12.73
CA ILE C 44 11.70 -33.52 12.19
C ILE C 44 12.08 -32.02 12.18
N TRP C 45 11.09 -31.17 11.88
CA TRP C 45 11.29 -29.74 11.90
C TRP C 45 11.61 -29.23 13.30
N GLU C 46 10.85 -29.73 14.30
CA GLU C 46 11.11 -29.47 15.68
C GLU C 46 12.57 -29.81 16.05
N LYS C 47 13.14 -30.82 15.42
CA LYS C 47 14.45 -31.26 15.85
C LYS C 47 15.47 -30.31 15.30
N VAL C 48 15.43 -30.08 13.98
CA VAL C 48 16.29 -29.04 13.38
C VAL C 48 16.10 -27.64 13.98
N GLN C 49 14.88 -27.30 14.35
CA GLN C 49 14.64 -26.01 14.96
C GLN C 49 15.41 -25.87 16.30
N ARG C 50 15.28 -26.90 17.14
CA ARG C 50 15.97 -26.97 18.44
C ARG C 50 17.51 -26.90 18.31
N PHE C 51 18.01 -27.65 17.35
CA PHE C 51 19.43 -27.65 17.12
C PHE C 51 19.88 -26.26 16.81
N PHE C 52 19.25 -25.67 15.81
CA PHE C 52 19.61 -24.33 15.40
C PHE C 52 19.40 -23.36 16.53
N ASP C 53 18.25 -23.46 17.14
CA ASP C 53 17.91 -22.59 18.23
C ASP C 53 18.96 -22.56 19.31
N ASP C 54 19.29 -23.73 19.85
CA ASP C 54 20.28 -23.86 20.90
C ASP C 54 21.66 -23.37 20.44
N GLU C 55 21.91 -23.44 19.15
CA GLU C 55 23.19 -22.99 18.66
C GLU C 55 23.32 -21.48 18.56
N ILE C 56 22.26 -20.81 18.13
CA ILE C 56 22.29 -19.36 18.11
C ILE C 56 22.26 -18.78 19.52
N LYS C 57 21.52 -19.40 20.46
CA LYS C 57 21.55 -18.91 21.87
C LYS C 57 22.98 -18.82 22.45
N LYS C 58 23.86 -19.77 22.09
CA LYS C 58 25.26 -19.79 22.51
C LYS C 58 26.03 -18.58 21.99
N MET C 59 25.61 -18.09 20.84
CA MET C 59 26.16 -16.88 20.24
C MET C 59 25.55 -15.61 20.80
N GLY C 60 24.61 -15.68 21.75
CA GLY C 60 23.92 -14.43 22.26
C GLY C 60 22.66 -13.93 21.49
N VAL C 61 22.22 -14.69 20.48
CA VAL C 61 21.00 -14.42 19.75
C VAL C 61 19.79 -14.73 20.59
N GLU C 62 18.89 -13.75 20.67
CA GLU C 62 17.69 -13.87 21.45
C GLU C 62 16.49 -13.82 20.54
N ASN C 63 15.54 -14.71 20.82
CA ASN C 63 14.29 -14.76 20.12
C ASN C 63 13.34 -13.65 20.45
N SER C 64 12.58 -13.27 19.42
CA SER C 64 11.55 -12.25 19.51
C SER C 64 10.36 -12.63 18.65
N TYR C 65 9.27 -11.87 18.74
CA TYR C 65 8.16 -12.08 17.82
C TYR C 65 7.57 -10.78 17.48
N PHE C 66 7.77 -10.42 16.22
CA PHE C 66 7.28 -9.19 15.66
C PHE C 66 6.00 -9.55 14.88
N PRO C 67 5.13 -8.57 14.62
CA PRO C 67 3.81 -8.90 14.05
C PRO C 67 3.85 -9.46 12.67
N MET C 68 2.87 -10.27 12.35
CA MET C 68 2.77 -10.80 11.02
C MET C 68 2.27 -9.73 10.02
N PHE C 69 1.69 -8.65 10.48
CA PHE C 69 1.12 -7.62 9.60
C PHE C 69 2.01 -6.44 9.50
N VAL C 70 2.17 -5.93 8.27
CA VAL C 70 2.91 -4.67 8.08
C VAL C 70 2.02 -3.77 7.27
N SER C 71 1.94 -2.52 7.68
CA SER C 71 1.12 -1.53 6.98
C SER C 71 1.81 -1.16 5.66
N ARG C 72 0.99 -0.81 4.66
CA ARG C 72 1.43 -0.38 3.35
C ARG C 72 2.54 0.64 3.46
N HIS C 73 2.38 1.66 4.28
CA HIS C 73 3.37 2.71 4.24
C HIS C 73 4.71 2.27 4.81
N LYS C 74 4.70 1.28 5.69
CA LYS C 74 5.97 0.69 6.14
C LYS C 74 6.56 -0.28 5.14
N LEU C 75 5.73 -1.16 4.58
CA LEU C 75 6.28 -2.16 3.63
C LEU C 75 6.87 -1.46 2.42
N GLU C 76 6.23 -0.37 2.00
CA GLU C 76 6.61 0.26 0.73
C GLU C 76 7.52 1.46 0.93
N LYS C 77 8.18 1.52 2.08
CA LYS C 77 9.05 2.65 2.38
C LYS C 77 9.96 2.96 1.17
N GLY C 84 10.80 -6.88 -8.69
CA GLY C 84 9.75 -7.88 -8.91
C GLY C 84 9.34 -8.63 -7.65
N PHE C 85 9.27 -7.91 -6.52
CA PHE C 85 8.85 -8.47 -5.24
C PHE C 85 7.40 -8.20 -4.88
N SER C 86 6.87 -7.12 -5.41
CA SER C 86 5.54 -6.65 -5.15
C SER C 86 4.41 -7.62 -5.44
N PRO C 87 4.48 -8.42 -6.49
CA PRO C 87 3.39 -9.34 -6.82
C PRO C 87 3.12 -10.48 -5.86
N GLU C 88 4.08 -10.80 -5.04
CA GLU C 88 3.92 -11.85 -4.13
C GLU C 88 3.37 -11.45 -2.83
N VAL C 89 3.08 -10.17 -2.63
CA VAL C 89 2.66 -9.75 -1.32
C VAL C 89 1.16 -9.92 -1.21
N ALA C 90 0.75 -10.58 -0.14
CA ALA C 90 -0.67 -10.84 0.11
C ALA C 90 -1.20 -9.74 1.03
N TRP C 91 -2.28 -9.11 0.59
CA TRP C 91 -2.84 -7.92 1.20
C TRP C 91 -4.19 -8.17 1.80
N VAL C 92 -4.34 -7.78 3.07
CA VAL C 92 -5.61 -7.77 3.72
C VAL C 92 -6.20 -6.41 3.57
N THR C 93 -7.48 -6.34 3.22
CA THR C 93 -8.16 -5.06 3.01
C THR C 93 -9.46 -4.87 3.81
N HIS C 94 -9.98 -5.94 4.42
CA HIS C 94 -11.27 -5.88 5.10
C HIS C 94 -11.23 -6.72 6.40
N TYR C 95 -11.94 -6.25 7.40
CA TYR C 95 -12.28 -7.08 8.54
C TYR C 95 -13.79 -7.26 8.48
N GLY C 96 -14.27 -8.48 8.68
CA GLY C 96 -15.69 -8.78 8.46
C GLY C 96 -16.02 -8.28 7.07
N ASP C 97 -17.06 -7.46 6.94
CA ASP C 97 -17.35 -6.79 5.65
C ASP C 97 -17.04 -5.26 5.64
N SER C 98 -16.08 -4.83 6.46
CA SER C 98 -15.76 -3.41 6.61
C SER C 98 -14.36 -3.10 6.07
N PRO C 99 -14.18 -2.03 5.32
CA PRO C 99 -12.83 -1.73 4.82
C PRO C 99 -11.87 -1.17 5.89
N LEU C 100 -10.60 -1.56 5.81
CA LEU C 100 -9.58 -1.02 6.68
C LEU C 100 -9.30 0.42 6.24
N PRO C 101 -8.91 1.30 7.15
CA PRO C 101 -8.44 2.63 6.71
C PRO C 101 -7.29 2.61 5.69
N GLU C 102 -6.37 1.66 5.86
CA GLU C 102 -5.22 1.38 4.99
C GLU C 102 -5.03 -0.17 4.92
N LYS C 103 -4.63 -0.73 3.78
CA LYS C 103 -4.47 -2.14 3.64
C LYS C 103 -3.14 -2.56 4.36
N ILE C 104 -3.11 -3.80 4.76
CA ILE C 104 -1.99 -4.31 5.51
C ILE C 104 -1.58 -5.59 4.84
N ALA C 105 -0.28 -5.85 4.82
CA ALA C 105 0.19 -7.03 4.18
C ALA C 105 0.60 -8.01 5.25
N ILE C 106 0.48 -9.26 4.89
CA ILE C 106 0.99 -10.35 5.67
C ILE C 106 2.49 -10.38 5.36
N ARG C 107 3.33 -10.57 6.37
CA ARG C 107 4.78 -10.55 6.18
C ARG C 107 5.42 -11.61 5.25
N PRO C 108 6.11 -11.13 4.22
CA PRO C 108 6.87 -11.94 3.30
C PRO C 108 8.32 -12.13 3.79
N THR C 109 8.78 -11.19 4.56
CA THR C 109 10.06 -11.04 5.23
C THR C 109 9.91 -9.88 6.26
N SER C 110 10.79 -9.73 7.23
CA SER C 110 10.47 -8.78 8.27
C SER C 110 11.27 -7.49 8.37
N GLU C 111 12.09 -7.24 7.38
CA GLU C 111 12.95 -6.04 7.34
C GLU C 111 12.18 -4.76 7.73
N THR C 112 11.08 -4.51 7.02
CA THR C 112 10.24 -3.30 7.17
C THR C 112 9.46 -3.21 8.48
N ILE C 113 9.32 -4.34 9.14
CA ILE C 113 8.71 -4.46 10.48
C ILE C 113 9.78 -4.27 11.54
N MET C 114 10.96 -4.80 11.30
CA MET C 114 11.94 -4.87 12.37
C MET C 114 12.86 -3.68 12.38
N TYR C 115 13.27 -3.25 11.19
CA TYR C 115 14.31 -2.19 11.15
C TYR C 115 13.79 -0.82 11.71
N PRO C 116 12.49 -0.51 11.59
CA PRO C 116 12.17 0.76 12.30
C PRO C 116 12.26 0.65 13.81
N ALA C 117 11.98 -0.50 14.38
CA ALA C 117 12.23 -0.74 15.80
C ALA C 117 13.72 -0.66 16.11
N TYR C 118 14.54 -1.25 15.25
CA TYR C 118 16.00 -1.16 15.43
C TYR C 118 16.48 0.31 15.54
N ALA C 119 16.07 1.13 14.58
CA ALA C 119 16.27 2.62 14.64
C ALA C 119 15.92 3.22 15.98
N LYS C 120 14.78 2.87 16.51
CA LYS C 120 14.44 3.42 17.82
C LYS C 120 15.34 2.87 18.98
N TRP C 121 15.60 1.57 19.02
CA TRP C 121 16.33 0.97 20.14
C TRP C 121 17.84 1.21 20.18
N ILE C 122 18.44 1.43 19.03
CA ILE C 122 19.87 1.66 18.96
C ILE C 122 20.24 3.14 19.10
N ARG C 123 21.03 3.44 20.15
CA ARG C 123 21.51 4.80 20.42
C ARG C 123 23.02 4.92 20.47
N SER C 124 23.71 3.97 21.09
CA SER C 124 25.16 4.04 21.18
C SER C 124 25.80 2.67 21.18
N HIS C 125 27.13 2.68 21.10
CA HIS C 125 27.93 1.46 21.19
CA HIS C 125 27.93 1.46 21.19
C HIS C 125 27.45 0.55 22.31
N ARG C 126 27.00 1.15 23.42
CA ARG C 126 26.48 0.37 24.56
C ARG C 126 25.39 -0.64 24.17
N ASP C 127 24.71 -0.40 23.05
CA ASP C 127 23.50 -1.12 22.66
C ASP C 127 23.81 -2.21 21.70
N LEU C 128 25.05 -2.24 21.20
CA LEU C 128 25.47 -3.16 20.13
C LEU C 128 26.50 -4.17 20.65
N PRO C 129 26.57 -5.36 20.01
CA PRO C 129 25.74 -5.84 18.91
C PRO C 129 24.30 -6.09 19.36
N LEU C 130 23.34 -5.93 18.44
CA LEU C 130 21.92 -6.33 18.66
C LEU C 130 21.70 -7.56 17.81
N LYS C 131 21.23 -8.64 18.41
CA LYS C 131 21.12 -9.89 17.72
C LYS C 131 19.79 -10.56 18.04
N LEU C 132 18.92 -10.61 17.05
CA LEU C 132 17.60 -11.13 17.29
C LEU C 132 17.27 -12.10 16.23
N ASN C 133 16.39 -13.03 16.60
CA ASN C 133 15.87 -14.04 15.69
C ASN C 133 14.39 -14.19 15.90
N GLN C 134 13.69 -14.64 14.87
CA GLN C 134 12.35 -15.17 15.16
C GLN C 134 12.03 -16.36 14.31
N TRP C 135 11.33 -17.34 14.91
CA TRP C 135 10.72 -18.42 14.19
C TRP C 135 9.28 -17.99 13.83
N CYS C 136 8.93 -18.04 12.56
CA CYS C 136 7.56 -17.67 12.18
C CYS C 136 7.22 -18.23 10.87
N SER C 137 5.96 -18.00 10.47
CA SER C 137 5.57 -18.24 9.09
C SER C 137 5.65 -17.00 8.25
N VAL C 138 5.71 -17.27 6.95
CA VAL C 138 5.88 -16.27 5.93
C VAL C 138 5.00 -16.65 4.78
N VAL C 139 4.46 -15.60 4.13
CA VAL C 139 3.58 -15.77 2.97
C VAL C 139 4.08 -15.03 1.76
N ARG C 140 4.22 -15.75 0.66
CA ARG C 140 4.54 -15.17 -0.63
C ARG C 140 3.73 -15.86 -1.71
N TRP C 141 3.12 -15.09 -2.57
CA TRP C 141 2.28 -15.71 -3.56
C TRP C 141 3.17 -16.20 -4.69
N GLU C 142 3.88 -17.31 -4.48
CA GLU C 142 4.77 -17.83 -5.48
C GLU C 142 4.07 -18.00 -6.84
N PHE C 143 4.67 -17.45 -7.91
CA PHE C 143 4.26 -17.70 -9.28
C PHE C 143 4.67 -19.08 -9.80
N LYS C 144 5.84 -19.57 -9.42
CA LYS C 144 6.34 -20.87 -9.87
C LYS C 144 5.52 -21.94 -9.20
N GLN C 145 5.40 -23.07 -9.87
CA GLN C 145 4.51 -24.15 -9.50
C GLN C 145 4.86 -24.60 -8.09
N PRO C 146 3.84 -24.84 -7.27
CA PRO C 146 4.22 -25.13 -5.88
C PRO C 146 4.80 -26.51 -5.75
N THR C 147 5.70 -26.70 -4.79
CA THR C 147 6.18 -28.05 -4.43
C THR C 147 6.23 -28.22 -2.91
N PRO C 148 5.53 -29.22 -2.39
CA PRO C 148 5.59 -29.41 -0.92
C PRO C 148 7.03 -29.31 -0.40
N PHE C 149 7.17 -28.60 0.74
CA PHE C 149 8.44 -28.17 1.36
C PHE C 149 9.31 -27.15 0.63
N LEU C 150 9.61 -27.44 -0.64
CA LEU C 150 10.68 -26.77 -1.34
C LEU C 150 10.24 -25.44 -1.80
N ARG C 151 8.96 -25.34 -2.19
CA ARG C 151 8.42 -24.02 -2.59
C ARG C 151 6.90 -23.93 -2.38
N THR C 152 6.56 -23.27 -1.26
CA THR C 152 5.21 -23.21 -0.76
C THR C 152 4.85 -21.74 -0.52
N ARG C 153 3.54 -21.45 -0.54
CA ARG C 153 3.05 -20.06 -0.46
C ARG C 153 3.02 -19.58 0.96
N GLU C 154 2.73 -20.51 1.88
CA GLU C 154 3.03 -20.34 3.28
C GLU C 154 4.18 -21.28 3.62
N PHE C 155 5.24 -20.75 4.22
CA PHE C 155 6.28 -21.61 4.77
C PHE C 155 6.73 -21.18 6.14
N LEU C 156 7.37 -22.10 6.87
CA LEU C 156 7.96 -21.85 8.17
C LEU C 156 9.45 -21.57 8.01
N TRP C 157 9.93 -20.51 8.65
CA TRP C 157 11.33 -20.27 8.70
C TRP C 157 11.79 -19.69 10.04
N GLN C 158 13.08 -19.43 10.12
CA GLN C 158 13.60 -18.51 11.07
C GLN C 158 14.19 -17.42 10.26
N GLU C 159 14.20 -16.22 10.79
CA GLU C 159 14.99 -15.14 10.21
C GLU C 159 15.75 -14.41 11.30
N GLY C 160 17.04 -14.24 11.11
CA GLY C 160 17.82 -13.48 12.10
C GLY C 160 18.30 -12.18 11.47
N HIS C 161 18.29 -11.14 12.29
CA HIS C 161 18.68 -9.80 11.88
C HIS C 161 19.52 -9.23 12.98
N THR C 162 20.77 -8.95 12.67
CA THR C 162 21.69 -8.43 13.67
C THR C 162 22.27 -7.10 13.23
N ALA C 163 22.63 -6.29 14.22
CA ALA C 163 23.30 -5.01 13.93
C ALA C 163 24.55 -4.92 14.77
N HIS C 164 25.59 -4.35 14.16
CA HIS C 164 26.93 -4.31 14.75
C HIS C 164 27.63 -2.97 14.51
N ALA C 165 28.45 -2.56 15.48
CA ALA C 165 29.33 -1.37 15.38
C ALA C 165 30.29 -1.40 14.20
N THR C 166 30.77 -2.61 13.84
CA THR C 166 31.72 -2.76 12.71
C THR C 166 31.35 -3.82 11.66
N GLU C 167 31.85 -3.62 10.45
CA GLU C 167 31.70 -4.56 9.35
C GLU C 167 32.25 -5.90 9.70
N GLU C 168 33.34 -5.90 10.43
CA GLU C 168 34.09 -7.11 10.66
C GLU C 168 33.40 -8.08 11.59
N GLU C 169 32.95 -7.59 12.74
CA GLU C 169 32.11 -8.33 13.67
C GLU C 169 30.82 -8.92 12.97
N ALA C 170 30.14 -8.11 12.15
CA ALA C 170 29.03 -8.59 11.32
C ALA C 170 29.39 -9.75 10.43
N TRP C 171 30.39 -9.55 9.60
CA TRP C 171 30.91 -10.60 8.71
C TRP C 171 31.28 -11.89 9.47
N GLU C 172 31.92 -11.75 10.62
CA GLU C 172 32.23 -12.89 11.44
C GLU C 172 30.88 -13.59 11.73
N LEU C 173 29.83 -12.82 12.06
CA LEU C 173 28.55 -13.48 12.42
C LEU C 173 27.90 -14.15 11.20
N VAL C 174 27.96 -13.41 10.10
CA VAL C 174 27.46 -13.93 8.83
C VAL C 174 28.02 -15.35 8.69
N LEU C 175 29.33 -15.51 8.88
CA LEU C 175 29.99 -16.83 8.61
C LEU C 175 29.71 -17.85 9.71
N ASP C 176 29.61 -17.39 10.96
CA ASP C 176 29.19 -18.27 12.01
C ASP C 176 27.81 -18.88 11.73
N ILE C 177 26.91 -18.09 11.17
CA ILE C 177 25.54 -18.52 10.88
C ILE C 177 25.59 -19.55 9.79
N LEU C 178 26.41 -19.25 8.78
CA LEU C 178 26.51 -20.12 7.60
C LEU C 178 27.07 -21.53 7.97
N GLU C 179 27.99 -21.55 8.94
CA GLU C 179 28.53 -22.79 9.41
C GLU C 179 27.42 -23.53 10.18
N LEU C 180 26.62 -22.77 10.93
CA LEU C 180 25.47 -23.45 11.55
C LEU C 180 24.46 -23.95 10.53
N TYR C 181 24.41 -23.33 9.35
CA TYR C 181 23.58 -23.88 8.27
C TYR C 181 24.20 -25.14 7.68
N ARG C 182 25.52 -25.11 7.48
CA ARG C 182 26.16 -26.37 7.09
C ARG C 182 25.81 -27.48 8.08
N ARG C 183 25.76 -27.16 9.37
CA ARG C 183 25.52 -28.25 10.37
C ARG C 183 24.09 -28.74 10.30
N TRP C 184 23.14 -27.77 10.27
CA TRP C 184 21.77 -28.05 9.98
C TRP C 184 21.63 -29.15 8.93
N TYR C 185 22.34 -29.02 7.80
CA TYR C 185 22.20 -29.94 6.67
C TYR C 185 23.13 -31.15 6.75
N GLU C 186 24.43 -30.91 6.96
CA GLU C 186 25.37 -32.04 7.00
C GLU C 186 25.25 -32.81 8.34
N GLU C 187 25.16 -32.09 9.44
CA GLU C 187 25.24 -32.77 10.73
C GLU C 187 23.88 -33.39 11.17
N CYS C 188 22.82 -32.64 10.97
CA CYS C 188 21.49 -33.14 11.30
C CYS C 188 20.87 -33.97 10.17
N LEU C 189 20.78 -33.40 8.98
CA LEU C 189 20.01 -34.00 7.89
C LEU C 189 20.85 -34.90 7.02
N ALA C 190 22.14 -35.03 7.32
CA ALA C 190 23.08 -35.79 6.53
C ALA C 190 23.04 -35.42 5.03
N VAL C 191 22.81 -34.15 4.78
CA VAL C 191 22.83 -33.60 3.41
C VAL C 191 24.03 -32.73 3.21
N PRO C 192 24.87 -33.02 2.19
CA PRO C 192 26.04 -32.19 1.87
C PRO C 192 25.71 -30.90 1.14
N VAL C 193 26.42 -29.83 1.48
CA VAL C 193 26.21 -28.56 0.83
C VAL C 193 27.52 -27.90 0.58
N ILE C 194 27.50 -26.96 -0.36
CA ILE C 194 28.66 -26.16 -0.67
C ILE C 194 28.41 -24.78 -0.26
N LYS C 195 29.26 -24.29 0.61
CA LYS C 195 29.28 -22.93 1.04
C LYS C 195 29.81 -22.12 -0.08
N GLY C 196 29.37 -20.88 -0.17
CA GLY C 196 29.77 -20.04 -1.29
C GLY C 196 29.20 -18.65 -1.22
N GLU C 197 29.67 -17.83 -2.13
CA GLU C 197 29.30 -16.43 -2.24
C GLU C 197 28.42 -16.30 -3.49
N LYS C 198 27.33 -15.54 -3.41
CA LYS C 198 26.40 -15.40 -4.55
C LYS C 198 27.00 -14.45 -5.57
N SER C 199 26.66 -14.62 -6.86
CA SER C 199 27.03 -13.65 -7.90
C SER C 199 26.32 -12.36 -7.60
N GLU C 200 26.80 -11.27 -8.19
CA GLU C 200 26.09 -9.99 -8.18
C GLU C 200 24.61 -10.08 -8.60
N GLY C 201 24.31 -10.78 -9.68
CA GLY C 201 22.93 -10.90 -10.15
C GLY C 201 22.03 -11.75 -9.27
N GLU C 202 22.61 -12.73 -8.57
CA GLU C 202 21.84 -13.65 -7.74
C GLU C 202 21.74 -13.22 -6.29
N LYS C 203 22.49 -12.21 -5.88
CA LYS C 203 22.50 -11.88 -4.47
C LYS C 203 21.23 -11.08 -4.09
N PHE C 204 21.08 -10.83 -2.80
CA PHE C 204 19.99 -10.02 -2.31
C PHE C 204 20.37 -8.56 -2.58
N ALA C 205 19.56 -7.88 -3.38
CA ALA C 205 19.83 -6.49 -3.78
C ALA C 205 19.91 -5.51 -2.62
N GLY C 206 19.30 -5.82 -1.50
CA GLY C 206 19.47 -4.93 -0.35
C GLY C 206 20.70 -5.22 0.48
N GLY C 207 21.57 -6.11 0.02
CA GLY C 207 22.79 -6.40 0.76
C GLY C 207 24.03 -6.20 -0.05
N LYS C 208 25.14 -6.19 0.67
CA LYS C 208 26.46 -5.99 0.08
C LYS C 208 27.01 -7.31 -0.40
N LYS C 209 26.85 -8.38 0.38
CA LYS C 209 27.33 -9.69 0.00
C LYS C 209 26.40 -10.74 0.54
N THR C 210 26.03 -11.70 -0.28
CA THR C 210 25.14 -12.75 0.18
C THR C 210 25.99 -14.02 0.15
N THR C 211 25.99 -14.79 1.23
CA THR C 211 26.61 -16.12 1.21
C THR C 211 25.50 -17.10 1.27
N THR C 212 25.79 -18.28 0.76
CA THR C 212 24.80 -19.27 0.57
C THR C 212 25.33 -20.65 0.85
N VAL C 213 24.44 -21.58 1.08
CA VAL C 213 24.79 -22.96 1.16
C VAL C 213 23.97 -23.60 0.09
N GLU C 214 24.61 -24.36 -0.77
CA GLU C 214 23.85 -24.89 -1.90
C GLU C 214 23.85 -26.42 -1.92
N ALA C 215 22.72 -26.99 -2.32
CA ALA C 215 22.53 -28.43 -2.46
C ALA C 215 22.32 -28.87 -3.92
N PHE C 216 22.30 -30.17 -4.16
CA PHE C 216 22.15 -30.73 -5.51
C PHE C 216 21.19 -31.93 -5.48
N ILE C 217 20.18 -31.93 -6.36
CA ILE C 217 19.26 -33.07 -6.54
C ILE C 217 19.62 -33.82 -7.84
N PRO C 218 20.19 -35.03 -7.71
CA PRO C 218 20.71 -35.73 -8.91
C PRO C 218 19.63 -36.22 -9.90
N GLU C 219 18.51 -36.64 -9.40
CA GLU C 219 17.50 -37.21 -10.28
C GLU C 219 16.88 -36.20 -11.24
N ASN C 220 17.08 -34.89 -11.03
CA ASN C 220 16.71 -33.87 -12.03
C ASN C 220 17.84 -32.91 -12.30
N GLY C 221 19.04 -33.23 -11.84
CA GLY C 221 20.19 -32.35 -12.04
C GLY C 221 20.03 -30.92 -11.60
N ARG C 222 19.21 -30.66 -10.56
CA ARG C 222 18.97 -29.27 -10.09
C ARG C 222 19.70 -28.92 -8.80
N GLY C 223 20.33 -27.75 -8.84
CA GLY C 223 20.86 -27.12 -7.64
C GLY C 223 19.73 -26.43 -6.91
N ILE C 224 19.88 -26.30 -5.60
CA ILE C 224 18.87 -25.69 -4.80
C ILE C 224 19.53 -25.02 -3.60
N GLN C 225 19.16 -23.76 -3.41
CA GLN C 225 19.71 -23.01 -2.34
C GLN C 225 19.06 -23.45 -1.04
N ALA C 226 19.91 -23.75 -0.07
CA ALA C 226 19.56 -24.47 1.12
C ALA C 226 19.33 -23.51 2.28
N ALA C 227 19.93 -22.32 2.19
CA ALA C 227 19.89 -21.36 3.26
C ALA C 227 20.75 -20.23 2.83
N THR C 228 20.66 -19.12 3.53
CA THR C 228 21.36 -17.92 3.07
C THR C 228 21.71 -17.06 4.26
N SER C 229 22.79 -16.29 4.14
CA SER C 229 23.29 -15.42 5.16
C SER C 229 23.93 -14.22 4.51
N HIS C 230 23.50 -13.01 4.84
CA HIS C 230 24.03 -11.85 4.18
C HIS C 230 24.74 -10.82 4.98
N LEU C 231 25.71 -10.19 4.35
CA LEU C 231 26.38 -9.07 4.94
C LEU C 231 25.61 -7.94 4.28
N LEU C 232 24.87 -7.17 5.06
CA LEU C 232 24.02 -6.13 4.50
C LEU C 232 24.73 -4.77 4.44
N GLY C 233 25.84 -4.64 5.14
CA GLY C 233 26.57 -3.41 5.06
C GLY C 233 25.77 -2.36 5.79
N THR C 234 25.77 -1.16 5.23
CA THR C 234 25.18 0.00 5.90
C THR C 234 23.99 0.57 5.12
N ASN C 235 23.77 0.04 3.95
CA ASN C 235 22.58 0.30 3.17
C ASN C 235 21.27 0.42 3.99
N PHE C 236 20.83 -0.65 4.67
CA PHE C 236 19.59 -0.58 5.46
C PHE C 236 19.69 0.43 6.57
N ALA C 237 20.86 0.59 7.14
CA ALA C 237 20.97 1.53 8.23
C ALA C 237 20.77 2.99 7.70
N LYS C 238 21.10 3.20 6.44
CA LYS C 238 20.83 4.50 5.78
C LYS C 238 19.33 4.72 5.71
N MET C 239 18.66 3.77 5.05
CA MET C 239 17.26 3.88 4.71
C MET C 239 16.43 4.02 5.97
N PHE C 240 16.78 3.33 7.06
CA PHE C 240 15.99 3.41 8.31
C PHE C 240 16.62 4.23 9.39
N GLU C 241 17.76 4.84 9.07
CA GLU C 241 18.43 5.77 9.98
C GLU C 241 18.76 5.11 11.28
N ILE C 242 19.47 3.99 11.16
CA ILE C 242 19.89 3.20 12.31
C ILE C 242 21.32 3.63 12.62
N GLU C 243 21.48 4.50 13.61
CA GLU C 243 22.72 5.18 13.87
C GLU C 243 23.13 5.08 15.32
N PHE C 244 24.43 5.08 15.55
CA PHE C 244 24.90 4.99 16.89
C PHE C 244 26.06 6.00 17.10
N GLU C 245 26.11 6.53 18.30
CA GLU C 245 27.23 7.30 18.78
C GLU C 245 28.34 6.37 19.31
N ASP C 246 29.55 6.49 18.77
CA ASP C 246 30.69 5.66 19.22
C ASP C 246 31.37 6.30 20.46
N GLU C 247 32.49 5.71 20.90
CA GLU C 247 33.15 6.12 22.16
C GLU C 247 33.64 7.56 22.14
N GLU C 248 34.06 8.05 20.96
CA GLU C 248 34.50 9.44 20.83
C GLU C 248 33.35 10.45 20.71
N GLY C 249 32.10 10.00 20.84
CA GLY C 249 30.92 10.85 20.59
C GLY C 249 30.44 10.95 19.13
N HIS C 250 31.08 10.24 18.24
CA HIS C 250 30.69 10.29 16.84
C HIS C 250 29.51 9.42 16.43
N LYS C 251 28.71 9.90 15.48
CA LYS C 251 27.57 9.16 14.99
C LYS C 251 27.95 8.34 13.78
N ARG C 252 27.60 7.06 13.79
CA ARG C 252 27.89 6.18 12.67
C ARG C 252 26.67 5.35 12.35
N LEU C 253 26.75 4.70 11.19
CA LEU C 253 25.83 3.67 10.80
C LEU C 253 26.18 2.27 11.35
N VAL C 254 25.16 1.48 11.71
CA VAL C 254 25.39 0.11 12.13
C VAL C 254 25.62 -0.68 10.86
N HIS C 255 26.32 -1.81 11.02
CA HIS C 255 26.59 -2.79 9.98
C HIS C 255 25.72 -3.99 10.39
N GLN C 256 25.08 -4.59 9.40
CA GLN C 256 23.95 -5.47 9.65
C GLN C 256 24.05 -6.78 8.89
N THR C 257 23.38 -7.80 9.43
CA THR C 257 23.25 -9.13 8.83
C THR C 257 21.81 -9.63 8.90
N SER C 258 21.42 -10.38 7.91
CA SER C 258 20.24 -11.12 8.05
C SER C 258 20.48 -12.49 7.45
N TRP C 259 19.70 -13.47 7.92
CA TRP C 259 19.89 -14.87 7.52
C TRP C 259 18.64 -15.72 7.73
N GLY C 260 18.35 -16.63 6.80
CA GLY C 260 17.16 -17.49 6.94
C GLY C 260 17.30 -18.88 6.34
N CYS C 261 16.44 -19.78 6.82
CA CYS C 261 16.39 -21.16 6.39
C CYS C 261 14.99 -21.69 6.69
N THR C 262 14.44 -22.50 5.78
CA THR C 262 13.04 -22.89 5.92
C THR C 262 12.82 -24.40 5.91
N THR C 263 11.54 -24.77 5.99
CA THR C 263 11.01 -26.12 5.80
C THR C 263 11.38 -26.72 4.46
N ARG C 264 11.84 -25.90 3.54
CA ARG C 264 12.56 -26.50 2.40
C ARG C 264 13.60 -27.54 2.84
N SER C 265 14.24 -27.37 3.98
CA SER C 265 15.32 -28.27 4.39
C SER C 265 14.81 -29.70 4.52
N LEU C 266 13.60 -29.83 5.02
CA LEU C 266 12.98 -31.14 5.12
C LEU C 266 12.81 -31.84 3.75
N GLY C 267 12.55 -31.04 2.71
CA GLY C 267 12.27 -31.55 1.37
C GLY C 267 13.52 -32.05 0.72
N VAL C 268 14.57 -31.24 0.85
CA VAL C 268 15.92 -31.68 0.48
C VAL C 268 16.40 -33.00 1.18
N MET C 269 16.10 -33.16 2.44
CA MET C 269 16.43 -34.38 3.12
C MET C 269 15.69 -35.58 2.57
N ILE C 270 14.40 -35.43 2.31
CA ILE C 270 13.57 -36.49 1.76
C ILE C 270 14.15 -36.96 0.42
N MET C 271 14.53 -36.01 -0.40
CA MET C 271 14.95 -36.27 -1.76
C MET C 271 16.35 -36.86 -1.78
N THR C 272 17.18 -36.39 -0.86
CA THR C 272 18.50 -36.93 -0.79
C THR C 272 18.50 -38.41 -0.39
N HIS C 273 17.87 -38.76 0.72
CA HIS C 273 17.98 -40.15 1.25
C HIS C 273 16.82 -41.12 0.91
N GLY C 274 15.69 -40.66 0.40
CA GLY C 274 14.65 -41.62 0.04
C GLY C 274 15.14 -42.70 -0.96
N ASP C 275 14.52 -43.86 -0.95
CA ASP C 275 14.79 -44.87 -1.92
C ASP C 275 13.42 -45.45 -2.35
N ASP C 276 13.40 -46.55 -3.10
CA ASP C 276 12.14 -47.05 -3.72
C ASP C 276 11.06 -47.48 -2.74
N LYS C 277 11.41 -47.73 -1.48
CA LYS C 277 10.41 -48.12 -0.45
C LYS C 277 9.86 -46.93 0.34
N GLY C 278 10.43 -45.76 0.10
CA GLY C 278 9.99 -44.53 0.76
C GLY C 278 11.12 -43.79 1.50
N LEU C 279 10.77 -43.25 2.66
CA LEU C 279 11.66 -42.34 3.40
C LEU C 279 12.78 -43.11 4.02
N VAL C 280 13.93 -42.45 4.13
CA VAL C 280 15.01 -42.89 5.06
C VAL C 280 15.42 -41.65 5.90
N ILE C 281 15.03 -41.64 7.17
CA ILE C 281 15.27 -40.54 8.03
C ILE C 281 16.60 -40.77 8.77
N PRO C 282 17.59 -39.83 8.62
CA PRO C 282 18.88 -39.90 9.35
C PRO C 282 18.60 -39.93 10.84
N PRO C 283 19.26 -40.83 11.58
CA PRO C 283 18.90 -40.98 12.97
C PRO C 283 18.96 -39.68 13.80
N ARG C 284 19.85 -38.77 13.45
CA ARG C 284 19.99 -37.56 14.24
C ARG C 284 18.67 -36.77 14.32
N VAL C 285 17.79 -36.98 13.37
CA VAL C 285 16.56 -36.18 13.31
C VAL C 285 15.27 -37.00 13.37
N ALA C 286 15.33 -38.30 13.65
CA ALA C 286 14.13 -39.16 13.60
C ALA C 286 13.43 -39.12 14.94
N SER C 287 12.12 -39.09 14.96
CA SER C 287 11.37 -39.04 16.19
C SER C 287 11.43 -40.38 16.84
N VAL C 288 11.49 -41.40 15.99
CA VAL C 288 11.61 -42.79 16.37
C VAL C 288 12.84 -43.31 15.64
N GLN C 289 13.90 -43.57 16.39
CA GLN C 289 15.12 -44.10 15.80
C GLN C 289 14.97 -45.61 15.78
N VAL C 290 14.18 -46.12 16.71
CA VAL C 290 13.98 -47.54 16.80
C VAL C 290 12.54 -47.88 17.07
N VAL C 291 11.96 -48.78 16.27
CA VAL C 291 10.59 -49.21 16.49
C VAL C 291 10.58 -50.65 16.88
N ILE C 292 9.92 -50.97 17.98
CA ILE C 292 9.96 -52.30 18.54
C ILE C 292 8.64 -52.95 18.22
N ILE C 293 8.69 -54.09 17.53
CA ILE C 293 7.51 -54.77 17.06
C ILE C 293 7.41 -56.15 17.71
N PRO C 294 6.48 -56.30 18.67
CA PRO C 294 6.21 -57.57 19.30
C PRO C 294 5.54 -58.46 18.28
N ILE C 295 6.00 -59.69 18.18
CA ILE C 295 5.45 -60.63 17.24
C ILE C 295 4.78 -61.79 17.95
N LEU C 296 3.83 -61.51 18.84
CA LEU C 296 3.15 -62.57 19.58
C LEU C 296 2.24 -63.47 18.75
N ASN C 301 0.70 -65.99 26.36
CA ASN C 301 1.98 -65.49 25.93
C ASN C 301 1.96 -63.96 25.70
N THR C 302 0.92 -63.48 25.03
CA THR C 302 0.65 -62.04 24.93
C THR C 302 0.74 -61.50 26.36
N GLY C 303 1.63 -60.53 26.60
CA GLY C 303 1.77 -59.92 27.94
C GLY C 303 3.13 -60.14 28.55
N GLU C 304 3.63 -61.35 28.42
CA GLU C 304 5.01 -61.61 28.77
C GLU C 304 5.96 -60.89 27.77
N ILE C 305 5.58 -60.85 26.49
CA ILE C 305 6.43 -60.30 25.42
C ILE C 305 6.42 -58.77 25.45
N LEU C 306 5.25 -58.24 25.67
CA LEU C 306 5.05 -56.84 25.78
C LEU C 306 5.84 -56.33 26.96
N GLY C 307 5.93 -57.10 28.04
CA GLY C 307 6.70 -56.73 29.23
C GLY C 307 8.15 -56.56 28.93
N LYS C 308 8.73 -57.51 28.21
CA LYS C 308 10.11 -57.38 27.82
C LYS C 308 10.22 -56.22 26.89
N CYS C 309 9.26 -56.05 26.02
CA CYS C 309 9.33 -54.92 25.10
C CYS C 309 9.47 -53.63 25.92
N ARG C 310 8.61 -53.49 26.91
CA ARG C 310 8.64 -52.30 27.74
C ARG C 310 10.00 -52.11 28.38
N GLU C 311 10.63 -53.19 28.78
CA GLU C 311 11.93 -53.12 29.44
C GLU C 311 13.00 -52.74 28.46
N LEU C 312 13.02 -53.45 27.33
CA LEU C 312 13.99 -53.10 26.27
C LEU C 312 13.91 -51.64 25.93
N LYS C 313 12.70 -51.11 25.90
CA LYS C 313 12.51 -49.68 25.65
C LYS C 313 13.11 -48.76 26.73
N THR C 314 12.82 -49.03 27.99
CA THR C 314 13.44 -48.20 29.05
C THR C 314 14.98 -48.30 29.01
N MET C 315 15.47 -49.50 28.72
CA MET C 315 16.90 -49.73 28.69
C MET C 315 17.56 -48.85 27.66
N LEU C 316 17.05 -48.87 26.43
CA LEU C 316 17.60 -48.09 25.34
C LEU C 316 17.42 -46.61 25.59
N GLU C 317 16.30 -46.22 26.22
CA GLU C 317 16.08 -44.82 26.55
C GLU C 317 17.16 -44.23 27.48
N LYS C 318 17.68 -45.08 28.36
CA LYS C 318 18.83 -44.69 29.19
C LYS C 318 20.01 -44.26 28.33
N ALA C 319 20.16 -44.87 27.14
CA ALA C 319 21.19 -44.40 26.18
C ALA C 319 20.76 -43.18 25.32
N ASP C 320 19.59 -42.59 25.62
CA ASP C 320 18.98 -41.48 24.83
C ASP C 320 18.56 -41.91 23.41
N ILE C 321 18.16 -43.17 23.26
CA ILE C 321 17.64 -43.66 21.99
C ILE C 321 16.14 -43.41 22.03
N ARG C 322 15.64 -42.83 20.93
CA ARG C 322 14.23 -42.57 20.76
C ARG C 322 13.66 -43.91 20.39
N VAL C 323 12.59 -44.32 21.05
CA VAL C 323 12.00 -45.61 20.83
C VAL C 323 10.48 -45.58 20.90
N ARG C 324 9.85 -46.35 20.03
CA ARG C 324 8.45 -46.56 20.03
C ARG C 324 8.16 -48.05 19.96
N ILE C 325 7.28 -48.55 20.79
CA ILE C 325 6.83 -49.93 20.72
C ILE C 325 5.50 -49.84 19.96
N ASP C 326 5.41 -50.43 18.78
CA ASP C 326 4.16 -50.54 18.05
C ASP C 326 3.44 -51.81 18.49
N ASP C 327 2.60 -51.66 19.51
CA ASP C 327 1.96 -52.80 20.20
C ASP C 327 0.47 -52.91 19.90
N ARG C 328 0.08 -52.34 18.78
CA ARG C 328 -1.31 -52.28 18.40
C ARG C 328 -1.76 -53.66 17.97
N SER C 329 -2.85 -54.17 18.53
CA SER C 329 -3.36 -55.50 18.18
C SER C 329 -4.00 -55.54 16.82
N ASN C 330 -4.48 -54.39 16.36
CA ASN C 330 -5.31 -54.39 15.13
C ASN C 330 -4.54 -54.33 13.80
N TYR C 331 -3.21 -54.36 13.85
CA TYR C 331 -2.45 -54.51 12.63
C TYR C 331 -1.56 -55.72 12.76
N THR C 332 -1.33 -56.38 11.64
CA THR C 332 -0.38 -57.47 11.56
C THR C 332 1.06 -56.99 11.74
N PRO C 333 1.99 -57.90 12.11
CA PRO C 333 3.41 -57.69 12.06
C PRO C 333 3.88 -57.20 10.70
N GLY C 334 3.42 -57.84 9.63
CA GLY C 334 3.82 -57.43 8.28
C GLY C 334 3.37 -56.01 7.92
N TRP C 335 2.16 -55.67 8.30
CA TRP C 335 1.63 -54.34 8.03
C TRP C 335 2.44 -53.28 8.76
N LYS C 336 3.09 -53.67 9.85
CA LYS C 336 3.83 -52.70 10.65
C LYS C 336 5.20 -52.51 10.10
N TYR C 337 5.80 -53.62 9.65
CA TYR C 337 7.09 -53.54 8.96
C TYR C 337 7.00 -52.53 7.81
N ASN C 338 6.00 -52.66 6.97
CA ASN C 338 5.89 -51.76 5.82
C ASN C 338 5.60 -50.29 6.22
N HIS C 339 4.78 -50.13 7.25
CA HIS C 339 4.40 -48.82 7.76
C HIS C 339 5.68 -48.08 8.15
N TRP C 340 6.48 -48.69 9.03
CA TRP C 340 7.66 -47.99 9.57
C TRP C 340 8.76 -47.89 8.58
N GLU C 341 8.78 -48.77 7.58
CA GLU C 341 9.77 -48.64 6.50
C GLU C 341 9.51 -47.44 5.58
N VAL C 342 8.27 -47.30 5.13
CA VAL C 342 7.86 -46.19 4.34
C VAL C 342 8.14 -44.88 5.10
N LYS C 343 7.91 -44.90 6.40
CA LYS C 343 8.21 -43.76 7.26
C LYS C 343 9.72 -43.49 7.50
N GLY C 344 10.57 -44.48 7.23
CA GLY C 344 12.02 -44.28 7.27
C GLY C 344 12.68 -44.33 8.64
N VAL C 345 12.05 -45.07 9.54
CA VAL C 345 12.64 -45.36 10.84
C VAL C 345 13.99 -46.07 10.64
N PRO C 346 15.08 -45.54 11.22
CA PRO C 346 16.37 -46.19 11.02
C PRO C 346 16.44 -47.67 11.37
N LEU C 347 15.80 -48.09 12.47
CA LEU C 347 15.97 -49.46 12.92
C LEU C 347 14.70 -50.09 13.40
N ARG C 348 14.52 -51.37 13.07
CA ARG C 348 13.34 -52.13 13.49
C ARG C 348 13.77 -53.32 14.35
N LEU C 349 13.27 -53.38 15.59
CA LEU C 349 13.60 -54.42 16.49
C LEU C 349 12.38 -55.33 16.65
N GLU C 350 12.56 -56.57 16.20
CA GLU C 350 11.56 -57.63 16.27
C GLU C 350 11.79 -58.45 17.53
N LEU C 351 10.73 -58.69 18.30
CA LEU C 351 10.79 -59.56 19.48
C LEU C 351 9.58 -60.49 19.52
N GLY C 352 9.85 -61.77 19.22
CA GLY C 352 8.87 -62.84 19.37
C GLY C 352 9.25 -63.77 20.52
N PRO C 353 8.51 -64.85 20.69
CA PRO C 353 8.66 -65.70 21.88
C PRO C 353 9.96 -66.51 21.88
N LYS C 354 10.27 -67.06 20.72
CA LYS C 354 11.58 -67.64 20.47
C LYS C 354 12.68 -66.76 21.09
N ASP C 355 12.65 -65.46 20.77
CA ASP C 355 13.73 -64.53 21.15
C ASP C 355 13.80 -64.29 22.65
N LEU C 356 12.68 -64.57 23.31
CA LEU C 356 12.52 -64.25 24.69
C LEU C 356 13.44 -65.15 25.55
N ALA C 357 13.55 -66.44 25.23
CA ALA C 357 14.45 -67.35 26.00
C ALA C 357 15.89 -67.15 25.63
N LYS C 358 16.11 -66.81 24.36
CA LYS C 358 17.44 -66.72 23.79
C LYS C 358 18.18 -65.48 24.29
N GLY C 359 17.45 -64.57 24.94
CA GLY C 359 18.02 -63.31 25.40
C GLY C 359 18.48 -62.42 24.25
N THR C 360 17.85 -62.57 23.08
CA THR C 360 18.27 -61.87 21.86
C THR C 360 17.11 -61.12 21.19
N ALA C 361 17.46 -60.31 20.21
CA ALA C 361 16.48 -59.64 19.37
C ALA C 361 17.04 -59.43 17.99
N ARG C 362 16.15 -59.36 16.99
CA ARG C 362 16.55 -59.11 15.61
C ARG C 362 16.29 -57.64 15.22
N VAL C 363 17.33 -57.01 14.69
CA VAL C 363 17.32 -55.62 14.31
C VAL C 363 17.66 -55.50 12.81
N VAL C 364 16.84 -54.78 12.08
CA VAL C 364 17.05 -54.57 10.68
C VAL C 364 17.18 -53.09 10.50
N ARG C 365 18.17 -52.69 9.74
CA ARG C 365 18.43 -51.30 9.51
C ARG C 365 17.85 -50.90 8.14
N ARG C 366 17.30 -49.70 8.08
CA ARG C 366 16.46 -49.27 6.96
C ARG C 366 17.24 -48.89 5.70
N ASP C 367 18.45 -48.39 5.84
CA ASP C 367 19.19 -47.94 4.65
C ASP C 367 19.65 -49.07 3.74
N THR C 368 19.96 -50.24 4.31
CA THR C 368 20.44 -51.40 3.55
C THR C 368 19.56 -52.62 3.67
N GLY C 369 18.85 -52.75 4.79
CA GLY C 369 18.07 -53.98 5.07
C GLY C 369 18.91 -55.07 5.76
N GLU C 370 20.16 -54.78 6.12
CA GLU C 370 20.94 -55.76 6.83
C GLU C 370 20.39 -56.08 8.21
N ALA C 371 20.32 -57.38 8.51
CA ALA C 371 19.75 -57.85 9.76
C ALA C 371 20.83 -58.22 10.73
N TYR C 372 20.56 -58.00 12.03
CA TYR C 372 21.42 -58.41 13.13
C TYR C 372 20.66 -59.13 14.26
N GLN C 373 21.30 -60.14 14.86
CA GLN C 373 20.84 -60.83 16.07
C GLN C 373 21.70 -60.26 17.16
N ILE C 374 21.08 -59.57 18.10
CA ILE C 374 21.83 -58.93 19.13
C ILE C 374 21.24 -59.33 20.47
N SER C 375 22.11 -59.50 21.45
CA SER C 375 21.68 -59.92 22.77
C SER C 375 21.27 -58.71 23.54
N TRP C 376 20.38 -58.88 24.51
CA TRP C 376 19.87 -57.76 25.28
C TRP C 376 20.97 -56.86 25.84
N ALA C 377 22.05 -57.45 26.36
CA ALA C 377 23.09 -56.71 27.06
C ALA C 377 23.84 -55.80 26.12
N ASP C 378 23.96 -56.23 24.88
CA ASP C 378 24.71 -55.48 23.88
C ASP C 378 23.85 -54.46 23.09
N LEU C 379 22.54 -54.49 23.27
CA LEU C 379 21.64 -53.67 22.45
C LEU C 379 21.96 -52.21 22.49
N ALA C 380 21.97 -51.61 23.68
CA ALA C 380 22.22 -50.16 23.74
C ALA C 380 23.46 -49.79 22.95
N PRO C 381 24.59 -50.42 23.26
CA PRO C 381 25.78 -49.89 22.59
C PRO C 381 25.78 -50.19 21.11
N LYS C 382 25.30 -51.38 20.75
CA LYS C 382 25.27 -51.81 19.36
C LYS C 382 24.36 -50.89 18.53
N LEU C 383 23.17 -50.62 19.06
CA LEU C 383 22.25 -49.72 18.37
C LEU C 383 22.88 -48.34 18.19
N LEU C 384 23.55 -47.83 19.21
CA LEU C 384 24.22 -46.55 19.07
C LEU C 384 25.16 -46.59 17.91
N GLU C 385 25.86 -47.69 17.77
CA GLU C 385 26.88 -47.76 16.73
C GLU C 385 26.25 -47.81 15.35
N LEU C 386 25.21 -48.59 15.20
CA LEU C 386 24.47 -48.68 13.93
C LEU C 386 23.96 -47.30 13.47
N MET C 387 23.44 -46.52 14.42
CA MET C 387 22.94 -45.18 14.14
C MET C 387 24.04 -44.26 13.71
N GLU C 388 25.19 -44.33 14.37
CA GLU C 388 26.38 -43.59 13.90
C GLU C 388 26.71 -44.10 12.50
N GLY C 389 26.74 -45.42 12.34
CA GLY C 389 26.97 -46.00 10.99
C GLY C 389 26.00 -45.59 9.90
N ILE C 390 24.70 -45.57 10.24
CA ILE C 390 23.65 -45.13 9.30
C ILE C 390 23.76 -43.65 8.94
N GLN C 391 23.96 -42.83 9.95
CA GLN C 391 24.13 -41.39 9.76
C GLN C 391 25.28 -41.11 8.82
N ARG C 392 26.42 -41.76 9.06
CA ARG C 392 27.65 -41.44 8.33
C ARG C 392 27.55 -41.90 6.85
N SER C 393 27.13 -43.14 6.70
CA SER C 393 26.87 -43.71 5.40
C SER C 393 25.86 -42.88 4.57
N LEU C 394 24.71 -42.53 5.13
CA LEU C 394 23.80 -41.62 4.38
C LEU C 394 24.47 -40.34 3.90
N PHE C 395 25.21 -39.69 4.77
CA PHE C 395 25.89 -38.48 4.39
C PHE C 395 27.00 -38.76 3.35
N GLU C 396 27.71 -39.87 3.49
CA GLU C 396 28.87 -40.15 2.60
C GLU C 396 28.46 -40.51 1.20
N LYS C 397 27.40 -41.29 1.07
CA LYS C 397 26.87 -41.62 -0.25
C LYS C 397 26.29 -40.40 -0.91
N ALA C 398 25.68 -39.51 -0.12
CA ALA C 398 25.14 -38.30 -0.69
C ALA C 398 26.31 -37.41 -1.10
N LYS C 399 27.40 -37.44 -0.33
CA LYS C 399 28.55 -36.60 -0.66
C LYS C 399 29.13 -37.09 -1.90
N ALA C 400 29.16 -38.42 -2.06
CA ALA C 400 29.76 -38.97 -3.30
C ALA C 400 28.87 -38.61 -4.49
N ARG C 401 27.54 -38.67 -4.33
CA ARG C 401 26.65 -38.25 -5.45
C ARG C 401 26.75 -36.74 -5.77
N LEU C 402 26.92 -35.91 -4.74
CA LEU C 402 27.25 -34.51 -4.95
C LEU C 402 28.46 -34.32 -5.88
N HIS C 403 29.63 -34.86 -5.51
CA HIS C 403 30.84 -34.62 -6.27
C HIS C 403 30.93 -35.35 -7.62
N GLU C 404 30.19 -36.44 -7.76
CA GLU C 404 30.06 -37.09 -9.08
C GLU C 404 29.11 -36.31 -9.98
N GLY C 405 28.26 -35.49 -9.38
CA GLY C 405 27.37 -34.65 -10.13
C GLY C 405 27.95 -33.35 -10.61
N ILE C 406 29.25 -33.14 -10.39
CA ILE C 406 29.89 -31.89 -10.74
C ILE C 406 31.09 -32.09 -11.67
N GLU C 407 31.02 -31.48 -12.87
CA GLU C 407 32.10 -31.53 -13.88
C GLU C 407 32.89 -30.22 -14.03
N LYS C 408 34.19 -30.28 -13.79
CA LYS C 408 35.10 -29.12 -13.89
C LYS C 408 35.40 -28.91 -15.37
N ILE C 409 35.07 -27.74 -15.87
CA ILE C 409 35.15 -27.45 -17.27
C ILE C 409 35.88 -26.18 -17.57
N SER C 410 36.20 -26.00 -18.84
CA SER C 410 36.94 -24.84 -19.23
C SER C 410 36.33 -23.97 -20.27
N THR C 411 35.52 -24.56 -21.12
CA THR C 411 34.95 -23.87 -22.26
C THR C 411 33.47 -24.03 -22.35
N PHE C 412 32.80 -23.10 -23.00
CA PHE C 412 31.36 -23.21 -23.10
C PHE C 412 30.93 -24.44 -23.91
N ASP C 413 31.86 -25.02 -24.64
CA ASP C 413 31.53 -26.15 -25.49
C ASP C 413 31.12 -27.30 -24.61
N GLU C 414 31.65 -27.29 -23.38
CA GLU C 414 31.47 -28.35 -22.41
C GLU C 414 30.12 -28.31 -21.66
N VAL C 415 29.49 -27.14 -21.58
CA VAL C 415 28.29 -26.95 -20.75
C VAL C 415 27.11 -27.87 -21.09
N MET C 416 26.51 -27.66 -22.24
CA MET C 416 25.32 -28.36 -22.60
C MET C 416 25.48 -29.88 -22.48
N PRO C 417 26.65 -30.39 -22.89
CA PRO C 417 26.78 -31.82 -22.65
C PRO C 417 26.53 -32.14 -21.17
N ALA C 418 27.14 -31.35 -20.29
CA ALA C 418 27.12 -31.62 -18.87
C ALA C 418 25.70 -31.44 -18.30
N LEU C 419 25.00 -30.43 -18.81
CA LEU C 419 23.57 -30.25 -18.52
C LEU C 419 22.67 -31.39 -18.97
N ASN C 420 23.04 -32.15 -19.99
CA ASN C 420 22.25 -33.28 -20.45
C ASN C 420 22.47 -34.45 -19.55
N ARG C 421 23.64 -34.47 -18.93
CA ARG C 421 23.94 -35.50 -17.92
C ARG C 421 23.32 -35.18 -16.55
N LYS C 422 22.53 -34.09 -16.49
CA LYS C 422 21.93 -33.60 -15.26
C LYS C 422 23.04 -33.25 -14.27
N HIS C 423 24.11 -32.64 -14.76
CA HIS C 423 25.21 -32.29 -13.90
C HIS C 423 25.26 -30.79 -13.69
N LEU C 424 25.96 -30.39 -12.65
CA LEU C 424 26.38 -29.00 -12.51
C LEU C 424 27.78 -28.87 -13.10
N VAL C 425 28.17 -27.64 -13.34
CA VAL C 425 29.48 -27.38 -13.90
C VAL C 425 30.23 -26.38 -13.02
N LEU C 426 31.52 -26.66 -12.78
CA LEU C 426 32.41 -25.75 -12.09
C LEU C 426 33.34 -25.18 -13.15
N ALA C 427 33.36 -23.86 -13.29
CA ALA C 427 34.03 -23.24 -14.43
C ALA C 427 34.63 -21.92 -13.97
N PRO C 428 35.71 -21.48 -14.65
CA PRO C 428 36.31 -20.18 -14.36
C PRO C 428 35.52 -19.02 -14.96
N TRP C 429 35.36 -17.97 -14.19
CA TRP C 429 34.45 -16.93 -14.63
C TRP C 429 35.03 -15.56 -14.36
N CYS C 430 34.66 -14.58 -15.18
CA CYS C 430 35.16 -13.20 -14.99
C CYS C 430 34.27 -12.35 -14.06
N GLU C 431 33.14 -12.92 -13.62
CA GLU C 431 32.22 -12.30 -12.63
C GLU C 431 31.56 -11.02 -13.18
N ASP C 432 31.31 -10.99 -14.47
CA ASP C 432 30.62 -9.85 -15.04
C ASP C 432 29.11 -10.08 -15.07
N PRO C 433 28.34 -9.16 -14.48
CA PRO C 433 26.89 -9.31 -14.39
C PRO C 433 26.18 -9.79 -15.68
N GLU C 434 26.38 -9.07 -16.77
CA GLU C 434 25.72 -9.42 -18.03
C GLU C 434 26.06 -10.80 -18.55
N SER C 435 27.30 -11.20 -18.39
CA SER C 435 27.69 -12.53 -18.84
C SER C 435 26.72 -13.56 -18.26
N GLU C 436 26.28 -13.37 -17.02
CA GLU C 436 25.30 -14.28 -16.41
C GLU C 436 23.94 -14.24 -17.12
N GLU C 437 23.46 -13.04 -17.45
CA GLU C 437 22.17 -12.94 -18.17
C GLU C 437 22.19 -13.64 -19.51
N GLN C 438 23.24 -13.34 -20.28
CA GLN C 438 23.41 -13.89 -21.61
C GLN C 438 23.46 -15.40 -21.58
N ILE C 439 24.25 -15.94 -20.63
CA ILE C 439 24.45 -17.38 -20.46
C ILE C 439 23.16 -18.05 -20.04
N LYS C 440 22.46 -17.45 -19.09
CA LYS C 440 21.11 -17.90 -18.79
C LYS C 440 20.29 -17.97 -20.08
N LYS C 441 20.40 -16.91 -20.88
CA LYS C 441 19.65 -16.82 -22.14
C LYS C 441 20.14 -17.81 -23.20
N GLU C 442 21.44 -17.80 -23.47
CA GLU C 442 22.05 -18.82 -24.35
C GLU C 442 21.51 -20.20 -24.05
N THR C 443 21.63 -20.58 -22.78
CA THR C 443 21.38 -21.94 -22.32
C THR C 443 19.90 -22.32 -22.39
N GLN C 444 19.02 -21.38 -22.03
CA GLN C 444 17.59 -21.57 -22.18
C GLN C 444 17.27 -21.97 -23.60
N LYS C 445 17.79 -21.19 -24.56
CA LYS C 445 17.49 -21.36 -25.98
C LYS C 445 18.04 -22.69 -26.49
N LEU C 446 19.31 -22.97 -26.18
CA LEU C 446 19.92 -24.25 -26.51
C LEU C 446 19.20 -25.47 -25.90
N SER C 447 18.35 -25.25 -24.91
CA SER C 447 17.53 -26.32 -24.30
C SER C 447 16.19 -26.55 -25.03
N GLU C 448 15.63 -25.48 -25.60
CA GLU C 448 14.37 -25.56 -26.34
C GLU C 448 14.63 -26.08 -27.78
N ILE C 449 15.80 -25.73 -28.34
CA ILE C 449 16.24 -26.22 -29.67
C ILE C 449 16.20 -27.73 -29.70
N GLN C 450 16.83 -28.38 -28.72
CA GLN C 450 16.86 -29.83 -28.66
C GLN C 450 15.62 -30.43 -27.96
N ALA C 451 14.45 -29.84 -28.23
CA ALA C 451 13.18 -30.24 -27.59
C ALA C 451 11.98 -29.89 -28.48
N GLY C 463 14.74 -25.28 -17.99
CA GLY C 463 15.40 -24.59 -19.09
C GLY C 463 16.82 -24.16 -18.77
N ALA C 464 16.98 -22.93 -18.25
CA ALA C 464 18.29 -22.24 -18.13
C ALA C 464 19.24 -22.67 -17.01
N MET C 465 20.50 -22.30 -17.21
CA MET C 465 21.58 -22.60 -16.29
C MET C 465 22.03 -21.28 -15.65
N LYS C 466 22.04 -21.17 -14.33
CA LYS C 466 22.48 -19.92 -13.73
C LYS C 466 23.63 -20.13 -12.75
N THR C 467 24.16 -19.08 -12.16
CA THR C 467 25.11 -19.28 -11.09
C THR C 467 24.37 -19.72 -9.86
N LEU C 468 25.01 -20.67 -9.16
CA LEU C 468 24.60 -21.16 -7.87
C LEU C 468 25.43 -20.53 -6.75
N CYS C 469 26.75 -20.65 -6.81
CA CYS C 469 27.63 -19.85 -5.93
C CYS C 469 29.03 -19.89 -6.43
N ILE C 470 29.82 -18.94 -5.95
CA ILE C 470 31.24 -18.95 -6.13
C ILE C 470 31.75 -19.57 -4.85
N PRO C 471 32.23 -20.81 -4.94
CA PRO C 471 32.48 -21.59 -3.72
C PRO C 471 33.61 -21.04 -2.87
N PHE C 472 33.50 -21.16 -1.54
CA PHE C 472 34.61 -20.78 -0.64
C PHE C 472 35.77 -21.70 -0.99
N ASP C 473 35.45 -22.95 -1.33
CA ASP C 473 36.45 -23.92 -1.73
C ASP C 473 36.88 -23.70 -3.18
N GLN C 474 38.04 -23.09 -3.35
CA GLN C 474 38.49 -22.62 -4.66
C GLN C 474 39.58 -23.53 -5.18
N PRO C 475 39.40 -24.14 -6.33
CA PRO C 475 40.50 -24.90 -6.86
C PRO C 475 41.57 -23.93 -7.29
N PRO C 476 42.77 -24.45 -7.53
CA PRO C 476 43.86 -23.59 -7.92
C PRO C 476 43.57 -22.87 -9.19
N MET C 477 44.01 -21.63 -9.24
CA MET C 477 43.79 -20.81 -10.41
C MET C 477 45.12 -20.59 -11.07
N PRO C 478 45.19 -20.89 -12.35
CA PRO C 478 46.41 -20.70 -13.10
C PRO C 478 46.71 -19.24 -13.34
N GLU C 479 47.98 -18.98 -13.56
CA GLU C 479 48.47 -17.64 -13.75
C GLU C 479 47.78 -16.93 -14.89
N GLY C 480 47.36 -17.64 -15.91
CA GLY C 480 46.66 -16.95 -16.97
C GLY C 480 45.34 -17.48 -17.46
N THR C 481 44.65 -18.24 -16.62
CA THR C 481 43.42 -18.94 -16.98
C THR C 481 42.29 -18.05 -17.48
N LYS C 482 41.54 -18.49 -18.49
CA LYS C 482 40.54 -17.61 -19.06
C LYS C 482 39.05 -18.03 -18.91
N CYS C 483 38.22 -17.05 -18.52
CA CYS C 483 36.76 -17.18 -18.38
C CYS C 483 36.15 -18.04 -19.46
N PHE C 484 35.52 -19.13 -19.05
CA PHE C 484 34.94 -20.11 -19.98
C PHE C 484 33.90 -19.66 -20.99
N TYR C 485 33.45 -18.41 -20.90
CA TYR C 485 32.40 -17.90 -21.79
C TYR C 485 32.82 -16.64 -22.56
N THR C 486 33.41 -15.66 -21.88
CA THR C 486 33.77 -14.41 -22.56
C THR C 486 35.17 -14.40 -23.17
N GLY C 487 36.09 -15.22 -22.66
CA GLY C 487 37.47 -15.19 -23.10
C GLY C 487 38.29 -14.22 -22.25
N LYS C 488 37.63 -13.25 -21.63
CA LYS C 488 38.33 -12.30 -20.76
C LYS C 488 39.05 -13.07 -19.68
N PRO C 489 40.00 -12.46 -18.96
CA PRO C 489 40.61 -13.17 -17.84
C PRO C 489 39.56 -13.78 -16.90
N ALA C 490 39.86 -14.95 -16.34
CA ALA C 490 38.98 -15.53 -15.33
C ALA C 490 39.33 -14.87 -14.03
N LYS C 491 38.45 -15.01 -13.06
CA LYS C 491 38.63 -14.43 -11.73
C LYS C 491 38.57 -15.48 -10.65
N ARG C 492 37.47 -16.22 -10.62
CA ARG C 492 37.29 -17.26 -9.64
C ARG C 492 36.48 -18.37 -10.25
N TRP C 493 36.60 -19.53 -9.63
CA TRP C 493 35.89 -20.70 -10.09
C TRP C 493 34.47 -20.61 -9.56
N THR C 494 33.47 -20.82 -10.42
CA THR C 494 32.07 -20.58 -10.06
C THR C 494 31.26 -21.84 -10.36
N LEU C 495 30.26 -22.12 -9.54
CA LEU C 495 29.44 -23.31 -9.76
C LEU C 495 28.16 -22.93 -10.46
N TRP C 496 27.82 -23.61 -11.57
CA TRP C 496 26.65 -23.24 -12.38
C TRP C 496 25.70 -24.42 -12.51
N GLY C 497 24.44 -24.10 -12.77
CA GLY C 497 23.49 -25.16 -12.92
C GLY C 497 22.10 -24.69 -13.26
N ARG C 498 21.32 -25.67 -13.65
CA ARG C 498 19.90 -25.61 -13.67
C ARG C 498 19.53 -25.60 -12.15
N SER C 499 18.49 -24.84 -11.74
CA SER C 499 18.14 -24.78 -10.33
C SER C 499 16.65 -24.85 -10.02
N TYR C 500 16.28 -24.62 -8.76
CA TYR C 500 14.89 -24.39 -8.36
C TYR C 500 14.59 -22.89 -8.29
N MET D 3 -15.22 -0.05 -39.16
CA MET D 3 -14.88 -0.06 -40.62
C MET D 3 -15.41 1.18 -41.34
N VAL D 4 -14.52 1.89 -42.04
CA VAL D 4 -14.84 3.12 -42.82
C VAL D 4 -15.11 2.76 -44.32
N THR D 5 -16.21 3.30 -44.89
CA THR D 5 -16.63 3.01 -46.27
C THR D 5 -16.79 4.25 -47.16
N ALA D 6 -16.81 5.44 -46.59
CA ALA D 6 -16.83 6.61 -47.43
C ALA D 6 -15.40 7.00 -47.75
N LYS D 7 -15.22 7.52 -48.96
CA LYS D 7 -13.90 7.76 -49.53
C LYS D 7 -13.60 9.20 -49.25
N LYS D 8 -12.45 9.43 -48.64
CA LYS D 8 -12.01 10.78 -48.36
C LYS D 8 -12.13 11.72 -49.55
N ASP D 9 -11.72 11.24 -50.73
CA ASP D 9 -11.74 12.03 -51.96
C ASP D 9 -13.10 12.10 -52.70
N GLU D 10 -14.18 11.51 -52.16
CA GLU D 10 -15.50 11.53 -52.83
C GLU D 10 -16.46 12.34 -52.00
N ASN D 11 -16.90 11.83 -50.86
CA ASN D 11 -17.72 12.65 -49.97
C ASN D 11 -16.98 13.00 -48.67
N PHE D 12 -16.48 14.22 -48.61
CA PHE D 12 -15.51 14.55 -47.59
C PHE D 12 -16.16 14.67 -46.23
N SER D 13 -17.26 15.41 -46.15
CA SER D 13 -17.95 15.52 -44.87
C SER D 13 -18.47 14.19 -44.31
N GLU D 14 -18.85 13.25 -45.16
CA GLU D 14 -19.30 11.95 -44.63
C GLU D 14 -18.11 11.09 -44.19
N TRP D 15 -17.05 11.11 -45.00
CA TRP D 15 -15.75 10.58 -44.60
C TRP D 15 -15.31 11.04 -43.18
N TYR D 16 -15.39 12.35 -42.92
CA TYR D 16 -14.97 12.97 -41.67
C TYR D 16 -15.80 12.49 -40.50
N THR D 17 -17.09 12.50 -40.68
CA THR D 17 -17.99 11.97 -39.68
C THR D 17 -17.72 10.52 -39.39
N GLN D 18 -17.60 9.70 -40.42
CA GLN D 18 -17.30 8.27 -40.16
C GLN D 18 -15.99 8.14 -39.42
N ALA D 19 -14.99 8.91 -39.82
CA ALA D 19 -13.65 8.73 -39.25
C ALA D 19 -13.63 9.12 -37.79
N ILE D 20 -14.19 10.27 -37.47
CA ILE D 20 -14.24 10.66 -36.05
C ILE D 20 -15.19 9.81 -35.21
N VAL D 21 -16.23 9.23 -35.81
CA VAL D 21 -17.17 8.43 -35.03
C VAL D 21 -16.61 7.02 -34.83
N ARG D 22 -16.19 6.38 -35.90
CA ARG D 22 -15.79 4.97 -35.81
C ARG D 22 -14.44 4.80 -35.16
N SER D 23 -13.62 5.86 -35.11
CA SER D 23 -12.39 5.85 -34.29
C SER D 23 -12.66 6.04 -32.81
N GLU D 24 -13.92 6.36 -32.47
CA GLU D 24 -14.36 6.68 -31.09
C GLU D 24 -13.75 7.95 -30.51
N MET D 25 -13.54 8.94 -31.36
CA MET D 25 -13.03 10.22 -30.96
C MET D 25 -14.15 11.14 -30.54
N ILE D 26 -15.30 10.95 -31.20
CA ILE D 26 -16.41 11.90 -31.05
C ILE D 26 -17.73 11.17 -30.86
N GLU D 27 -18.55 11.62 -29.92
CA GLU D 27 -19.95 11.21 -29.79
C GLU D 27 -20.93 12.36 -30.01
N TYR D 28 -22.03 12.07 -30.69
CA TYR D 28 -22.98 13.09 -31.14
C TYR D 28 -23.81 13.50 -29.96
N TYR D 29 -24.36 14.73 -29.98
CA TYR D 29 -25.03 15.24 -28.80
C TYR D 29 -26.27 16.01 -29.15
N ASP D 30 -27.22 16.13 -28.23
CA ASP D 30 -28.55 16.69 -28.56
C ASP D 30 -28.51 18.24 -28.62
N ILE D 31 -27.61 18.85 -27.89
CA ILE D 31 -27.46 20.30 -28.00
C ILE D 31 -26.61 20.65 -29.19
N SER D 32 -27.29 21.14 -30.21
CA SER D 32 -26.67 21.52 -31.46
C SER D 32 -25.35 22.30 -31.32
N GLY D 33 -24.34 21.84 -32.03
CA GLY D 33 -23.04 22.50 -32.05
C GLY D 33 -22.08 22.02 -30.98
N CYS D 34 -22.56 21.11 -30.12
CA CYS D 34 -21.73 20.56 -29.06
C CYS D 34 -21.49 19.06 -29.30
N TYR D 35 -20.30 18.59 -28.98
CA TYR D 35 -19.96 17.20 -29.14
C TYR D 35 -19.17 16.71 -27.97
N ILE D 36 -19.36 15.42 -27.68
CA ILE D 36 -18.67 14.72 -26.64
C ILE D 36 -17.30 14.31 -27.17
N MET D 37 -16.28 14.58 -26.37
CA MET D 37 -14.88 14.28 -26.73
C MET D 37 -14.50 13.07 -25.95
N ARG D 38 -14.31 11.99 -26.64
CA ARG D 38 -14.03 10.71 -26.00
C ARG D 38 -12.53 10.63 -25.84
N PRO D 39 -12.04 9.68 -25.02
CA PRO D 39 -10.64 9.62 -24.64
C PRO D 39 -9.66 9.58 -25.78
N TRP D 40 -9.99 8.81 -26.83
CA TRP D 40 -9.12 8.79 -27.99
C TRP D 40 -8.89 10.21 -28.52
N ALA D 41 -9.90 11.07 -28.53
CA ALA D 41 -9.62 12.42 -28.98
C ALA D 41 -9.01 13.20 -27.81
N PHE D 42 -9.58 13.08 -26.60
CA PHE D 42 -9.09 13.88 -25.46
C PHE D 42 -7.56 13.73 -25.13
N HIS D 43 -7.03 12.53 -25.25
CA HIS D 43 -5.66 12.27 -24.90
C HIS D 43 -4.73 13.01 -25.86
N ILE D 44 -5.15 13.20 -27.10
CA ILE D 44 -4.37 13.99 -28.06
C ILE D 44 -4.35 15.46 -27.68
N TRP D 45 -5.46 15.96 -27.17
CA TRP D 45 -5.52 17.34 -26.69
C TRP D 45 -4.57 17.52 -25.52
N GLU D 46 -4.53 16.52 -24.65
CA GLU D 46 -3.64 16.50 -23.49
C GLU D 46 -2.19 16.67 -23.90
N LYS D 47 -1.77 15.97 -24.94
CA LYS D 47 -0.42 16.12 -25.44
C LYS D 47 -0.06 17.53 -26.00
N VAL D 48 -0.93 18.11 -26.81
CA VAL D 48 -0.62 19.43 -27.33
C VAL D 48 -0.70 20.44 -26.23
N GLN D 49 -1.57 20.18 -25.26
CA GLN D 49 -1.77 21.10 -24.15
C GLN D 49 -0.50 21.15 -23.33
N ARG D 50 0.09 19.97 -23.12
CA ARG D 50 1.26 19.86 -22.29
C ARG D 50 2.47 20.52 -23.02
N PHE D 51 2.65 20.19 -24.29
CA PHE D 51 3.68 20.77 -25.05
C PHE D 51 3.65 22.33 -24.95
N PHE D 52 2.49 22.92 -25.22
CA PHE D 52 2.33 24.36 -25.24
C PHE D 52 2.51 24.95 -23.87
N ASP D 53 2.00 24.23 -22.88
CA ASP D 53 2.04 24.67 -21.53
C ASP D 53 3.47 24.72 -21.03
N ASP D 54 4.23 23.68 -21.31
CA ASP D 54 5.63 23.65 -20.92
C ASP D 54 6.39 24.82 -21.55
N GLU D 55 6.14 25.06 -22.83
CA GLU D 55 6.86 26.06 -23.57
C GLU D 55 6.57 27.46 -23.08
N ILE D 56 5.31 27.76 -22.84
CA ILE D 56 5.04 29.12 -22.44
C ILE D 56 5.59 29.41 -21.04
N LYS D 57 5.60 28.35 -20.22
CA LYS D 57 6.18 28.41 -18.90
C LYS D 57 7.66 28.86 -19.04
N LYS D 58 8.40 28.35 -20.01
CA LYS D 58 9.80 28.80 -20.19
C LYS D 58 9.92 30.25 -20.52
N MET D 59 8.84 30.87 -21.01
CA MET D 59 8.79 32.34 -21.22
C MET D 59 8.30 33.07 -19.98
N GLY D 60 8.08 32.35 -18.89
CA GLY D 60 7.58 33.04 -17.68
C GLY D 60 6.07 33.27 -17.69
N VAL D 61 5.37 32.78 -18.68
CA VAL D 61 3.92 32.87 -18.61
C VAL D 61 3.41 31.98 -17.51
N GLU D 62 2.46 32.49 -16.76
CA GLU D 62 1.80 31.72 -15.70
C GLU D 62 0.32 31.53 -15.92
N ASN D 63 -0.11 30.37 -15.53
CA ASN D 63 -1.50 30.02 -15.58
C ASN D 63 -2.37 30.54 -14.43
N SER D 64 -3.65 30.75 -14.77
CA SER D 64 -4.62 31.21 -13.83
C SER D 64 -6.00 30.72 -14.22
N TYR D 65 -7.00 31.07 -13.40
CA TYR D 65 -8.37 30.80 -13.80
C TYR D 65 -9.30 31.93 -13.41
N PHE D 66 -9.86 32.62 -14.40
CA PHE D 66 -10.82 33.69 -14.12
C PHE D 66 -12.24 33.16 -14.36
N PRO D 67 -13.22 33.78 -13.72
CA PRO D 67 -14.56 33.25 -13.78
C PRO D 67 -15.10 33.12 -15.18
N MET D 68 -16.04 32.17 -15.35
CA MET D 68 -16.70 31.95 -16.65
C MET D 68 -17.91 32.89 -16.88
N PHE D 69 -18.26 33.69 -15.89
CA PHE D 69 -19.35 34.63 -16.02
C PHE D 69 -18.84 36.04 -16.02
N VAL D 70 -19.43 36.85 -16.89
CA VAL D 70 -19.19 38.25 -16.84
C VAL D 70 -20.52 38.99 -16.79
N SER D 71 -20.62 39.96 -15.90
CA SER D 71 -21.79 40.77 -15.76
C SER D 71 -22.07 41.54 -17.05
N ARG D 72 -23.33 41.86 -17.24
CA ARG D 72 -23.83 42.48 -18.46
C ARG D 72 -23.16 43.81 -18.76
N HIS D 73 -23.13 44.72 -17.81
CA HIS D 73 -22.62 46.06 -18.12
C HIS D 73 -21.10 46.05 -18.40
N LYS D 74 -20.36 45.11 -17.82
CA LYS D 74 -18.91 44.98 -18.12
C LYS D 74 -18.69 44.52 -19.56
N LEU D 75 -19.46 43.51 -19.94
CA LEU D 75 -19.30 42.91 -21.25
C LEU D 75 -19.74 43.91 -22.30
N GLU D 76 -20.85 44.59 -22.04
CA GLU D 76 -21.45 45.59 -22.94
C GLU D 76 -20.92 46.98 -22.53
N LYS D 77 -19.71 47.32 -22.93
CA LYS D 77 -19.06 48.58 -22.54
C LYS D 77 -18.50 49.48 -23.71
N GLU D 78 -18.18 48.92 -24.89
CA GLU D 78 -17.59 49.69 -26.01
C GLU D 78 -18.51 49.88 -27.23
N PHE D 85 -20.46 38.65 -32.84
CA PHE D 85 -20.12 38.99 -31.45
C PHE D 85 -21.37 39.09 -30.55
N SER D 86 -21.99 40.27 -30.40
CA SER D 86 -23.26 40.43 -29.70
C SER D 86 -24.24 39.25 -29.91
N PRO D 87 -24.46 38.78 -31.15
CA PRO D 87 -25.46 37.73 -31.33
C PRO D 87 -25.08 36.31 -30.85
N GLU D 88 -23.79 36.09 -30.60
CA GLU D 88 -23.28 34.75 -30.26
C GLU D 88 -23.21 34.54 -28.74
N VAL D 89 -23.36 35.62 -27.97
CA VAL D 89 -23.12 35.53 -26.54
C VAL D 89 -24.25 34.80 -25.85
N ALA D 90 -23.90 33.78 -25.05
CA ALA D 90 -24.89 33.04 -24.25
C ALA D 90 -25.16 33.71 -22.88
N TRP D 91 -26.45 33.92 -22.58
CA TRP D 91 -26.88 34.60 -21.38
C TRP D 91 -27.62 33.70 -20.39
N VAL D 92 -27.19 33.76 -19.14
CA VAL D 92 -27.83 33.03 -18.07
C VAL D 92 -28.74 34.06 -17.43
N THR D 93 -29.99 33.67 -17.21
CA THR D 93 -31.04 34.59 -16.72
C THR D 93 -31.70 34.09 -15.45
N HIS D 94 -31.52 32.81 -15.12
CA HIS D 94 -32.23 32.20 -14.00
C HIS D 94 -31.36 31.21 -13.21
N TYR D 95 -31.72 31.03 -11.95
CA TYR D 95 -31.24 29.97 -11.09
C TYR D 95 -32.50 29.33 -10.48
N GLY D 96 -32.64 28.02 -10.62
CA GLY D 96 -33.95 27.39 -10.49
C GLY D 96 -34.98 28.13 -11.32
N ASP D 97 -36.06 28.53 -10.66
CA ASP D 97 -37.16 29.26 -11.27
C ASP D 97 -37.02 30.75 -11.05
N SER D 98 -36.05 31.16 -10.25
CA SER D 98 -35.89 32.52 -9.86
C SER D 98 -35.07 33.25 -10.89
N PRO D 99 -35.52 34.45 -11.30
CA PRO D 99 -34.72 35.26 -12.21
C PRO D 99 -33.65 36.04 -11.49
N LEU D 100 -32.46 36.10 -12.08
CA LEU D 100 -31.42 36.91 -11.54
C LEU D 100 -31.81 38.37 -11.52
N PRO D 101 -31.20 39.16 -10.63
CA PRO D 101 -31.39 40.63 -10.63
C PRO D 101 -31.04 41.21 -11.99
N GLU D 102 -29.87 40.83 -12.49
CA GLU D 102 -29.28 41.19 -13.80
C GLU D 102 -28.77 39.88 -14.50
N LYS D 103 -29.12 39.66 -15.75
CA LYS D 103 -28.65 38.47 -16.47
C LYS D 103 -27.12 38.55 -16.54
N ILE D 104 -26.46 37.43 -16.81
CA ILE D 104 -25.03 37.31 -16.74
C ILE D 104 -24.59 36.52 -17.96
N ALA D 105 -23.41 36.78 -18.49
CA ALA D 105 -22.97 36.08 -19.72
C ALA D 105 -21.93 35.03 -19.45
N ILE D 106 -22.02 33.92 -20.19
CA ILE D 106 -20.96 32.99 -20.26
C ILE D 106 -19.85 33.55 -21.19
N ARG D 107 -18.62 33.43 -20.73
CA ARG D 107 -17.41 33.82 -21.44
C ARG D 107 -17.36 33.40 -22.91
N PRO D 108 -17.35 34.37 -23.78
CA PRO D 108 -17.10 34.17 -25.20
C PRO D 108 -15.59 34.31 -25.52
N THR D 109 -14.95 35.11 -24.71
CA THR D 109 -13.58 35.51 -24.63
C THR D 109 -13.43 36.23 -23.26
N SER D 110 -12.21 36.36 -22.77
CA SER D 110 -11.99 36.94 -21.43
C SER D 110 -11.49 38.35 -21.20
N GLU D 111 -11.30 39.14 -22.23
CA GLU D 111 -10.74 40.50 -22.10
C GLU D 111 -11.49 41.30 -21.02
N THR D 112 -12.82 41.22 -21.00
CA THR D 112 -13.62 42.07 -20.07
C THR D 112 -13.64 41.54 -18.66
N ILE D 113 -13.11 40.33 -18.47
CA ILE D 113 -13.06 39.70 -17.17
C ILE D 113 -11.69 39.94 -16.60
N MET D 114 -10.69 39.79 -17.45
CA MET D 114 -9.29 39.92 -17.01
C MET D 114 -8.82 41.38 -16.89
N TYR D 115 -9.23 42.24 -17.83
CA TYR D 115 -8.56 43.54 -17.95
C TYR D 115 -8.81 44.49 -16.79
N PRO D 116 -10.02 44.48 -16.19
CA PRO D 116 -10.13 45.31 -14.96
C PRO D 116 -9.20 44.92 -13.80
N ALA D 117 -8.87 43.65 -13.69
CA ALA D 117 -7.89 43.18 -12.68
C ALA D 117 -6.50 43.64 -13.01
N TYR D 118 -6.20 43.74 -14.29
CA TYR D 118 -4.92 44.25 -14.77
C TYR D 118 -4.72 45.74 -14.41
N ALA D 119 -5.75 46.52 -14.72
CA ALA D 119 -5.76 47.93 -14.38
C ALA D 119 -5.42 48.05 -12.90
N LYS D 120 -6.06 47.22 -12.08
CA LYS D 120 -5.73 47.16 -10.65
C LYS D 120 -4.36 46.65 -10.21
N TRP D 121 -3.81 45.61 -10.84
CA TRP D 121 -2.56 44.99 -10.35
C TRP D 121 -1.32 45.70 -10.81
N ILE D 122 -1.45 46.38 -11.97
CA ILE D 122 -0.34 47.04 -12.62
C ILE D 122 -0.33 48.47 -12.11
N ARG D 123 0.78 48.87 -11.50
CA ARG D 123 0.91 50.22 -10.93
C ARG D 123 2.20 50.88 -11.37
N SER D 124 3.31 50.14 -11.37
CA SER D 124 4.57 50.67 -11.85
C SER D 124 5.27 49.78 -12.87
N HIS D 125 6.35 50.32 -13.42
CA HIS D 125 7.25 49.55 -14.26
C HIS D 125 7.69 48.26 -13.62
N ARG D 126 7.66 48.15 -12.30
CA ARG D 126 8.13 46.93 -11.62
C ARG D 126 7.18 45.75 -11.77
N ASP D 127 5.94 46.04 -12.16
CA ASP D 127 4.88 45.04 -12.25
C ASP D 127 4.78 44.47 -13.66
N LEU D 128 5.74 44.81 -14.53
CA LEU D 128 5.72 44.39 -15.93
C LEU D 128 7.03 43.67 -16.27
N PRO D 129 7.02 42.77 -17.26
CA PRO D 129 5.84 42.26 -17.95
C PRO D 129 4.92 41.39 -17.07
N LEU D 130 3.62 41.60 -17.18
CA LEU D 130 2.63 40.69 -16.58
C LEU D 130 2.21 39.68 -17.65
N LYS D 131 2.49 38.39 -17.43
CA LYS D 131 2.16 37.39 -18.43
C LYS D 131 1.25 36.28 -17.90
N LEU D 132 0.02 36.24 -18.37
CA LEU D 132 -0.92 35.23 -17.89
C LEU D 132 -1.58 34.45 -18.98
N ASN D 133 -1.86 33.20 -18.67
CA ASN D 133 -2.63 32.31 -19.53
C ASN D 133 -3.70 31.63 -18.75
N GLN D 134 -4.72 31.17 -19.46
CA GLN D 134 -5.64 30.17 -18.91
C GLN D 134 -6.10 29.19 -19.94
N TRP D 135 -6.40 28.00 -19.47
CA TRP D 135 -6.99 26.90 -20.22
C TRP D 135 -8.44 26.86 -19.79
N CYS D 136 -9.37 26.98 -20.73
CA CYS D 136 -10.78 26.94 -20.37
C CYS D 136 -11.67 26.67 -21.55
N SER D 137 -12.95 26.58 -21.24
CA SER D 137 -13.95 26.48 -22.26
C SER D 137 -14.58 27.82 -22.50
N VAL D 138 -15.05 27.95 -23.74
CA VAL D 138 -15.62 29.14 -24.25
C VAL D 138 -16.93 28.76 -24.94
N VAL D 139 -17.90 29.66 -24.83
CA VAL D 139 -19.16 29.46 -25.47
C VAL D 139 -19.45 30.60 -26.42
N ARG D 140 -19.76 30.23 -27.66
CA ARG D 140 -20.26 31.14 -28.67
C ARG D 140 -21.37 30.47 -29.46
N TRP D 141 -22.46 31.18 -29.68
CA TRP D 141 -23.58 30.57 -30.39
C TRP D 141 -23.36 30.74 -31.90
N GLU D 142 -22.41 29.98 -32.39
CA GLU D 142 -21.95 30.11 -33.76
C GLU D 142 -23.17 30.09 -34.72
N PHE D 143 -23.28 31.10 -35.57
CA PHE D 143 -24.35 31.11 -36.60
C PHE D 143 -24.04 30.18 -37.76
N LYS D 144 -22.76 30.05 -38.09
CA LYS D 144 -22.33 29.15 -39.14
C LYS D 144 -22.56 27.72 -38.75
N GLN D 145 -22.52 26.88 -39.75
CA GLN D 145 -22.64 25.45 -39.63
C GLN D 145 -21.58 24.89 -38.67
N PRO D 146 -21.99 24.10 -37.68
CA PRO D 146 -20.99 23.61 -36.78
C PRO D 146 -20.30 22.39 -37.36
N THR D 147 -19.06 22.16 -36.94
CA THR D 147 -18.31 20.96 -37.34
C THR D 147 -17.52 20.51 -36.15
N PRO D 148 -17.59 19.22 -35.80
CA PRO D 148 -16.76 18.74 -34.70
C PRO D 148 -15.31 19.25 -34.80
N PHE D 149 -14.79 19.73 -33.66
CA PHE D 149 -13.46 20.38 -33.53
C PHE D 149 -13.32 21.74 -34.16
N LEU D 150 -13.61 21.82 -35.45
CA LEU D 150 -13.34 23.03 -36.21
C LEU D 150 -14.17 24.18 -35.80
N ARG D 151 -15.45 23.96 -35.57
CA ARG D 151 -16.36 25.05 -35.15
C ARG D 151 -17.54 24.55 -34.27
N THR D 152 -17.36 24.71 -32.98
CA THR D 152 -18.28 24.16 -32.04
C THR D 152 -18.72 25.31 -31.18
N ARG D 153 -19.90 25.17 -30.56
CA ARG D 153 -20.49 26.24 -29.79
C ARG D 153 -19.93 26.34 -28.38
N GLU D 154 -19.50 25.19 -27.83
CA GLU D 154 -18.51 25.16 -26.72
C GLU D 154 -17.24 24.54 -27.30
N PHE D 155 -16.12 25.22 -27.06
CA PHE D 155 -14.81 24.69 -27.42
C PHE D 155 -13.84 24.90 -26.30
N LEU D 156 -12.77 24.11 -26.31
CA LEU D 156 -11.71 24.29 -25.33
C LEU D 156 -10.59 25.07 -25.98
N TRP D 157 -10.01 25.98 -25.21
CA TRP D 157 -8.85 26.74 -25.62
C TRP D 157 -7.92 27.10 -24.46
N GLN D 158 -6.73 27.60 -24.82
CA GLN D 158 -6.00 28.56 -23.94
C GLN D 158 -6.17 29.93 -24.55
N GLU D 159 -6.28 30.91 -23.67
CA GLU D 159 -6.03 32.31 -24.03
C GLU D 159 -4.93 32.94 -23.17
N GLY D 160 -3.92 33.46 -23.85
CA GLY D 160 -2.84 34.18 -23.19
C GLY D 160 -3.04 35.66 -23.35
N HIS D 161 -2.82 36.42 -22.29
CA HIS D 161 -2.96 37.85 -22.31
C HIS D 161 -1.78 38.46 -21.56
N THR D 162 -1.09 39.44 -22.17
CA THR D 162 0.14 39.98 -21.56
C THR D 162 0.15 41.50 -21.63
N ALA D 163 0.95 42.09 -20.75
CA ALA D 163 1.09 43.53 -20.67
C ALA D 163 2.55 43.85 -20.49
N HIS D 164 3.00 44.86 -21.25
CA HIS D 164 4.40 45.23 -21.35
C HIS D 164 4.57 46.75 -21.37
N ALA D 165 5.79 47.16 -21.04
CA ALA D 165 6.21 48.57 -20.96
C ALA D 165 6.32 49.22 -22.33
N THR D 166 6.77 48.43 -23.31
CA THR D 166 7.03 48.93 -24.66
C THR D 166 6.42 48.03 -25.70
N GLU D 167 6.16 48.62 -26.86
CA GLU D 167 5.69 47.92 -28.04
C GLU D 167 6.71 46.88 -28.50
N GLU D 168 7.98 47.24 -28.44
CA GLU D 168 9.09 46.31 -28.74
C GLU D 168 8.93 44.94 -28.08
N GLU D 169 8.80 44.93 -26.76
CA GLU D 169 8.85 43.69 -26.02
C GLU D 169 7.58 42.86 -26.26
N ALA D 170 6.48 43.56 -26.50
CA ALA D 170 5.18 42.95 -26.74
C ALA D 170 5.17 42.28 -28.09
N TRP D 171 5.67 42.98 -29.10
CA TRP D 171 5.80 42.42 -30.44
C TRP D 171 6.73 41.21 -30.39
N GLU D 172 7.80 41.31 -29.62
CA GLU D 172 8.72 40.17 -29.58
C GLU D 172 7.93 38.92 -29.11
N LEU D 173 7.07 39.12 -28.13
CA LEU D 173 6.25 38.05 -27.58
C LEU D 173 5.16 37.50 -28.52
N VAL D 174 4.50 38.39 -29.22
CA VAL D 174 3.55 38.03 -30.30
C VAL D 174 4.23 37.01 -31.18
N LEU D 175 5.47 37.25 -31.58
CA LEU D 175 6.13 36.36 -32.56
C LEU D 175 6.57 35.10 -31.94
N ASP D 176 7.07 35.19 -30.72
CA ASP D 176 7.46 34.00 -29.98
C ASP D 176 6.26 33.08 -29.87
N ILE D 177 5.10 33.64 -29.58
CA ILE D 177 3.91 32.77 -29.40
C ILE D 177 3.53 32.16 -30.75
N LEU D 178 3.60 32.98 -31.78
CA LEU D 178 3.21 32.55 -33.12
C LEU D 178 4.04 31.35 -33.50
N GLU D 179 5.33 31.43 -33.17
CA GLU D 179 6.27 30.39 -33.46
C GLU D 179 5.93 29.12 -32.66
N LEU D 180 5.37 29.28 -31.46
CA LEU D 180 4.94 28.08 -30.67
C LEU D 180 3.73 27.41 -31.28
N TYR D 181 2.85 28.20 -31.89
CA TYR D 181 1.72 27.66 -32.65
C TYR D 181 2.16 26.90 -33.87
N ARG D 182 3.22 27.39 -34.55
CA ARG D 182 3.79 26.65 -35.71
C ARG D 182 4.23 25.31 -35.20
N ARG D 183 4.84 25.31 -34.04
CA ARG D 183 5.41 24.12 -33.51
C ARG D 183 4.32 23.12 -33.05
N TRP D 184 3.22 23.63 -32.52
CA TRP D 184 2.07 22.84 -32.11
C TRP D 184 1.52 22.19 -33.36
N TYR D 185 1.33 22.95 -34.41
CA TYR D 185 0.84 22.34 -35.63
C TYR D 185 1.92 21.51 -36.36
N GLU D 186 3.02 22.17 -36.71
CA GLU D 186 4.09 21.53 -37.48
C GLU D 186 4.87 20.45 -36.74
N GLU D 187 5.30 20.66 -35.50
CA GLU D 187 6.12 19.62 -34.79
C GLU D 187 5.32 18.53 -34.09
N CYS D 188 4.18 18.87 -33.52
CA CYS D 188 3.32 17.87 -32.88
C CYS D 188 2.33 17.15 -33.84
N LEU D 189 1.56 17.93 -34.60
CA LEU D 189 0.48 17.41 -35.40
C LEU D 189 0.88 17.23 -36.87
N ALA D 190 2.10 17.63 -37.23
CA ALA D 190 2.65 17.44 -38.58
C ALA D 190 1.74 18.05 -39.61
N VAL D 191 1.12 19.16 -39.23
CA VAL D 191 0.34 19.93 -40.16
C VAL D 191 1.11 21.19 -40.54
N PRO D 192 1.41 21.35 -41.83
CA PRO D 192 2.04 22.59 -42.28
C PRO D 192 1.14 23.82 -42.13
N VAL D 193 1.77 24.93 -41.77
CA VAL D 193 1.06 26.20 -41.63
C VAL D 193 1.91 27.33 -42.16
N ILE D 194 1.24 28.45 -42.42
CA ILE D 194 1.86 29.62 -43.03
C ILE D 194 1.71 30.78 -42.08
N LYS D 195 2.82 31.35 -41.63
CA LYS D 195 2.74 32.51 -40.77
C LYS D 195 2.36 33.71 -41.58
N GLY D 196 1.55 34.57 -41.02
CA GLY D 196 1.16 35.79 -41.68
C GLY D 196 0.44 36.82 -40.85
N GLU D 197 0.13 37.93 -41.50
CA GLU D 197 -0.52 39.06 -40.89
C GLU D 197 -1.92 39.11 -41.46
N LYS D 198 -2.90 39.39 -40.63
CA LYS D 198 -4.22 39.56 -41.12
C LYS D 198 -4.37 40.89 -41.87
N SER D 199 -5.17 40.88 -42.89
CA SER D 199 -5.60 42.13 -43.51
C SER D 199 -6.40 42.91 -42.49
N GLU D 200 -6.49 44.23 -42.70
CA GLU D 200 -7.23 45.13 -41.78
C GLU D 200 -8.73 44.74 -41.68
N GLY D 201 -9.28 44.09 -42.70
CA GLY D 201 -10.65 43.57 -42.66
C GLY D 201 -10.85 42.37 -41.74
N GLU D 202 -9.86 41.48 -41.70
CA GLU D 202 -9.93 40.21 -40.97
C GLU D 202 -9.36 40.22 -39.56
N LYS D 203 -8.66 41.27 -39.18
CA LYS D 203 -7.98 41.23 -37.92
C LYS D 203 -8.95 41.53 -36.76
N PHE D 204 -8.51 41.18 -35.57
CA PHE D 204 -9.18 41.59 -34.38
C PHE D 204 -9.20 43.13 -34.31
N ALA D 205 -10.41 43.66 -34.30
CA ALA D 205 -10.65 45.10 -34.32
C ALA D 205 -10.21 45.74 -32.99
N GLY D 206 -10.04 44.92 -31.96
CA GLY D 206 -9.53 45.41 -30.69
C GLY D 206 -8.02 45.67 -30.70
N GLY D 207 -7.31 45.22 -31.73
CA GLY D 207 -5.85 45.32 -31.74
C GLY D 207 -5.27 46.18 -32.84
N LYS D 208 -3.94 46.30 -32.80
CA LYS D 208 -3.17 47.09 -33.77
C LYS D 208 -2.72 46.18 -34.92
N LYS D 209 -2.27 44.96 -34.60
CA LYS D 209 -1.86 44.00 -35.61
C LYS D 209 -2.18 42.60 -35.11
N THR D 210 -2.84 41.81 -35.98
CA THR D 210 -3.12 40.40 -35.71
C THR D 210 -2.20 39.51 -36.57
N THR D 211 -1.43 38.61 -35.94
CA THR D 211 -0.70 37.62 -36.68
C THR D 211 -1.38 36.28 -36.60
N THR D 212 -1.11 35.45 -37.60
CA THR D 212 -1.82 34.21 -37.76
C THR D 212 -0.94 33.11 -38.27
N VAL D 213 -1.42 31.91 -38.15
CA VAL D 213 -0.79 30.74 -38.66
C VAL D 213 -1.93 30.13 -39.47
N GLU D 214 -1.73 29.85 -40.75
CA GLU D 214 -2.89 29.38 -41.55
C GLU D 214 -2.68 28.02 -42.13
N ALA D 215 -3.75 27.21 -42.12
CA ALA D 215 -3.77 25.90 -42.70
C ALA D 215 -4.70 25.80 -43.94
N PHE D 216 -4.70 24.62 -44.56
CA PHE D 216 -5.40 24.35 -45.83
C PHE D 216 -5.95 22.95 -45.88
N ILE D 217 -7.21 22.85 -46.27
CA ILE D 217 -7.86 21.55 -46.49
C ILE D 217 -8.04 21.29 -48.01
N PRO D 218 -7.13 20.47 -48.60
CA PRO D 218 -7.19 20.17 -50.03
C PRO D 218 -8.58 19.71 -50.49
N GLU D 219 -9.23 18.82 -49.73
CA GLU D 219 -10.43 18.13 -50.21
C GLU D 219 -11.63 19.03 -50.43
N ASN D 220 -11.70 20.16 -49.75
CA ASN D 220 -12.73 21.14 -50.06
C ASN D 220 -12.18 22.55 -50.41
N GLY D 221 -10.86 22.70 -50.51
CA GLY D 221 -10.26 24.00 -50.91
C GLY D 221 -10.35 25.11 -49.87
N ARG D 222 -10.57 24.74 -48.61
CA ARG D 222 -10.81 25.79 -47.60
C ARG D 222 -9.53 25.97 -46.80
N GLY D 223 -9.12 27.23 -46.75
CA GLY D 223 -8.22 27.70 -45.73
C GLY D 223 -8.96 27.82 -44.39
N ILE D 224 -8.17 27.85 -43.32
CA ILE D 224 -8.66 27.80 -41.95
C ILE D 224 -7.62 28.43 -41.05
N GLN D 225 -8.01 29.42 -40.24
CA GLN D 225 -7.07 29.95 -39.26
C GLN D 225 -6.83 28.92 -38.14
N ALA D 226 -5.58 28.47 -38.05
CA ALA D 226 -5.10 27.54 -37.05
C ALA D 226 -4.87 28.10 -35.63
N ALA D 227 -4.48 29.37 -35.56
CA ALA D 227 -4.24 30.06 -34.29
C ALA D 227 -4.03 31.54 -34.59
N THR D 228 -3.91 32.32 -33.53
CA THR D 228 -3.86 33.73 -33.66
C THR D 228 -3.15 34.39 -32.49
N SER D 229 -2.46 35.49 -32.79
CA SER D 229 -1.64 36.16 -31.82
C SER D 229 -1.57 37.65 -32.18
N HIS D 230 -2.02 38.49 -31.27
CA HIS D 230 -2.32 39.87 -31.60
C HIS D 230 -1.36 40.80 -30.90
N LEU D 231 -0.85 41.80 -31.64
CA LEU D 231 -0.29 42.97 -30.99
C LEU D 231 -1.46 43.85 -30.69
N LEU D 232 -1.81 44.00 -29.42
CA LEU D 232 -2.97 44.82 -29.10
C LEU D 232 -2.67 46.31 -29.14
N GLY D 233 -1.42 46.71 -28.93
CA GLY D 233 -1.13 48.14 -28.79
C GLY D 233 -1.55 48.62 -27.41
N THR D 234 -2.13 49.81 -27.38
CA THR D 234 -2.49 50.45 -26.12
C THR D 234 -3.97 50.73 -26.00
N ASN D 235 -4.73 50.36 -27.01
CA ASN D 235 -6.15 50.69 -27.06
C ASN D 235 -6.93 50.15 -25.87
N PHE D 236 -6.68 48.90 -25.49
CA PHE D 236 -7.28 48.32 -24.30
C PHE D 236 -6.78 48.97 -23.01
N ALA D 237 -5.50 49.31 -23.00
CA ALA D 237 -4.95 50.06 -21.87
C ALA D 237 -5.68 51.39 -21.58
N LYS D 238 -6.02 52.19 -22.60
CA LYS D 238 -6.78 53.44 -22.36
C LYS D 238 -8.16 53.05 -21.92
N MET D 239 -8.76 52.09 -22.63
CA MET D 239 -10.12 51.67 -22.28
C MET D 239 -10.26 51.13 -20.84
N PHE D 240 -9.29 50.37 -20.32
CA PHE D 240 -9.46 49.70 -19.02
C PHE D 240 -8.68 50.41 -17.94
N GLU D 241 -7.98 51.48 -18.37
CA GLU D 241 -7.06 52.23 -17.56
C GLU D 241 -5.90 51.40 -17.00
N ILE D 242 -5.20 50.73 -17.88
CA ILE D 242 -4.06 49.96 -17.46
C ILE D 242 -2.85 50.81 -17.74
N GLU D 243 -2.36 51.49 -16.73
CA GLU D 243 -1.23 52.34 -16.87
C GLU D 243 -0.29 52.18 -15.73
N PHE D 244 0.95 52.56 -15.99
CA PHE D 244 2.00 52.36 -15.03
C PHE D 244 2.89 53.59 -15.00
N GLU D 245 3.72 53.65 -13.96
CA GLU D 245 4.71 54.68 -13.79
C GLU D 245 6.05 54.18 -14.23
N ASP D 246 6.66 54.92 -15.15
CA ASP D 246 7.95 54.54 -15.73
C ASP D 246 9.09 54.84 -14.76
N GLU D 247 10.33 54.72 -15.24
CA GLU D 247 11.54 55.03 -14.45
C GLU D 247 11.49 56.46 -13.89
N GLU D 248 11.07 57.39 -14.74
CA GLU D 248 11.00 58.80 -14.39
C GLU D 248 9.91 59.01 -13.33
N GLY D 249 8.70 58.55 -13.63
CA GLY D 249 7.53 58.85 -12.80
C GLY D 249 6.33 59.23 -13.65
N HIS D 250 6.51 59.23 -14.97
CA HIS D 250 5.40 59.52 -15.90
C HIS D 250 4.50 58.29 -16.09
N LYS D 251 3.19 58.55 -16.10
CA LYS D 251 2.18 57.51 -16.30
C LYS D 251 2.09 57.14 -17.76
N ARG D 252 2.13 55.84 -18.03
CA ARG D 252 2.12 55.38 -19.39
C ARG D 252 1.21 54.20 -19.53
N LEU D 253 0.58 54.10 -20.69
CA LEU D 253 -0.30 53.01 -21.00
C LEU D 253 0.52 51.77 -21.31
N VAL D 254 0.01 50.57 -21.00
CA VAL D 254 0.84 49.39 -21.24
C VAL D 254 0.65 48.99 -22.67
N HIS D 255 1.49 48.10 -23.14
CA HIS D 255 1.35 47.55 -24.47
C HIS D 255 0.93 46.09 -24.25
N GLN D 256 -0.15 45.68 -24.87
CA GLN D 256 -0.72 44.35 -24.61
C GLN D 256 -0.63 43.35 -25.75
N THR D 257 -0.79 42.07 -25.38
CA THR D 257 -0.95 41.00 -26.36
C THR D 257 -2.06 40.06 -25.88
N SER D 258 -2.70 39.40 -26.82
CA SER D 258 -3.43 38.18 -26.50
C SER D 258 -3.32 37.23 -27.67
N TRP D 259 -3.59 35.97 -27.39
CA TRP D 259 -3.29 34.86 -28.29
C TRP D 259 -4.11 33.64 -27.83
N GLY D 260 -4.55 32.83 -28.79
CA GLY D 260 -5.35 31.67 -28.47
C GLY D 260 -5.27 30.63 -29.56
N CYS D 261 -5.53 29.39 -29.16
CA CYS D 261 -5.55 28.26 -30.06
C CYS D 261 -6.51 27.21 -29.48
N THR D 262 -7.16 26.41 -30.32
CA THR D 262 -8.26 25.56 -29.81
C THR D 262 -8.21 24.09 -30.16
N THR D 263 -9.23 23.38 -29.69
CA THR D 263 -9.50 22.02 -30.15
C THR D 263 -9.73 21.93 -31.65
N ARG D 264 -9.90 23.07 -32.32
CA ARG D 264 -9.87 23.05 -33.77
C ARG D 264 -8.63 22.31 -34.30
N SER D 265 -7.53 22.39 -33.58
CA SER D 265 -6.27 21.80 -34.00
C SER D 265 -6.40 20.29 -34.22
N LEU D 266 -7.24 19.64 -33.42
CA LEU D 266 -7.36 18.23 -33.59
C LEU D 266 -8.08 17.95 -34.93
N GLY D 267 -9.10 18.74 -35.21
CA GLY D 267 -9.82 18.60 -36.43
C GLY D 267 -8.93 18.66 -37.65
N VAL D 268 -8.04 19.64 -37.66
CA VAL D 268 -7.11 19.85 -38.80
C VAL D 268 -6.11 18.69 -39.01
N MET D 269 -5.61 18.15 -37.91
CA MET D 269 -4.72 17.02 -37.95
C MET D 269 -5.47 15.80 -38.53
N ILE D 270 -6.74 15.64 -38.16
CA ILE D 270 -7.52 14.48 -38.63
C ILE D 270 -7.74 14.58 -40.11
N MET D 271 -8.15 15.74 -40.60
CA MET D 271 -8.38 15.95 -42.03
C MET D 271 -7.12 15.88 -42.87
N THR D 272 -6.00 16.34 -42.30
CA THR D 272 -4.72 16.31 -43.01
C THR D 272 -4.20 14.91 -43.29
N HIS D 273 -4.07 14.07 -42.28
CA HIS D 273 -3.45 12.73 -42.46
C HIS D 273 -4.44 11.58 -42.55
N GLY D 274 -5.72 11.87 -42.36
CA GLY D 274 -6.71 10.80 -42.47
C GLY D 274 -6.76 10.23 -43.88
N ASP D 275 -7.07 8.94 -43.97
CA ASP D 275 -7.21 8.30 -45.27
C ASP D 275 -8.47 7.43 -45.31
N ASP D 276 -8.57 6.58 -46.32
CA ASP D 276 -9.84 5.88 -46.58
C ASP D 276 -10.06 4.82 -45.55
N LYS D 277 -9.01 4.41 -44.84
CA LYS D 277 -9.16 3.47 -43.70
C LYS D 277 -9.46 4.15 -42.35
N GLY D 278 -9.54 5.49 -42.33
CA GLY D 278 -9.75 6.22 -41.07
C GLY D 278 -8.58 7.11 -40.70
N LEU D 279 -8.33 7.22 -39.41
CA LEU D 279 -7.33 8.15 -38.92
C LEU D 279 -5.94 7.67 -39.15
N VAL D 280 -5.03 8.63 -39.25
CA VAL D 280 -3.62 8.38 -39.04
C VAL D 280 -3.08 9.44 -38.04
N ILE D 281 -2.57 8.95 -36.91
CA ILE D 281 -2.14 9.80 -35.81
C ILE D 281 -0.62 9.97 -35.84
N PRO D 282 -0.15 11.22 -35.82
CA PRO D 282 1.30 11.30 -35.74
C PRO D 282 1.83 10.74 -34.43
N PRO D 283 2.97 10.03 -34.52
CA PRO D 283 3.64 9.43 -33.37
C PRO D 283 3.87 10.36 -32.21
N ARG D 284 4.20 11.61 -32.46
CA ARG D 284 4.43 12.54 -31.36
C ARG D 284 3.21 12.82 -30.52
N VAL D 285 2.02 12.63 -31.07
CA VAL D 285 0.81 12.80 -30.24
C VAL D 285 -0.05 11.54 -30.06
N ALA D 286 0.42 10.42 -30.53
CA ALA D 286 -0.39 9.23 -30.41
C ALA D 286 -0.29 8.69 -28.98
N SER D 287 -1.44 8.50 -28.39
CA SER D 287 -1.50 7.94 -27.08
C SER D 287 -0.88 6.54 -27.08
N VAL D 288 -1.19 5.77 -28.10
CA VAL D 288 -0.58 4.46 -28.33
C VAL D 288 0.28 4.52 -29.60
N GLN D 289 1.59 4.42 -29.44
CA GLN D 289 2.45 4.44 -30.63
C GLN D 289 2.48 3.07 -31.28
N VAL D 290 2.63 2.04 -30.47
CA VAL D 290 2.74 0.70 -30.92
C VAL D 290 1.70 -0.14 -30.21
N VAL D 291 0.90 -0.82 -31.01
CA VAL D 291 -0.03 -1.80 -30.49
C VAL D 291 0.50 -3.17 -30.82
N ILE D 292 0.61 -3.99 -29.78
CA ILE D 292 1.04 -5.38 -29.94
C ILE D 292 -0.14 -6.36 -29.96
N ILE D 293 -0.31 -7.08 -31.06
CA ILE D 293 -1.42 -8.02 -31.24
C ILE D 293 -0.92 -9.47 -31.29
N PRO D 294 -1.20 -10.25 -30.23
CA PRO D 294 -0.87 -11.69 -30.24
C PRO D 294 -1.83 -12.39 -31.15
N ILE D 295 -1.33 -13.21 -32.07
CA ILE D 295 -2.24 -14.03 -32.89
C ILE D 295 -2.52 -15.32 -32.12
N LEU D 296 -3.82 -15.58 -31.95
CA LEU D 296 -4.31 -16.73 -31.22
C LEU D 296 -5.52 -17.35 -31.98
N PHE D 297 -5.35 -18.60 -32.44
CA PHE D 297 -6.41 -19.39 -33.11
C PHE D 297 -6.19 -20.87 -32.78
N LYS D 298 -7.26 -21.55 -32.47
CA LYS D 298 -7.26 -22.97 -32.23
C LYS D 298 -6.25 -23.46 -31.20
N ASP D 299 -6.12 -22.76 -30.08
CA ASP D 299 -5.16 -23.08 -29.04
C ASP D 299 -3.77 -23.32 -29.61
N GLY D 303 -0.56 -19.28 -25.58
CA GLY D 303 -0.19 -19.21 -24.16
C GLY D 303 1.28 -18.91 -23.92
N GLU D 304 2.13 -19.48 -24.77
CA GLU D 304 3.56 -19.14 -24.79
C GLU D 304 3.78 -17.64 -25.04
N ILE D 305 3.26 -17.23 -26.19
CA ILE D 305 3.45 -15.91 -26.80
C ILE D 305 3.11 -14.69 -25.94
N LEU D 306 2.07 -14.80 -25.12
CA LEU D 306 1.68 -13.69 -24.26
C LEU D 306 2.87 -13.23 -23.43
N GLY D 307 3.74 -14.17 -23.07
CA GLY D 307 4.90 -13.87 -22.23
C GLY D 307 5.96 -13.01 -22.90
N LYS D 308 6.19 -13.24 -24.20
CA LYS D 308 7.18 -12.44 -24.96
C LYS D 308 6.65 -11.04 -25.24
N CYS D 309 5.38 -10.97 -25.66
CA CYS D 309 4.64 -9.71 -25.77
C CYS D 309 4.89 -8.81 -24.58
N ARG D 310 4.79 -9.36 -23.38
CA ARG D 310 5.04 -8.54 -22.17
C ARG D 310 6.50 -8.12 -22.09
N GLU D 311 7.40 -8.98 -22.55
CA GLU D 311 8.81 -8.65 -22.47
C GLU D 311 9.14 -7.54 -23.46
N LEU D 312 8.58 -7.69 -24.66
CA LEU D 312 8.68 -6.66 -25.68
C LEU D 312 8.19 -5.29 -25.22
N LYS D 313 7.02 -5.23 -24.59
CA LYS D 313 6.54 -3.97 -24.04
C LYS D 313 7.58 -3.31 -23.15
N THR D 314 8.05 -4.07 -22.18
CA THR D 314 9.03 -3.61 -21.22
C THR D 314 10.34 -3.17 -21.94
N MET D 315 10.74 -3.93 -22.95
CA MET D 315 11.88 -3.50 -23.75
C MET D 315 11.57 -2.11 -24.32
N LEU D 316 10.44 -2.05 -25.03
CA LEU D 316 10.08 -0.87 -25.82
C LEU D 316 9.91 0.37 -24.93
N GLU D 317 9.40 0.18 -23.73
CA GLU D 317 9.25 1.28 -22.76
C GLU D 317 10.57 1.88 -22.25
N LYS D 318 11.68 1.16 -22.32
CA LYS D 318 12.96 1.73 -21.90
C LYS D 318 13.37 2.81 -22.87
N ALA D 319 12.85 2.68 -24.10
CA ALA D 319 12.97 3.73 -25.12
C ALA D 319 11.89 4.78 -25.03
N ASP D 320 11.12 4.80 -23.94
CA ASP D 320 9.99 5.69 -23.80
C ASP D 320 9.00 5.50 -24.92
N ILE D 321 8.95 4.32 -25.53
CA ILE D 321 7.94 4.09 -26.56
C ILE D 321 6.62 3.76 -25.86
N ARG D 322 5.51 4.40 -26.27
CA ARG D 322 4.19 4.18 -25.64
C ARG D 322 3.50 2.98 -26.29
N VAL D 323 3.26 1.93 -25.49
CA VAL D 323 2.82 0.64 -26.01
C VAL D 323 1.58 0.05 -25.36
N ARG D 324 0.63 -0.43 -26.13
CA ARG D 324 -0.47 -1.28 -25.59
C ARG D 324 -0.31 -2.70 -26.11
N ILE D 325 -0.59 -3.65 -25.25
CA ILE D 325 -0.83 -4.99 -25.70
C ILE D 325 -2.34 -5.20 -25.77
N ASP D 326 -2.88 -5.44 -26.95
CA ASP D 326 -4.28 -5.83 -27.04
C ASP D 326 -4.39 -7.31 -26.89
N ASP D 327 -4.52 -7.75 -25.65
CA ASP D 327 -4.65 -9.18 -25.37
C ASP D 327 -6.08 -9.53 -24.94
N ARG D 328 -7.05 -8.73 -25.37
CA ARG D 328 -8.40 -8.97 -24.96
C ARG D 328 -8.85 -10.21 -25.71
N SER D 329 -9.32 -11.20 -24.95
CA SER D 329 -9.65 -12.50 -25.55
C SER D 329 -11.02 -12.52 -26.25
N ASN D 330 -11.87 -11.52 -26.01
CA ASN D 330 -13.20 -11.46 -26.67
C ASN D 330 -13.21 -10.79 -28.03
N TYR D 331 -12.04 -10.71 -28.67
CA TYR D 331 -11.97 -10.18 -30.03
C TYR D 331 -10.97 -10.94 -30.92
N THR D 332 -11.32 -11.12 -32.20
CA THR D 332 -10.39 -11.75 -33.12
C THR D 332 -9.22 -10.83 -33.43
N PRO D 333 -8.06 -11.42 -33.78
CA PRO D 333 -6.93 -10.64 -34.28
C PRO D 333 -7.28 -9.70 -35.43
N GLY D 334 -8.07 -10.19 -36.39
CA GLY D 334 -8.47 -9.37 -37.52
C GLY D 334 -9.32 -8.20 -37.08
N TRP D 335 -10.09 -8.39 -36.03
CA TRP D 335 -10.91 -7.30 -35.49
C TRP D 335 -10.01 -6.16 -34.93
N LYS D 336 -9.02 -6.56 -34.16
CA LYS D 336 -7.97 -5.74 -33.63
C LYS D 336 -7.19 -5.00 -34.73
N TYR D 337 -6.81 -5.72 -35.77
CA TYR D 337 -6.16 -5.06 -36.90
C TYR D 337 -6.97 -3.88 -37.31
N ASN D 338 -8.23 -4.14 -37.64
CA ASN D 338 -9.11 -3.12 -38.13
C ASN D 338 -9.34 -2.01 -37.11
N HIS D 339 -9.52 -2.35 -35.85
CA HIS D 339 -9.82 -1.38 -34.77
C HIS D 339 -8.70 -0.29 -34.59
N TRP D 340 -7.49 -0.79 -34.35
CA TRP D 340 -6.30 0.05 -34.22
C TRP D 340 -5.92 0.73 -35.52
N GLU D 341 -6.30 0.14 -36.66
CA GLU D 341 -6.11 0.84 -37.94
C GLU D 341 -7.03 2.07 -38.05
N VAL D 342 -8.30 1.90 -37.73
CA VAL D 342 -9.26 3.01 -37.86
C VAL D 342 -8.92 4.07 -36.83
N LYS D 343 -8.38 3.64 -35.72
CA LYS D 343 -7.98 4.58 -34.68
C LYS D 343 -6.66 5.28 -35.02
N GLY D 344 -5.91 4.80 -36.00
CA GLY D 344 -4.75 5.50 -36.46
C GLY D 344 -3.49 5.21 -35.69
N VAL D 345 -3.43 4.07 -35.01
CA VAL D 345 -2.20 3.71 -34.33
C VAL D 345 -1.05 3.59 -35.35
N PRO D 346 0.07 4.31 -35.12
CA PRO D 346 1.15 4.41 -36.12
C PRO D 346 1.79 3.05 -36.49
N LEU D 347 2.04 2.21 -35.49
CA LEU D 347 2.67 0.91 -35.70
C LEU D 347 1.85 -0.24 -35.11
N ARG D 348 1.65 -1.28 -35.91
CA ARG D 348 0.97 -2.49 -35.49
C ARG D 348 1.98 -3.63 -35.48
N LEU D 349 2.23 -4.22 -34.31
CA LEU D 349 3.23 -5.29 -34.19
C LEU D 349 2.48 -6.60 -33.96
N GLU D 350 2.57 -7.52 -34.93
CA GLU D 350 1.89 -8.84 -34.88
C GLU D 350 2.81 -9.95 -34.38
N LEU D 351 2.23 -10.93 -33.68
CA LEU D 351 3.01 -12.05 -33.11
C LEU D 351 2.24 -13.36 -32.95
N GLY D 352 2.45 -14.28 -33.90
CA GLY D 352 1.86 -15.65 -33.86
C GLY D 352 2.85 -16.79 -33.56
N PRO D 353 2.48 -18.02 -33.87
CA PRO D 353 3.39 -19.13 -33.62
C PRO D 353 4.65 -19.07 -34.46
N LYS D 354 4.47 -18.83 -35.73
CA LYS D 354 5.62 -18.79 -36.61
C LYS D 354 6.62 -17.72 -36.23
N ASP D 355 6.17 -16.54 -35.85
CA ASP D 355 7.12 -15.54 -35.43
C ASP D 355 7.90 -15.88 -34.20
N LEU D 356 7.25 -16.54 -33.28
CA LEU D 356 7.84 -16.81 -32.00
C LEU D 356 9.13 -17.57 -32.07
N ALA D 357 9.17 -18.54 -32.94
CA ALA D 357 10.40 -19.32 -33.09
C ALA D 357 11.49 -18.55 -33.84
N LYS D 358 11.09 -17.66 -34.76
CA LYS D 358 12.07 -16.90 -35.57
C LYS D 358 12.80 -15.85 -34.76
N GLY D 359 12.27 -15.47 -33.59
CA GLY D 359 12.89 -14.39 -32.82
C GLY D 359 12.61 -13.05 -33.47
N THR D 360 11.56 -13.04 -34.28
CA THR D 360 11.27 -11.95 -35.19
C THR D 360 9.86 -11.43 -34.92
N ALA D 361 9.50 -10.31 -35.58
CA ALA D 361 8.18 -9.67 -35.43
C ALA D 361 7.74 -8.98 -36.72
N ARG D 362 6.46 -9.14 -37.08
CA ARG D 362 5.91 -8.48 -38.23
C ARG D 362 5.29 -7.15 -37.79
N VAL D 363 5.75 -6.05 -38.37
CA VAL D 363 5.34 -4.72 -37.98
C VAL D 363 4.83 -4.04 -39.22
N VAL D 364 3.61 -3.48 -39.16
CA VAL D 364 3.04 -2.72 -40.25
C VAL D 364 2.95 -1.32 -39.73
N ARG D 365 3.17 -0.36 -40.62
CA ARG D 365 3.06 1.06 -40.33
C ARG D 365 1.80 1.57 -40.98
N ARG D 366 1.07 2.38 -40.23
CA ARG D 366 -0.28 2.74 -40.60
C ARG D 366 -0.37 3.65 -41.82
N ASP D 367 0.60 4.55 -41.98
CA ASP D 367 0.58 5.54 -43.07
C ASP D 367 0.81 5.05 -44.51
N THR D 368 1.47 3.91 -44.67
CA THR D 368 1.76 3.39 -46.00
C THR D 368 1.40 1.93 -46.09
N GLY D 369 1.09 1.31 -44.97
CA GLY D 369 0.81 -0.13 -44.95
C GLY D 369 2.05 -1.02 -45.10
N GLU D 370 3.23 -0.43 -45.29
CA GLU D 370 4.43 -1.22 -45.49
C GLU D 370 4.73 -2.08 -44.26
N ALA D 371 5.24 -3.29 -44.53
CA ALA D 371 5.56 -4.28 -43.52
C ALA D 371 7.03 -4.56 -43.47
N TYR D 372 7.49 -4.94 -42.28
CA TYR D 372 8.86 -5.28 -42.02
C TYR D 372 8.92 -6.48 -41.06
N GLN D 373 9.90 -7.36 -41.28
CA GLN D 373 10.25 -8.39 -40.29
C GLN D 373 11.45 -7.86 -39.57
N ILE D 374 11.36 -7.83 -38.24
CA ILE D 374 12.36 -7.16 -37.42
C ILE D 374 12.60 -8.06 -36.25
N SER D 375 13.88 -8.31 -35.97
CA SER D 375 14.25 -9.20 -34.91
C SER D 375 14.01 -8.52 -33.58
N TRP D 376 13.69 -9.29 -32.54
CA TRP D 376 13.51 -8.73 -31.19
C TRP D 376 14.55 -7.67 -30.81
N ALA D 377 15.80 -7.94 -31.15
CA ALA D 377 16.90 -7.09 -30.75
C ALA D 377 16.89 -5.75 -31.47
N ASP D 378 16.32 -5.68 -32.67
CA ASP D 378 16.34 -4.43 -33.48
C ASP D 378 15.07 -3.56 -33.31
N LEU D 379 14.16 -3.98 -32.45
CA LEU D 379 12.85 -3.34 -32.35
C LEU D 379 12.92 -1.91 -31.90
N ALA D 380 13.48 -1.66 -30.72
CA ALA D 380 13.46 -0.29 -30.19
C ALA D 380 14.09 0.68 -31.18
N PRO D 381 15.35 0.47 -31.56
CA PRO D 381 15.93 1.42 -32.50
C PRO D 381 15.21 1.44 -33.85
N LYS D 382 14.70 0.31 -34.34
CA LYS D 382 14.02 0.32 -35.64
C LYS D 382 12.62 0.98 -35.54
N LEU D 383 11.88 0.75 -34.46
CA LEU D 383 10.61 1.43 -34.28
C LEU D 383 10.82 2.92 -34.08
N LEU D 384 11.88 3.27 -33.35
CA LEU D 384 12.20 4.69 -33.16
C LEU D 384 12.53 5.31 -34.53
N GLU D 385 13.34 4.59 -35.28
CA GLU D 385 13.65 4.99 -36.65
C GLU D 385 12.35 5.16 -37.43
N LEU D 386 11.51 4.12 -37.47
CA LEU D 386 10.27 4.15 -38.24
C LEU D 386 9.31 5.26 -37.82
N MET D 387 9.25 5.51 -36.52
CA MET D 387 8.35 6.53 -36.02
C MET D 387 8.70 7.95 -36.44
N GLU D 388 9.99 8.26 -36.44
CA GLU D 388 10.49 9.50 -37.04
C GLU D 388 10.12 9.62 -38.50
N GLY D 389 10.25 8.51 -39.22
CA GLY D 389 9.94 8.50 -40.64
C GLY D 389 8.48 8.78 -40.88
N ILE D 390 7.60 8.13 -40.11
CA ILE D 390 6.15 8.37 -40.26
C ILE D 390 5.85 9.84 -40.05
N GLN D 391 6.28 10.38 -38.90
CA GLN D 391 6.10 11.79 -38.54
C GLN D 391 6.59 12.77 -39.58
N ARG D 392 7.83 12.62 -39.99
CA ARG D 392 8.43 13.47 -40.98
C ARG D 392 7.76 13.31 -42.30
N SER D 393 7.40 12.11 -42.62
CA SER D 393 6.72 11.80 -43.85
C SER D 393 5.28 12.32 -43.95
N LEU D 394 4.57 12.32 -42.83
CA LEU D 394 3.19 12.88 -42.85
C LEU D 394 3.28 14.37 -43.07
N PHE D 395 4.26 14.99 -42.45
CA PHE D 395 4.39 16.41 -42.56
C PHE D 395 4.66 16.76 -44.00
N GLU D 396 5.61 16.05 -44.59
CA GLU D 396 6.13 16.42 -45.93
C GLU D 396 5.09 16.20 -47.02
N LYS D 397 4.36 15.10 -46.94
CA LYS D 397 3.28 14.87 -47.89
C LYS D 397 2.21 15.93 -47.75
N ALA D 398 1.96 16.40 -46.51
CA ALA D 398 1.04 17.52 -46.34
C ALA D 398 1.63 18.86 -46.80
N LYS D 399 2.93 19.07 -46.62
CA LYS D 399 3.53 20.33 -47.09
C LYS D 399 3.45 20.46 -48.61
N ALA D 400 3.72 19.34 -49.30
CA ALA D 400 3.57 19.26 -50.73
C ALA D 400 2.12 19.47 -51.16
N ARG D 401 1.18 18.79 -50.50
CA ARG D 401 -0.25 19.01 -50.79
C ARG D 401 -0.61 20.46 -50.60
N LEU D 402 -0.12 21.06 -49.52
CA LEU D 402 -0.35 22.49 -49.28
C LEU D 402 0.12 23.37 -50.44
N HIS D 403 1.36 23.13 -50.88
CA HIS D 403 2.00 23.96 -51.92
C HIS D 403 1.47 23.70 -53.29
N GLU D 404 1.17 22.44 -53.64
CA GLU D 404 0.39 22.23 -54.85
C GLU D 404 -1.02 22.83 -54.80
N GLY D 405 -1.45 23.29 -53.62
CA GLY D 405 -2.79 23.83 -53.47
C GLY D 405 -2.87 25.33 -53.57
N ILE D 406 -1.73 25.97 -53.77
CA ILE D 406 -1.65 27.44 -53.84
C ILE D 406 -1.19 27.85 -55.22
N GLU D 407 -1.94 28.74 -55.86
CA GLU D 407 -1.58 29.17 -57.20
C GLU D 407 -1.16 30.62 -57.17
N LYS D 408 0.07 30.88 -57.61
CA LYS D 408 0.61 32.21 -57.69
C LYS D 408 0.07 32.87 -58.95
N ILE D 409 -0.40 34.12 -58.82
CA ILE D 409 -1.24 34.75 -59.84
C ILE D 409 -1.14 36.28 -59.89
N SER D 410 -1.65 36.86 -60.98
CA SER D 410 -1.40 38.23 -61.35
C SER D 410 -2.67 38.98 -61.63
N THR D 411 -3.74 38.31 -62.06
CA THR D 411 -5.04 39.00 -62.28
C THR D 411 -6.31 38.36 -61.75
N PHE D 412 -7.31 39.20 -61.56
CA PHE D 412 -8.60 38.75 -61.14
C PHE D 412 -9.21 37.63 -62.00
N ASP D 413 -8.90 37.55 -63.30
CA ASP D 413 -9.48 36.49 -64.17
C ASP D 413 -8.90 35.09 -63.84
N GLU D 414 -7.81 35.08 -63.11
CA GLU D 414 -7.20 33.85 -62.70
C GLU D 414 -8.01 33.18 -61.56
N VAL D 415 -8.80 33.95 -60.83
CA VAL D 415 -9.32 33.52 -59.51
C VAL D 415 -10.26 32.30 -59.54
N MET D 416 -11.42 32.46 -60.17
CA MET D 416 -12.48 31.44 -60.13
C MET D 416 -11.97 30.14 -60.69
N PRO D 417 -11.13 30.20 -61.73
CA PRO D 417 -10.70 28.88 -62.15
C PRO D 417 -9.94 28.19 -61.05
N ALA D 418 -9.13 28.96 -60.32
CA ALA D 418 -8.28 28.45 -59.23
C ALA D 418 -9.17 28.00 -58.06
N LEU D 419 -10.11 28.86 -57.67
CA LEU D 419 -11.14 28.48 -56.69
C LEU D 419 -11.89 27.22 -57.11
N ASN D 420 -12.21 27.05 -58.42
CA ASN D 420 -12.94 25.81 -58.83
C ASN D 420 -12.03 24.62 -58.82
N ARG D 421 -10.71 24.82 -58.94
CA ARG D 421 -9.82 23.67 -58.70
C ARG D 421 -9.60 23.40 -57.21
N LYS D 422 -10.25 24.19 -56.33
CA LYS D 422 -10.14 23.98 -54.87
C LYS D 422 -8.71 24.24 -54.37
N HIS D 423 -8.28 25.46 -54.72
CA HIS D 423 -6.93 25.93 -54.47
C HIS D 423 -7.03 27.33 -53.89
N LEU D 424 -6.01 27.74 -53.16
CA LEU D 424 -5.87 29.09 -52.70
C LEU D 424 -5.13 29.85 -53.78
N VAL D 425 -5.19 31.17 -53.74
CA VAL D 425 -4.36 31.93 -54.64
C VAL D 425 -3.49 32.95 -53.93
N LEU D 426 -2.27 33.11 -54.41
CA LEU D 426 -1.32 34.09 -53.90
C LEU D 426 -1.19 35.23 -54.90
N ALA D 427 -1.54 36.44 -54.48
CA ALA D 427 -1.81 37.49 -55.41
C ALA D 427 -1.34 38.84 -54.90
N PRO D 428 -0.89 39.73 -55.83
CA PRO D 428 -0.43 41.05 -55.44
C PRO D 428 -1.61 41.92 -55.25
N TRP D 429 -1.63 42.58 -54.09
CA TRP D 429 -2.78 43.35 -53.61
C TRP D 429 -2.31 44.70 -53.07
N CYS D 430 -3.11 45.74 -53.22
CA CYS D 430 -2.75 47.08 -52.74
C CYS D 430 -3.11 47.31 -51.27
N GLU D 431 -3.82 46.34 -50.67
CA GLU D 431 -4.18 46.36 -49.25
C GLU D 431 -4.98 47.60 -48.89
N ASP D 432 -6.02 47.83 -49.65
CA ASP D 432 -6.92 48.94 -49.45
C ASP D 432 -8.25 48.35 -48.94
N PRO D 433 -8.92 49.02 -48.03
CA PRO D 433 -10.09 48.43 -47.38
C PRO D 433 -11.11 47.87 -48.35
N GLU D 434 -11.57 48.75 -49.25
CA GLU D 434 -12.74 48.50 -50.08
C GLU D 434 -12.55 47.23 -50.90
N SER D 435 -11.36 47.09 -51.46
CA SER D 435 -11.12 45.98 -52.38
C SER D 435 -11.59 44.67 -51.76
N GLU D 436 -11.11 44.38 -50.57
CA GLU D 436 -11.40 43.10 -49.96
C GLU D 436 -12.92 42.81 -49.92
N GLU D 437 -13.69 43.82 -49.55
CA GLU D 437 -15.15 43.63 -49.46
C GLU D 437 -15.74 43.42 -50.88
N GLN D 438 -15.23 44.18 -51.86
CA GLN D 438 -15.67 44.05 -53.25
C GLN D 438 -15.32 42.67 -53.78
N ILE D 439 -14.14 42.21 -53.39
CA ILE D 439 -13.71 40.88 -53.80
C ILE D 439 -14.54 39.79 -53.16
N LYS D 440 -14.86 39.95 -51.87
CA LYS D 440 -15.73 38.96 -51.21
C LYS D 440 -17.06 38.91 -51.96
N LYS D 441 -17.65 40.07 -52.24
CA LYS D 441 -18.97 40.10 -52.93
C LYS D 441 -18.94 39.61 -54.39
N GLU D 442 -18.05 40.13 -55.23
CA GLU D 442 -18.06 39.65 -56.60
C GLU D 442 -17.86 38.15 -56.66
N THR D 443 -17.06 37.62 -55.73
CA THR D 443 -16.78 36.15 -55.71
C THR D 443 -17.97 35.34 -55.20
N GLN D 444 -18.67 35.90 -54.22
CA GLN D 444 -19.96 35.35 -53.80
C GLN D 444 -20.88 35.26 -55.03
N LYS D 445 -20.94 36.35 -55.80
CA LYS D 445 -21.88 36.42 -56.93
C LYS D 445 -21.53 35.43 -58.02
N LEU D 446 -20.25 35.36 -58.40
CA LEU D 446 -19.84 34.38 -59.39
C LEU D 446 -20.05 32.94 -58.90
N SER D 447 -19.77 32.67 -57.62
CA SER D 447 -20.05 31.32 -57.04
C SER D 447 -21.54 31.02 -57.09
N GLU D 448 -22.36 31.98 -56.62
CA GLU D 448 -23.84 31.90 -56.69
C GLU D 448 -24.32 31.50 -58.10
N ILE D 449 -23.92 32.27 -59.11
CA ILE D 449 -24.49 32.07 -60.44
C ILE D 449 -24.01 30.76 -61.07
N GLN D 450 -22.84 30.27 -60.67
CA GLN D 450 -22.31 29.01 -61.22
C GLN D 450 -23.26 27.83 -60.94
N ALA D 451 -23.98 27.89 -59.82
CA ALA D 451 -25.00 26.87 -59.42
C ALA D 451 -25.48 25.96 -60.56
N GLY D 463 -18.67 29.99 -50.32
CA GLY D 463 -18.61 30.61 -51.66
C GLY D 463 -17.58 31.74 -51.77
N ALA D 464 -17.81 32.82 -51.05
CA ALA D 464 -16.91 33.99 -51.12
C ALA D 464 -15.41 33.72 -50.74
N MET D 465 -14.51 34.43 -51.40
CA MET D 465 -13.09 34.28 -51.20
C MET D 465 -12.72 35.43 -50.31
N LYS D 466 -11.92 35.17 -49.28
CA LYS D 466 -11.44 36.26 -48.42
C LYS D 466 -9.94 36.20 -48.29
N THR D 467 -9.35 37.23 -47.72
CA THR D 467 -7.93 37.17 -47.47
C THR D 467 -7.75 36.22 -46.33
N LEU D 468 -6.81 35.30 -46.49
CA LEU D 468 -6.42 34.42 -45.42
C LEU D 468 -5.31 35.07 -44.62
N CYS D 469 -4.19 35.37 -45.27
CA CYS D 469 -3.16 36.19 -44.63
C CYS D 469 -2.22 36.94 -45.61
N ILE D 470 -1.40 37.81 -45.06
CA ILE D 470 -0.31 38.36 -45.81
C ILE D 470 0.94 37.67 -45.28
N PRO D 471 1.51 36.72 -46.05
CA PRO D 471 2.61 35.90 -45.51
C PRO D 471 3.83 36.71 -45.08
N PHE D 472 4.53 36.23 -44.06
CA PHE D 472 5.77 36.87 -43.60
C PHE D 472 6.78 36.62 -44.67
N ASP D 473 6.68 35.45 -45.29
CA ASP D 473 7.58 35.08 -46.35
C ASP D 473 7.03 35.60 -47.65
N GLN D 474 7.52 36.76 -48.04
CA GLN D 474 7.03 37.47 -49.21
C GLN D 474 7.89 37.13 -50.40
N PRO D 475 7.28 36.76 -51.51
CA PRO D 475 8.07 36.74 -52.72
C PRO D 475 8.57 38.14 -53.12
N PRO D 476 9.58 38.17 -54.00
CA PRO D 476 9.93 39.47 -54.58
C PRO D 476 8.71 40.13 -55.29
N MET D 477 8.56 41.45 -55.15
CA MET D 477 7.52 42.27 -55.82
C MET D 477 8.13 43.30 -56.79
N PRO D 478 8.24 42.94 -58.09
CA PRO D 478 8.82 43.82 -59.13
C PRO D 478 8.23 45.22 -59.21
N GLU D 479 8.88 46.10 -59.96
CA GLU D 479 8.78 47.55 -59.75
C GLU D 479 7.39 48.13 -59.95
N GLY D 480 6.77 47.81 -61.08
CA GLY D 480 5.49 48.42 -61.42
C GLY D 480 4.36 47.44 -61.30
N THR D 481 4.54 46.41 -60.48
CA THR D 481 3.57 45.33 -60.41
C THR D 481 2.24 45.86 -59.91
N LYS D 482 1.14 45.45 -60.51
CA LYS D 482 -0.10 46.04 -60.13
C LYS D 482 -0.99 45.18 -59.29
N CYS D 483 -1.82 45.82 -58.48
CA CYS D 483 -2.78 45.11 -57.63
C CYS D 483 -3.59 44.28 -58.60
N PHE D 484 -3.73 42.99 -58.33
CA PHE D 484 -4.40 42.06 -59.23
C PHE D 484 -5.87 42.37 -59.50
N TYR D 485 -6.45 43.31 -58.74
CA TYR D 485 -7.90 43.55 -58.78
C TYR D 485 -8.18 45.01 -59.03
N THR D 486 -7.68 45.90 -58.16
CA THR D 486 -7.98 47.31 -58.36
C THR D 486 -7.33 47.75 -59.65
N GLY D 487 -6.03 47.52 -59.76
CA GLY D 487 -5.21 48.09 -60.83
C GLY D 487 -4.17 48.97 -60.18
N LYS D 488 -4.52 49.60 -59.05
CA LYS D 488 -3.59 50.39 -58.23
C LYS D 488 -2.29 49.65 -57.99
N PRO D 489 -1.27 50.36 -57.52
CA PRO D 489 -0.01 49.63 -57.45
C PRO D 489 -0.01 48.68 -56.27
N ALA D 490 0.32 47.41 -56.50
CA ALA D 490 0.38 46.38 -55.44
C ALA D 490 1.40 46.73 -54.34
N LYS D 491 1.13 46.29 -53.11
CA LYS D 491 1.99 46.57 -51.96
C LYS D 491 2.78 45.30 -51.62
N ARG D 492 2.04 44.22 -51.38
CA ARG D 492 2.64 42.94 -51.01
C ARG D 492 1.81 41.78 -51.56
N TRP D 493 2.32 40.59 -51.36
CA TRP D 493 1.62 39.38 -51.74
C TRP D 493 0.70 38.91 -50.60
N THR D 494 -0.57 38.75 -50.93
CA THR D 494 -1.57 38.27 -50.03
C THR D 494 -2.15 36.92 -50.50
N LEU D 495 -2.40 36.02 -49.55
CA LEU D 495 -2.93 34.72 -49.81
C LEU D 495 -4.42 34.80 -49.61
N TRP D 496 -5.20 34.35 -50.61
CA TRP D 496 -6.65 34.39 -50.57
C TRP D 496 -7.26 33.03 -50.84
N GLY D 497 -8.52 32.88 -50.43
CA GLY D 497 -9.27 31.63 -50.63
C GLY D 497 -10.62 31.59 -49.93
N ARG D 498 -11.37 30.54 -50.21
CA ARG D 498 -12.51 30.15 -49.42
C ARG D 498 -12.01 29.60 -48.10
N SER D 499 -12.78 29.86 -47.05
CA SER D 499 -12.35 29.56 -45.70
C SER D 499 -13.42 29.00 -44.79
N TYR D 500 -12.96 28.47 -43.66
CA TYR D 500 -13.85 28.11 -42.59
C TYR D 500 -14.28 29.36 -41.84
PG ANP E . -22.92 19.87 -0.01
O1G ANP E . -23.37 21.02 -0.96
O2G ANP E . -24.24 19.14 0.42
O3G ANP E . -22.19 20.39 1.14
PB ANP E . -22.47 18.37 -2.25
O1B ANP E . -23.17 19.43 -2.95
O2B ANP E . -23.41 17.13 -2.14
N3B ANP E . -21.95 18.85 -0.80
PA ANP E . -20.83 16.90 -4.23
O1A ANP E . -21.78 17.13 -5.34
O2A ANP E . -20.73 15.56 -3.62
O3A ANP E . -21.15 17.96 -3.06
O5' ANP E . -19.39 17.36 -4.70
C5' ANP E . -18.23 16.61 -4.30
C4' ANP E . -17.26 17.49 -3.49
O4' ANP E . -17.17 18.79 -4.09
C3' ANP E . -17.87 17.76 -2.14
O3' ANP E . -17.63 16.66 -1.26
C2' ANP E . -17.15 19.00 -1.69
O2' ANP E . -15.86 18.68 -1.14
C1' ANP E . -16.94 19.74 -3.02
N9 ANP E . -17.85 20.87 -3.20
C8 ANP E . -19.22 20.80 -3.20
N7 ANP E . -19.79 21.96 -3.42
C5 ANP E . -18.73 22.82 -3.58
C6 ANP E . -18.68 24.20 -3.85
N6 ANP E . -19.77 24.95 -3.98
N1 ANP E . -17.49 24.81 -3.96
C2 ANP E . -16.38 24.06 -3.82
N3 ANP E . -16.32 22.75 -3.57
C4 ANP E . -17.52 22.16 -3.46
MG MG F . -23.94 20.99 -2.46
MG MG G . -25.04 17.89 1.63
C1 87F H . -26.85 20.11 -7.65
C2 87F H . -27.75 20.19 -8.69
C3 87F H . -28.10 19.06 -9.37
C7 87F H . -24.88 17.69 -5.97
C6 87F H . -26.29 18.90 -7.33
O2 87F H . -20.70 13.76 -5.54
C4 87F H . -27.54 17.85 -9.04
C5 87F H . -26.63 17.77 -8.01
O1 87F H . -26.38 15.55 -8.28
C8 87F H . -26.08 16.56 -7.69
N1 87F H . -25.41 18.84 -6.28
N2 87F H . -25.19 16.55 -6.64
C9 87F H . -24.54 15.29 -6.27
C10 87F H . -23.26 15.05 -7.10
C11 87F H . -22.95 13.56 -7.21
C12 87F H . -21.52 13.26 -7.68
N3 87F H . -21.23 13.84 -8.97
C16 87F H . -19.91 13.42 -9.44
C13 87F H . -20.48 13.69 -6.71
C14 87F H . -19.16 13.95 -7.21
C15 87F H . -18.93 13.13 -8.38
PG ANP I . -13.43 -13.96 24.57
O1G ANP I . -14.95 -13.91 24.24
O2G ANP I . -12.73 -13.21 23.40
O3G ANP I . -13.14 -13.35 25.86
PB ANP I . -12.86 -16.33 23.21
O1B ANP I . -12.77 -15.43 22.07
O2B ANP I . -14.07 -17.28 23.03
N3B ANP I . -12.92 -15.51 24.63
PA ANP I . -11.04 -18.62 22.81
O1A ANP I . -11.19 -18.69 21.35
O2A ANP I . -11.70 -19.65 23.66
O3A ANP I . -11.51 -17.18 23.32
O5' ANP I . -9.51 -18.60 23.16
C5' ANP I . -9.01 -19.33 24.26
C4' ANP I . -8.23 -18.43 25.22
O4' ANP I . -7.32 -17.59 24.48
C3' ANP I . -9.17 -17.43 25.85
O3' ANP I . -9.87 -18.05 26.95
C2' ANP I . -8.21 -16.39 26.36
O2' ANP I . -7.53 -16.85 27.53
C1' ANP I . -7.21 -16.33 25.19
N9 ANP I . -7.56 -15.22 24.28
C8 ANP I . -8.77 -15.04 23.65
N7 ANP I . -8.77 -13.98 22.84
C5 ANP I . -7.49 -13.49 22.93
C6 ANP I . -6.86 -12.38 22.35
N6 ANP I . -7.49 -11.56 21.49
N1 ANP I . -5.59 -12.13 22.65
C2 ANP I . -4.94 -12.95 23.47
N3 ANP I . -5.44 -14.02 24.08
C4 ANP I . -6.74 -14.25 23.80
MG MG J . -13.01 -13.65 21.45
MG MG K . -16.95 -14.37 25.25
C1 87F L . -13.56 -15.71 16.05
C2 87F L . -13.93 -15.93 14.74
C3 87F L . -14.30 -17.18 14.33
C7 87F L . -13.28 -17.52 19.10
C6 87F L . -13.58 -16.75 16.94
O2 87F L . -11.48 -21.96 22.67
C4 87F L . -14.32 -18.21 15.23
C5 87F L . -13.98 -18.00 16.54
O1 87F L . -14.33 -20.17 17.09
C8 87F L . -14.01 -19.05 17.42
N1 87F L . -13.26 -16.52 18.25
N2 87F L . -13.62 -18.79 18.69
C9 87F L . -13.65 -19.89 19.68
C10 87F L . -12.51 -20.91 19.51
C11 87F L . -12.88 -22.20 20.26
C12 87F L . -11.66 -23.08 20.59
N3 87F L . -10.76 -23.22 19.47
C16 87F L . -9.65 -24.09 19.77
C13 87F L . -10.91 -22.54 21.77
C14 87F L . -9.49 -22.76 21.82
C15 87F L . -9.13 -24.00 21.16
PG ANP M . 13.92 -17.50 -4.59
O1G ANP M . 12.37 -17.42 -4.39
O2G ANP M . 14.29 -16.27 -5.46
O3G ANP M . 14.31 -18.75 -5.25
PB ANP M . 14.30 -16.10 -2.33
O1B ANP M . 12.97 -15.61 -2.68
O2B ANP M . 15.33 -14.96 -2.57
N3B ANP M . 14.67 -17.43 -3.18
PA ANP M . 14.87 -15.78 0.53
O1A ANP M . 14.02 -14.62 0.83
O2A ANP M . 16.34 -15.59 0.40
O3A ANP M . 14.31 -16.51 -0.78
O5' ANP M . 14.59 -16.91 1.60
C5' ANP M . 15.66 -17.61 2.23
C4' ANP M . 15.55 -19.11 1.99
O4' ANP M . 14.20 -19.52 2.13
C3' ANP M . 15.85 -19.38 0.55
O3' ANP M . 17.26 -19.42 0.39
C2' ANP M . 15.22 -20.72 0.35
O2' ANP M . 16.04 -21.74 0.91
C1' ANP M . 13.99 -20.61 1.22
N9 ANP M . 12.76 -20.34 0.46
C8 ANP M . 12.49 -19.25 -0.32
N7 ANP M . 11.28 -19.24 -0.83
C5 ANP M . 10.70 -20.39 -0.31
C6 ANP M . 9.42 -20.96 -0.44
N6 ANP M . 8.49 -20.42 -1.17
N1 ANP M . 9.14 -22.09 0.19
C2 ANP M . 10.09 -22.65 0.94
N3 ANP M . 11.32 -22.21 1.13
C4 ANP M . 11.60 -21.05 0.50
MG MG N . 11.56 -15.98 -3.64
MG MG O . 15.82 -15.28 -6.73
C1 87F P . 8.99 -11.01 -1.44
C2 87F P . 8.23 -9.88 -1.24
C3 87F P . 8.77 -8.80 -0.59
C7 87F P . 12.27 -12.20 -0.80
C6 87F P . 10.29 -11.04 -1.00
O2 87F P . 16.91 -13.96 2.50
C4 87F P . 10.08 -8.83 -0.16
C5 87F P . 10.84 -9.95 -0.36
O1 87F P . 12.66 -9.05 0.61
C8 87F P . 12.15 -9.98 0.05
N1 87F P . 11.02 -12.17 -1.21
N2 87F P . 12.84 -11.15 -0.15
C9 87F P . 14.24 -11.26 0.26
C10 87F P . 14.40 -11.62 1.74
C11 87F P . 15.86 -11.38 2.12
C12 87F P . 16.22 -11.94 3.50
N3 87F P . 15.21 -11.61 4.47
C16 87F P . 15.63 -12.01 5.79
C13 87F P . 16.44 -13.42 3.46
C14 87F P . 16.08 -14.20 4.62
C15 87F P . 16.21 -13.42 5.88
PG ANP Q . -13.93 33.36 -36.75
O1G ANP Q . -14.31 34.77 -37.29
O2G ANP Q . -15.14 32.89 -35.87
O3G ANP Q . -13.66 32.42 -37.82
PB ANP Q . -12.76 34.29 -34.43
O1B ANP Q . -14.15 34.29 -33.98
O2B ANP Q . -12.27 35.76 -34.57
N3B ANP Q . -12.59 33.47 -35.83
PA ANP Q . -10.88 33.96 -32.18
O1A ANP Q . -11.69 34.66 -31.16
O2A ANP Q . -9.71 34.65 -32.76
O3A ANP Q . -11.84 33.51 -33.38
O5' ANP Q . -10.41 32.56 -31.58
C5' ANP Q . -9.05 32.19 -31.72
C4' ANP Q . -8.98 30.87 -32.47
O4' ANP Q . -9.92 29.94 -31.93
C3' ANP Q . -9.48 31.11 -33.87
O3' ANP Q . -8.43 31.67 -34.68
C2' ANP Q . -9.82 29.71 -34.33
O2' ANP Q . -8.62 28.99 -34.67
C1' ANP Q . -10.40 29.12 -33.04
N9 ANP Q . -11.88 29.16 -33.05
C8 ANP Q . -12.68 30.27 -33.22
N7 ANP Q . -13.96 29.98 -33.13
C5 ANP Q . -13.99 28.63 -32.86
C6 ANP Q . -15.04 27.71 -32.63
N6 ANP Q . -16.32 28.07 -32.68
N1 ANP Q . -14.76 26.42 -32.39
C2 ANP Q . -13.48 26.06 -32.35
N3 ANP Q . -12.42 26.84 -32.54
C4 ANP Q . -12.71 28.12 -32.79
MG MG R . -15.81 33.88 -34.54
MG MG S . -13.71 36.59 -38.40
C1 87F T . -17.54 36.66 -29.65
C2 87F T . -18.31 37.35 -28.77
C3 87F T . -17.76 38.38 -28.07
C7 87F T . -14.24 36.63 -30.93
C6 87F T . -16.23 37.00 -29.84
O2 87F T . -8.42 35.86 -30.59
C4 87F T . -16.45 38.72 -28.25
C5 87F T . -15.68 38.03 -29.15
O1 87F T . -13.85 39.29 -28.74
C8 87F T . -14.36 38.40 -29.34
N1 87F T . -15.49 36.31 -30.74
N2 87F T . -13.66 37.65 -30.23
C9 87F T . -12.29 37.98 -30.49
C10 87F T . -11.36 37.57 -29.36
C11 87F T . -9.96 37.94 -29.76
C12 87F T . -8.92 37.29 -28.86
N3 87F T . -9.40 37.11 -27.52
C16 87F T . -8.36 36.61 -26.68
C13 87F T . -8.54 36.00 -29.41
C14 87F T . -8.18 34.95 -28.52
C15 87F T . -7.55 35.50 -27.29
#